data_7X7P
#
_entry.id   7X7P
#
_cell.length_a   1.00
_cell.length_b   1.00
_cell.length_c   1.00
_cell.angle_alpha   90.00
_cell.angle_beta   90.00
_cell.angle_gamma   90.00
#
_symmetry.space_group_name_H-M   'P 1'
#
loop_
_entity.id
_entity.type
_entity.pdbx_description
1 polymer DNA
2 polymer DNA
3 polymer 'Holliday junction ATP-dependent DNA helicase RuvB'
4 polymer 'Holliday junction ATP-dependent DNA helicase RuvA'
#
loop_
_entity_poly.entity_id
_entity_poly.type
_entity_poly.pdbx_seq_one_letter_code
_entity_poly.pdbx_strand_id
1 'polydeoxyribonucleotide'
;(DA)(DT)(DA)(DT)(DT)(DA)(DT)(DA)(DA)(DT)(DA)(DT)(DA)(DT)(DA)(DA)(DT)(DA)(DA)(DT)
(DA)(DT)(DA)
;
I
2 'polydeoxyribonucleotide'
;(DT)(DA)(DT)(DA)(DT)(DT)(DA)(DT)(DT)(DA)(DT)(DA)(DT)(DA)(DT)(DT)(DA)(DT)(DA)(DA)
(DT)(DA)(DT)
;
K
3 'polypeptide(L)'
;RAIRPLKLADYIGQPSVREQMELFIHAARGRQEALDHTLIFGPPGLGKTTLANIIAQEMGVSIKSTSGPVLERPGDLAAL
LTNLEAGDVLFVDEIHRLSPIVEEVLYPAMEDFQLDIMIGEGPAARSIKLDLPPFTLVGATTRAGMLTNPLRDRFGIVQR
LEFYNVEDLATIVSRSAGILGLEIEPQGAAEIAKRARGTPRIANRLLRRVRDFAEVRGQGDITRVIADKALNLLDVDERG
FDHLDRRLLLTMIDKFDGGPVGIDNLAAALSEERHTIEDVLEPYLIQQGYIMRTPRGRVVTRHAYLHFGLNIP
;
M,N,O,P
4 'polypeptide(L)' VSSAEADAVSALIALGFKPQEASRAVAAVPGEDLSSEEMIRQALKGMV C,A,B,D
#
loop_
_chem_comp.id
_chem_comp.type
_chem_comp.name
_chem_comp.formula
DA DNA linking 2'-DEOXYADENOSINE-5'-MONOPHOSPHATE 'C10 H14 N5 O6 P'
DT DNA linking THYMIDINE-5'-MONOPHOSPHATE 'C10 H15 N2 O8 P'
#
# COMPACT_ATOMS: atom_id res chain seq x y z
N ARG C 1 21.51 41.60 -27.74
CA ARG C 1 22.37 42.78 -27.74
C ARG C 1 22.75 43.20 -26.33
N ALA C 2 21.87 42.90 -25.37
CA ALA C 2 22.11 43.21 -23.97
C ALA C 2 22.95 42.11 -23.34
N ILE C 3 23.00 42.09 -22.00
CA ILE C 3 23.49 40.89 -21.31
C ILE C 3 22.66 39.69 -21.72
N ARG C 4 21.35 39.88 -21.83
CA ARG C 4 20.44 38.89 -22.35
C ARG C 4 19.88 39.39 -23.67
N PRO C 5 20.06 38.65 -24.78
CA PRO C 5 19.56 39.12 -26.07
C PRO C 5 18.04 39.17 -26.12
N LEU C 6 17.53 39.93 -27.09
CA LEU C 6 16.10 40.24 -27.17
C LEU C 6 15.38 39.50 -28.28
N LYS C 7 15.89 39.55 -29.51
CA LYS C 7 15.19 38.99 -30.64
C LYS C 7 15.30 37.46 -30.60
N LEU C 8 14.32 36.79 -31.21
CA LEU C 8 14.29 35.34 -31.18
C LEU C 8 15.41 34.75 -32.03
N ALA C 9 15.75 35.40 -33.14
CA ALA C 9 16.86 34.92 -33.96
C ALA C 9 18.21 35.20 -33.32
N ASP C 10 18.25 36.10 -32.32
CA ASP C 10 19.48 36.26 -31.56
C ASP C 10 19.84 34.99 -30.81
N TYR C 11 18.84 34.33 -30.22
CA TYR C 11 19.06 33.14 -29.43
C TYR C 11 18.58 31.95 -30.24
N ILE C 12 19.46 31.41 -31.07
CA ILE C 12 19.16 30.21 -31.85
C ILE C 12 19.38 29.04 -30.90
N GLY C 13 18.33 28.67 -30.18
CA GLY C 13 18.43 27.60 -29.21
C GLY C 13 18.27 26.24 -29.85
N GLN C 14 17.40 25.41 -29.29
CA GLN C 14 17.10 24.13 -29.91
C GLN C 14 16.34 24.38 -31.21
N PRO C 15 16.79 23.80 -32.32
CA PRO C 15 16.11 24.05 -33.61
C PRO C 15 14.66 23.61 -33.63
N SER C 16 14.32 22.53 -32.91
CA SER C 16 12.92 22.17 -32.73
C SER C 16 12.18 23.24 -31.94
N VAL C 17 12.79 23.72 -30.87
CA VAL C 17 12.19 24.79 -30.08
C VAL C 17 12.12 26.07 -30.89
N ARG C 18 13.18 26.37 -31.63
CA ARG C 18 13.20 27.58 -32.47
C ARG C 18 12.20 27.51 -33.61
N GLU C 19 11.88 26.30 -34.08
CA GLU C 19 10.95 26.16 -35.20
C GLU C 19 9.51 26.10 -34.71
N GLN C 20 9.19 25.09 -33.91
CA GLN C 20 7.84 24.96 -33.38
C GLN C 20 7.58 26.05 -32.36
N MET C 21 6.29 26.33 -32.16
CA MET C 21 5.70 27.30 -31.24
C MET C 21 6.39 28.66 -31.18
N GLU C 22 7.06 29.06 -32.27
CA GLU C 22 7.49 30.44 -32.43
C GLU C 22 6.85 31.09 -33.63
N LEU C 23 7.03 30.51 -34.82
CA LEU C 23 6.31 30.98 -36.00
C LEU C 23 4.82 30.75 -35.82
N PHE C 24 4.47 29.66 -35.15
CA PHE C 24 3.08 29.32 -34.90
C PHE C 24 2.41 30.38 -34.04
N ILE C 25 3.07 30.78 -32.95
CA ILE C 25 2.48 31.78 -32.07
C ILE C 25 2.56 33.17 -32.69
N HIS C 26 3.57 33.40 -33.54
CA HIS C 26 3.66 34.69 -34.25
C HIS C 26 2.52 34.84 -35.23
N ALA C 27 2.12 33.77 -35.89
CA ALA C 27 0.96 33.82 -36.76
C ALA C 27 -0.33 33.87 -35.95
N ALA C 28 -0.38 33.15 -34.83
CA ALA C 28 -1.62 33.05 -34.07
C ALA C 28 -1.92 34.32 -33.27
N ARG C 29 -0.91 35.15 -32.99
CA ARG C 29 -1.16 36.39 -32.29
C ARG C 29 -1.93 37.36 -33.18
N GLY C 30 -2.69 38.25 -32.54
CA GLY C 30 -3.53 39.18 -33.24
C GLY C 30 -4.87 38.64 -33.66
N ARG C 31 -5.18 37.38 -33.34
CA ARG C 31 -6.45 36.78 -33.70
C ARG C 31 -7.53 37.01 -32.65
N GLN C 32 -7.33 38.01 -31.79
CA GLN C 32 -8.21 38.31 -30.65
C GLN C 32 -8.38 37.09 -29.75
N GLU C 33 -7.30 36.34 -29.56
CA GLU C 33 -7.33 35.11 -28.78
C GLU C 33 -6.29 35.17 -27.67
N ALA C 34 -6.72 34.98 -26.44
CA ALA C 34 -5.78 34.86 -25.32
C ALA C 34 -5.07 33.52 -25.41
N LEU C 35 -3.74 33.55 -25.30
CA LEU C 35 -2.95 32.34 -25.49
C LEU C 35 -3.06 31.43 -24.28
N ASP C 36 -2.88 30.12 -24.53
CA ASP C 36 -3.00 29.13 -23.48
C ASP C 36 -1.68 28.96 -22.75
N HIS C 37 -1.63 27.96 -21.88
CA HIS C 37 -0.54 27.86 -20.91
C HIS C 37 0.60 27.00 -21.46
N THR C 38 1.78 27.25 -20.92
CA THR C 38 3.02 26.81 -21.54
C THR C 38 4.09 26.56 -20.49
N LEU C 39 4.79 25.44 -20.63
CA LEU C 39 5.98 25.15 -19.83
C LEU C 39 7.23 25.13 -20.69
N ILE C 40 8.28 25.74 -20.15
CA ILE C 40 9.65 25.46 -20.56
C ILE C 40 10.40 24.99 -19.32
N PHE C 41 11.11 23.88 -19.43
CA PHE C 41 11.83 23.34 -18.29
C PHE C 41 13.10 22.66 -18.77
N GLY C 42 13.99 22.41 -17.81
CA GLY C 42 15.24 21.75 -18.09
C GLY C 42 16.26 22.00 -16.99
N PRO C 43 17.54 22.00 -17.37
CA PRO C 43 18.59 22.29 -16.39
C PRO C 43 18.51 23.72 -15.91
N PRO C 44 18.95 23.99 -14.69
CA PRO C 44 18.86 25.35 -14.16
C PRO C 44 19.93 26.25 -14.75
N GLY C 45 19.76 27.54 -14.50
CA GLY C 45 20.71 28.55 -14.97
C GLY C 45 20.64 28.83 -16.45
N LEU C 46 19.59 28.35 -17.14
CA LEU C 46 19.50 28.47 -18.58
C LEU C 46 18.61 29.62 -19.02
N GLY C 47 18.25 30.50 -18.09
CA GLY C 47 17.52 31.71 -18.43
C GLY C 47 16.20 31.45 -19.12
N LYS C 48 15.45 30.45 -18.64
CA LYS C 48 14.17 30.14 -19.25
C LYS C 48 13.19 31.29 -19.07
N THR C 49 13.33 32.02 -17.96
CA THR C 49 12.56 33.24 -17.76
C THR C 49 12.92 34.29 -18.82
N THR C 50 14.20 34.35 -19.20
CA THR C 50 14.61 35.26 -20.27
C THR C 50 13.96 34.85 -21.59
N LEU C 51 13.88 33.55 -21.85
CA LEU C 51 13.23 33.07 -23.06
C LEU C 51 11.74 33.42 -23.07
N ALA C 52 11.08 33.26 -21.93
CA ALA C 52 9.67 33.61 -21.84
C ALA C 52 9.44 35.11 -21.99
N ASN C 53 10.33 35.91 -21.40
CA ASN C 53 10.25 37.36 -21.56
C ASN C 53 10.45 37.75 -23.01
N ILE C 54 11.36 37.06 -23.70
CA ILE C 54 11.56 37.26 -25.13
C ILE C 54 10.28 36.95 -25.88
N ILE C 55 9.66 35.81 -25.55
CA ILE C 55 8.43 35.40 -26.24
C ILE C 55 7.34 36.45 -26.04
N ALA C 56 7.24 36.98 -24.82
CA ALA C 56 6.29 38.04 -24.54
C ALA C 56 6.60 39.30 -25.36
N GLN C 57 7.90 39.61 -25.54
CA GLN C 57 8.19 40.87 -26.20
C GLN C 57 8.04 40.80 -27.71
N GLU C 58 8.22 39.63 -28.35
CA GLU C 58 7.71 39.58 -29.73
C GLU C 58 6.19 39.40 -29.77
N MET C 59 5.56 38.95 -28.68
CA MET C 59 4.12 39.09 -28.65
C MET C 59 3.70 40.53 -28.43
N GLY C 60 4.60 41.36 -27.91
CA GLY C 60 4.32 42.77 -27.70
C GLY C 60 3.24 43.01 -26.67
N VAL C 61 3.19 42.19 -25.63
CA VAL C 61 2.15 42.26 -24.61
C VAL C 61 2.82 42.58 -23.28
N SER C 62 2.10 43.28 -22.41
CA SER C 62 2.58 43.56 -21.06
C SER C 62 2.79 42.25 -20.30
N ILE C 63 3.97 42.11 -19.73
CA ILE C 63 4.37 40.92 -19.01
C ILE C 63 4.86 41.32 -17.63
N LYS C 64 4.55 40.51 -16.63
CA LYS C 64 5.10 40.65 -15.28
C LYS C 64 5.90 39.37 -15.03
N SER C 65 7.20 39.44 -15.33
CA SER C 65 8.09 38.30 -15.13
C SER C 65 8.33 38.11 -13.65
N THR C 66 7.66 37.13 -13.05
CA THR C 66 7.66 36.95 -11.61
C THR C 66 8.30 35.62 -11.23
N SER C 67 8.62 35.51 -9.95
CA SER C 67 9.11 34.27 -9.36
C SER C 67 8.10 33.75 -8.36
N GLY C 68 7.76 32.47 -8.48
CA GLY C 68 6.83 31.82 -7.59
C GLY C 68 7.22 31.81 -6.12
N PRO C 69 8.43 31.34 -5.79
CA PRO C 69 8.85 31.38 -4.37
C PRO C 69 8.91 32.76 -3.76
N VAL C 70 9.01 33.81 -4.58
CA VAL C 70 8.81 35.16 -4.06
C VAL C 70 7.35 35.38 -3.69
N LEU C 71 6.43 34.92 -4.54
CA LEU C 71 5.01 35.18 -4.36
C LEU C 71 4.33 33.97 -3.71
N GLU C 72 4.50 33.87 -2.39
CA GLU C 72 3.95 32.74 -1.67
C GLU C 72 2.48 32.93 -1.30
N ARG C 73 2.05 34.20 -1.16
CA ARG C 73 0.73 34.58 -0.65
C ARG C 73 -0.29 34.61 -1.78
N PRO C 74 -1.55 34.25 -1.50
CA PRO C 74 -2.61 34.47 -2.52
C PRO C 74 -2.89 35.93 -2.78
N GLY C 75 -2.56 36.83 -1.85
CA GLY C 75 -2.86 38.24 -2.04
C GLY C 75 -2.10 38.87 -3.19
N ASP C 76 -0.80 38.59 -3.27
CA ASP C 76 -0.02 39.12 -4.38
C ASP C 76 -0.37 38.42 -5.68
N LEU C 77 -0.84 37.17 -5.59
CA LEU C 77 -1.35 36.49 -6.78
C LEU C 77 -2.54 37.25 -7.35
N ALA C 78 -3.51 37.58 -6.50
CA ALA C 78 -4.66 38.36 -6.96
C ALA C 78 -4.26 39.76 -7.40
N ALA C 79 -3.21 40.31 -6.79
CA ALA C 79 -2.69 41.61 -7.22
C ALA C 79 -2.16 41.54 -8.64
N LEU C 80 -1.43 40.48 -8.97
CA LEU C 80 -0.96 40.32 -10.34
C LEU C 80 -2.12 39.96 -11.28
N LEU C 81 -3.17 39.32 -10.76
CA LEU C 81 -4.36 39.07 -11.57
C LEU C 81 -5.05 40.36 -11.96
N THR C 82 -5.21 41.28 -11.03
CA THR C 82 -5.81 42.57 -11.36
C THR C 82 -4.82 43.52 -12.01
N ASN C 83 -3.53 43.16 -12.04
CA ASN C 83 -2.55 44.00 -12.72
C ASN C 83 -2.76 44.00 -14.23
N LEU C 84 -3.11 42.86 -14.81
CA LEU C 84 -3.17 42.74 -16.26
C LEU C 84 -4.63 42.75 -16.72
N GLU C 85 -4.82 42.74 -18.04
CA GLU C 85 -6.15 42.89 -18.62
C GLU C 85 -6.48 41.74 -19.57
N ALA C 86 -7.54 41.92 -20.36
CA ALA C 86 -8.05 40.86 -21.23
C ALA C 86 -7.02 40.43 -22.26
N GLY C 87 -6.82 39.12 -22.36
CA GLY C 87 -5.91 38.57 -23.35
C GLY C 87 -4.45 38.78 -23.04
N ASP C 88 -4.09 39.02 -21.79
CA ASP C 88 -2.71 39.35 -21.44
C ASP C 88 -1.95 38.09 -21.09
N VAL C 89 -0.80 38.25 -20.44
CA VAL C 89 0.12 37.16 -20.18
C VAL C 89 0.89 37.40 -18.88
N LEU C 90 1.09 36.33 -18.10
CA LEU C 90 1.85 36.38 -16.86
C LEU C 90 2.96 35.35 -16.89
N PHE C 91 4.10 35.68 -16.29
CA PHE C 91 5.25 34.81 -16.22
C PHE C 91 5.60 34.53 -14.78
N VAL C 92 5.70 33.24 -14.43
CA VAL C 92 6.05 32.81 -13.08
C VAL C 92 7.24 31.87 -13.18
N ASP C 93 8.16 31.97 -12.21
CA ASP C 93 9.33 31.11 -12.13
C ASP C 93 9.21 30.18 -10.93
N GLU C 94 9.54 28.90 -11.16
CA GLU C 94 9.56 27.84 -10.14
C GLU C 94 8.20 27.70 -9.46
N ILE C 95 7.21 27.31 -10.26
CA ILE C 95 5.83 27.17 -9.78
C ILE C 95 5.72 25.99 -8.82
N HIS C 96 6.55 24.97 -9.00
CA HIS C 96 6.48 23.76 -8.19
C HIS C 96 6.92 23.99 -6.74
N ARG C 97 7.49 25.15 -6.41
CA ARG C 97 7.97 25.45 -5.07
C ARG C 97 7.00 26.30 -4.26
N LEU C 98 5.69 26.08 -4.41
CA LEU C 98 4.70 26.95 -3.80
C LEU C 98 3.84 26.22 -2.77
N SER C 99 3.31 27.01 -1.84
CA SER C 99 2.31 26.52 -0.90
C SER C 99 1.03 26.16 -1.66
N PRO C 100 0.29 25.13 -1.21
CA PRO C 100 -0.87 24.65 -1.97
C PRO C 100 -1.95 25.69 -2.22
N ILE C 101 -2.09 26.67 -1.32
CA ILE C 101 -3.13 27.69 -1.44
C ILE C 101 -2.99 28.47 -2.73
N VAL C 102 -1.76 28.63 -3.22
CA VAL C 102 -1.51 29.22 -4.52
C VAL C 102 -2.25 28.45 -5.62
N GLU C 103 -2.10 27.13 -5.61
CA GLU C 103 -2.72 26.33 -6.65
C GLU C 103 -4.23 26.21 -6.49
N GLU C 104 -4.74 26.10 -5.26
CA GLU C 104 -6.19 26.04 -5.18
C GLU C 104 -6.86 27.42 -5.23
N VAL C 105 -6.11 28.51 -5.33
CA VAL C 105 -6.74 29.76 -5.77
C VAL C 105 -6.53 30.02 -7.25
N LEU C 106 -5.51 29.45 -7.87
CA LEU C 106 -5.39 29.63 -9.31
C LEU C 106 -6.16 28.59 -10.11
N TYR C 107 -6.66 27.53 -9.46
CA TYR C 107 -7.49 26.55 -10.16
C TYR C 107 -8.75 27.13 -10.79
N PRO C 108 -9.56 27.98 -10.13
CA PRO C 108 -10.68 28.58 -10.86
C PRO C 108 -10.24 29.53 -11.96
N ALA C 109 -9.08 30.16 -11.81
CA ALA C 109 -8.53 30.98 -12.90
C ALA C 109 -8.19 30.12 -14.09
N MET C 110 -7.56 28.96 -13.86
CA MET C 110 -7.30 28.02 -14.95
C MET C 110 -8.59 27.51 -15.56
N GLU C 111 -9.60 27.28 -14.72
CA GLU C 111 -10.89 26.78 -15.17
C GLU C 111 -11.62 27.76 -16.07
N ASP C 112 -12.06 28.89 -15.51
CA ASP C 112 -12.95 29.79 -16.23
C ASP C 112 -12.59 31.24 -15.95
N PHE C 113 -11.29 31.55 -15.95
CA PHE C 113 -10.70 32.86 -15.59
C PHE C 113 -11.41 33.49 -14.39
N GLN C 114 -11.42 32.75 -13.30
CA GLN C 114 -12.27 33.00 -12.15
C GLN C 114 -11.45 33.13 -10.88
N LEU C 115 -11.78 34.13 -10.07
CA LEU C 115 -11.13 34.36 -8.78
C LEU C 115 -12.15 34.06 -7.69
N ASP C 116 -12.25 32.79 -7.32
CA ASP C 116 -13.18 32.38 -6.27
C ASP C 116 -12.52 32.61 -4.93
N ILE C 117 -13.11 33.48 -4.12
CA ILE C 117 -12.60 33.78 -2.78
C ILE C 117 -13.71 33.51 -1.77
N MET C 118 -13.33 32.98 -0.62
CA MET C 118 -14.24 32.73 0.48
C MET C 118 -14.21 33.93 1.41
N ILE C 119 -15.31 34.17 2.13
CA ILE C 119 -15.31 35.22 3.14
C ILE C 119 -15.18 34.61 4.52
N ALA C 124 -24.73 31.40 7.21
CA ALA C 124 -23.44 30.82 6.87
C ALA C 124 -22.70 31.69 5.85
N ALA C 125 -21.38 31.73 5.97
CA ALA C 125 -20.57 32.50 5.03
C ALA C 125 -20.58 31.83 3.66
N ARG C 126 -20.44 32.64 2.62
CA ARG C 126 -20.52 32.17 1.25
C ARG C 126 -19.40 32.76 0.41
N SER C 127 -18.83 31.93 -0.47
CA SER C 127 -17.80 32.39 -1.39
C SER C 127 -18.37 33.35 -2.43
N ILE C 128 -17.49 34.17 -2.99
CA ILE C 128 -17.89 35.26 -3.88
C ILE C 128 -17.39 34.99 -5.29
N LYS C 129 -18.25 35.28 -6.27
CA LYS C 129 -17.99 35.04 -7.68
C LYS C 129 -17.28 36.25 -8.27
N LEU C 130 -15.99 36.12 -8.57
CA LEU C 130 -15.18 37.23 -9.09
C LEU C 130 -14.46 36.80 -10.36
N ASP C 131 -14.98 37.20 -11.51
CA ASP C 131 -14.35 36.86 -12.78
C ASP C 131 -13.04 37.64 -12.95
N LEU C 132 -12.19 37.13 -13.84
CA LEU C 132 -10.93 37.76 -14.19
C LEU C 132 -10.86 37.96 -15.70
N PRO C 133 -10.10 38.95 -16.17
CA PRO C 133 -9.93 39.10 -17.61
C PRO C 133 -9.15 37.93 -18.18
N PRO C 134 -9.34 37.63 -19.47
CA PRO C 134 -8.56 36.55 -20.10
C PRO C 134 -7.07 36.87 -20.11
N PHE C 135 -6.27 35.83 -20.05
CA PHE C 135 -4.88 35.95 -19.63
C PHE C 135 -4.06 34.83 -20.23
N THR C 136 -2.83 34.68 -19.75
CA THR C 136 -1.95 33.57 -20.09
C THR C 136 -0.92 33.40 -18.98
N LEU C 137 -0.80 32.18 -18.47
CA LEU C 137 0.29 31.82 -17.58
C LEU C 137 1.28 30.93 -18.30
N VAL C 138 2.55 31.32 -18.27
CA VAL C 138 3.63 30.49 -18.78
C VAL C 138 4.40 29.94 -17.58
N GLY C 139 4.80 28.68 -17.67
CA GLY C 139 5.51 28.03 -16.58
C GLY C 139 7.00 27.98 -16.87
N ALA C 140 7.79 28.41 -15.89
CA ALA C 140 9.26 28.42 -15.99
C ALA C 140 9.78 27.73 -14.74
N THR C 141 9.91 26.41 -14.79
CA THR C 141 10.41 25.63 -13.66
C THR C 141 11.67 24.89 -14.08
N THR C 142 12.51 24.60 -13.10
CA THR C 142 13.63 23.69 -13.35
C THR C 142 13.11 22.28 -13.58
N ARG C 143 12.45 21.71 -12.58
CA ARG C 143 11.78 20.44 -12.69
C ARG C 143 10.34 20.61 -12.23
N ALA C 144 9.40 19.98 -12.95
CA ALA C 144 7.99 20.04 -12.61
C ALA C 144 7.39 18.66 -12.37
N GLY C 145 8.23 17.68 -12.04
CA GLY C 145 7.69 16.37 -11.69
C GLY C 145 6.90 16.38 -10.41
N MET C 146 7.37 17.13 -9.42
CA MET C 146 6.64 17.32 -8.17
C MET C 146 5.41 18.21 -8.33
N LEU C 147 5.28 18.91 -9.46
CA LEU C 147 4.06 19.65 -9.73
C LEU C 147 2.91 18.67 -9.93
N THR C 148 1.73 19.04 -9.44
CA THR C 148 0.59 18.14 -9.49
C THR C 148 0.05 18.02 -10.91
N ASN C 149 -0.44 16.83 -11.26
CA ASN C 149 -0.99 16.72 -12.60
C ASN C 149 -2.40 17.28 -12.83
N PRO C 150 -3.17 17.75 -11.82
CA PRO C 150 -4.24 18.70 -12.19
C PRO C 150 -3.71 19.91 -12.90
N LEU C 151 -2.57 20.44 -12.42
CA LEU C 151 -1.92 21.56 -13.10
C LEU C 151 -1.43 21.15 -14.47
N ARG C 152 -0.84 19.95 -14.56
CA ARG C 152 -0.36 19.43 -15.84
C ARG C 152 -1.50 19.28 -16.83
N ASP C 153 -2.71 19.02 -16.34
CA ASP C 153 -3.89 19.11 -17.20
C ASP C 153 -4.22 20.55 -17.54
N ARG C 154 -4.04 21.47 -16.58
CA ARG C 154 -4.39 22.86 -16.85
C ARG C 154 -3.39 23.52 -17.79
N PHE C 155 -2.11 23.23 -17.63
CA PHE C 155 -1.08 23.76 -18.52
C PHE C 155 -1.06 22.96 -19.82
N GLY C 156 -1.26 23.65 -20.94
CA GLY C 156 -1.44 22.99 -22.22
C GLY C 156 -0.17 22.73 -23.01
N ILE C 157 0.93 23.40 -22.69
CA ILE C 157 2.17 23.25 -23.45
C ILE C 157 3.32 22.99 -22.49
N VAL C 158 4.17 22.03 -22.83
CA VAL C 158 5.42 21.78 -22.12
C VAL C 158 6.55 21.79 -23.14
N GLN C 159 7.70 22.33 -22.75
CA GLN C 159 8.89 22.28 -23.59
C GLN C 159 10.08 21.93 -22.71
N ARG C 160 10.89 20.98 -23.17
CA ARG C 160 12.03 20.54 -22.41
C ARG C 160 13.31 21.23 -22.89
N LEU C 161 14.34 21.15 -22.05
CA LEU C 161 15.67 21.61 -22.41
C LEU C 161 16.66 20.47 -22.29
N GLU C 162 17.76 20.58 -23.03
CA GLU C 162 18.74 19.53 -23.13
C GLU C 162 20.11 20.17 -23.29
N PHE C 163 21.15 19.39 -23.01
CA PHE C 163 22.51 19.80 -23.31
C PHE C 163 22.66 20.13 -24.79
N TYR C 164 23.36 21.21 -25.08
CA TYR C 164 23.48 21.70 -26.45
C TYR C 164 24.70 21.10 -27.12
N ASN C 165 24.53 20.75 -28.39
CA ASN C 165 25.65 20.26 -29.19
C ASN C 165 26.59 21.40 -29.55
N VAL C 166 27.76 21.02 -30.07
CA VAL C 166 28.86 21.97 -30.25
C VAL C 166 28.54 22.99 -31.34
N GLU C 167 27.68 22.64 -32.31
CA GLU C 167 27.35 23.59 -33.36
C GLU C 167 26.45 24.69 -32.84
N ASP C 168 25.41 24.33 -32.08
CA ASP C 168 24.55 25.35 -31.48
C ASP C 168 25.31 26.18 -30.46
N LEU C 169 26.19 25.53 -29.69
CA LEU C 169 27.02 26.26 -28.74
C LEU C 169 27.95 27.24 -29.45
N ALA C 170 28.54 26.81 -30.56
CA ALA C 170 29.44 27.67 -31.33
C ALA C 170 28.71 28.85 -31.92
N THR C 171 27.51 28.62 -32.48
CA THR C 171 26.71 29.70 -33.02
C THR C 171 26.30 30.68 -31.91
N ILE C 172 25.92 30.15 -30.76
CA ILE C 172 25.50 30.99 -29.63
C ILE C 172 26.66 31.84 -29.14
N VAL C 173 27.84 31.24 -28.98
CA VAL C 173 28.98 31.99 -28.45
C VAL C 173 29.47 33.01 -29.49
N SER C 174 29.36 32.68 -30.77
CA SER C 174 29.74 33.64 -31.80
C SER C 174 28.79 34.83 -31.83
N ARG C 175 27.48 34.56 -31.73
CA ARG C 175 26.50 35.65 -31.71
C ARG C 175 26.65 36.52 -30.47
N SER C 176 26.90 35.88 -29.31
CA SER C 176 27.02 36.65 -28.07
C SER C 176 28.36 37.38 -27.99
N ALA C 177 29.39 36.88 -28.69
CA ALA C 177 30.63 37.63 -28.75
C ALA C 177 30.52 38.81 -29.71
N GLY C 178 29.73 38.64 -30.78
CA GLY C 178 29.37 39.78 -31.60
C GLY C 178 28.55 40.79 -30.83
N ILE C 179 27.70 40.30 -29.92
CA ILE C 179 27.04 41.17 -28.96
C ILE C 179 28.07 41.84 -28.06
N LEU C 180 29.04 41.06 -27.56
CA LEU C 180 30.09 41.59 -26.72
C LEU C 180 31.15 42.35 -27.50
N GLY C 181 31.11 42.32 -28.83
CA GLY C 181 32.08 43.04 -29.64
C GLY C 181 33.49 42.49 -29.56
N LEU C 182 33.65 41.18 -29.63
CA LEU C 182 34.96 40.54 -29.56
C LEU C 182 35.48 40.22 -30.95
N GLU C 183 36.75 39.85 -31.01
CA GLU C 183 37.41 39.43 -32.24
C GLU C 183 37.82 37.97 -32.15
N ILE C 184 36.92 37.14 -31.61
CA ILE C 184 37.22 35.73 -31.38
C ILE C 184 37.22 34.99 -32.72
N GLU C 185 38.16 34.06 -32.86
CA GLU C 185 38.21 33.20 -34.03
C GLU C 185 37.06 32.20 -33.99
N PRO C 186 36.65 31.66 -35.14
CA PRO C 186 35.74 30.50 -35.12
C PRO C 186 36.33 29.31 -34.40
N GLN C 187 37.64 29.12 -34.52
CA GLN C 187 38.33 28.15 -33.67
C GLN C 187 38.29 28.56 -32.22
N GLY C 188 38.35 29.88 -31.96
CA GLY C 188 38.14 30.37 -30.61
C GLY C 188 36.76 30.06 -30.08
N ALA C 189 35.74 30.22 -30.93
CA ALA C 189 34.38 29.88 -30.54
C ALA C 189 34.23 28.40 -30.27
N ALA C 190 34.85 27.56 -31.10
CA ALA C 190 34.80 26.12 -30.89
C ALA C 190 35.51 25.72 -29.60
N GLU C 191 36.66 26.32 -29.32
CA GLU C 191 37.40 25.99 -28.11
C GLU C 191 36.65 26.49 -26.86
N ILE C 192 35.96 27.62 -26.98
CA ILE C 192 35.17 28.11 -25.87
C ILE C 192 33.97 27.21 -25.63
N ALA C 193 33.36 26.71 -26.71
CA ALA C 193 32.25 25.77 -26.57
C ALA C 193 32.71 24.46 -25.96
N LYS C 194 33.89 23.99 -26.35
CA LYS C 194 34.42 22.74 -25.78
C LYS C 194 34.80 22.92 -24.32
N ARG C 195 35.40 24.06 -23.97
CA ARG C 195 35.78 24.32 -22.59
C ARG C 195 34.54 24.47 -21.71
N ALA C 196 33.50 25.12 -22.24
CA ALA C 196 32.25 25.25 -21.50
C ALA C 196 31.53 23.91 -21.40
N ARG C 197 30.77 23.75 -20.33
CA ARG C 197 30.00 22.53 -20.09
C ARG C 197 28.59 22.66 -20.68
N GLY C 198 28.54 23.02 -21.96
CA GLY C 198 27.26 23.37 -22.57
C GLY C 198 26.71 24.62 -21.90
N THR C 199 25.43 24.54 -21.50
CA THR C 199 24.71 25.54 -20.71
C THR C 199 24.81 26.93 -21.32
N PRO C 200 24.09 27.20 -22.42
CA PRO C 200 24.37 28.38 -23.24
C PRO C 200 24.28 29.72 -22.53
N ARG C 201 23.39 29.87 -21.55
CA ARG C 201 23.39 31.10 -20.76
C ARG C 201 24.59 31.14 -19.82
N ILE C 202 24.86 30.03 -19.13
CA ILE C 202 26.05 29.95 -18.32
C ILE C 202 27.29 29.96 -19.20
N ALA C 203 27.19 29.44 -20.43
CA ALA C 203 28.29 29.57 -21.38
C ALA C 203 28.50 31.03 -21.77
N ASN C 204 27.43 31.81 -21.88
CA ASN C 204 27.56 33.23 -22.13
C ASN C 204 28.24 33.94 -20.96
N ARG C 205 27.89 33.52 -19.75
CA ARG C 205 28.57 34.05 -18.56
C ARG C 205 30.05 33.71 -18.58
N LEU C 206 30.38 32.47 -18.97
CA LEU C 206 31.78 32.06 -19.09
C LEU C 206 32.48 32.84 -20.19
N LEU C 207 31.78 33.13 -21.28
CA LEU C 207 32.37 33.94 -22.34
C LEU C 207 32.66 35.36 -21.86
N ARG C 208 31.74 35.93 -21.06
CA ARG C 208 32.00 37.24 -20.49
C ARG C 208 33.20 37.22 -19.55
N ARG C 209 33.32 36.17 -18.73
CA ARG C 209 34.47 36.05 -17.85
C ARG C 209 35.77 35.90 -18.63
N VAL C 210 35.77 35.07 -19.67
CA VAL C 210 36.95 34.84 -20.49
C VAL C 210 37.32 36.11 -21.25
N ARG C 211 36.30 36.86 -21.69
CA ARG C 211 36.54 38.15 -22.34
C ARG C 211 37.19 39.14 -21.39
N ASP C 212 36.73 39.15 -20.13
CA ASP C 212 37.36 40.01 -19.12
C ASP C 212 38.81 39.58 -18.86
N PHE C 213 39.05 38.28 -18.80
CA PHE C 213 40.42 37.78 -18.58
C PHE C 213 41.33 38.14 -19.75
N ALA C 214 40.81 38.02 -20.97
CA ALA C 214 41.61 38.35 -22.15
C ALA C 214 41.87 39.84 -22.24
N GLU C 215 40.87 40.67 -21.89
CA GLU C 215 41.08 42.10 -21.89
C GLU C 215 42.02 42.53 -20.78
N VAL C 216 42.10 41.74 -19.70
CA VAL C 216 43.06 42.03 -18.63
C VAL C 216 44.48 41.83 -19.13
N ARG C 217 44.73 40.76 -19.88
CA ARG C 217 46.07 40.42 -20.34
C ARG C 217 46.28 40.70 -21.84
N GLY C 218 45.36 41.40 -22.48
CA GLY C 218 45.52 41.71 -23.89
C GLY C 218 44.31 42.38 -24.52
N GLN C 219 44.04 42.06 -25.78
CA GLN C 219 42.98 42.69 -26.55
C GLN C 219 41.76 41.77 -26.64
N GLY C 220 40.77 42.18 -27.43
CA GLY C 220 39.54 41.42 -27.56
C GLY C 220 39.64 40.19 -28.42
N ASP C 221 40.68 40.08 -29.24
CA ASP C 221 40.90 38.89 -30.04
C ASP C 221 41.26 37.71 -29.15
N ILE C 222 40.87 36.51 -29.60
CA ILE C 222 41.09 35.29 -28.84
C ILE C 222 41.96 34.35 -29.67
N THR C 223 43.07 33.90 -29.06
CA THR C 223 44.06 33.07 -29.70
C THR C 223 44.15 31.78 -28.88
N ARG C 224 44.64 30.70 -29.52
CA ARG C 224 44.67 29.39 -28.88
C ARG C 224 45.53 29.37 -27.62
N VAL C 225 46.59 30.18 -27.58
CA VAL C 225 47.38 30.29 -26.35
C VAL C 225 46.57 30.98 -25.25
N ILE C 226 45.73 31.95 -25.62
CA ILE C 226 44.85 32.59 -24.64
C ILE C 226 43.79 31.61 -24.16
N ALA C 227 43.28 30.77 -25.06
CA ALA C 227 42.33 29.74 -24.66
C ALA C 227 42.97 28.73 -23.72
N ASP C 228 44.23 28.36 -23.99
CA ASP C 228 44.94 27.47 -23.07
C ASP C 228 45.17 28.14 -21.71
N LYS C 229 45.48 29.44 -21.73
CA LYS C 229 45.66 30.18 -20.48
C LYS C 229 44.37 30.21 -19.67
N ALA C 230 43.24 30.41 -20.35
CA ALA C 230 41.95 30.40 -19.65
C ALA C 230 41.60 29.01 -19.15
N LEU C 231 41.91 27.97 -19.93
CA LEU C 231 41.61 26.60 -19.52
C LEU C 231 42.44 26.19 -18.31
N ASN C 232 43.72 26.58 -18.29
CA ASN C 232 44.56 26.29 -17.14
C ASN C 232 44.16 27.15 -15.94
N LEU C 233 43.71 28.39 -16.20
CA LEU C 233 43.27 29.26 -15.12
C LEU C 233 41.99 28.75 -14.48
N LEU C 234 41.03 28.33 -15.30
CA LEU C 234 39.79 27.78 -14.78
C LEU C 234 39.88 26.31 -14.42
N ASP C 235 41.04 25.68 -14.69
CA ASP C 235 41.32 24.27 -14.42
C ASP C 235 40.36 23.33 -15.13
N VAL C 236 39.75 23.80 -16.22
CA VAL C 236 38.86 22.99 -17.05
C VAL C 236 39.28 23.18 -18.50
N ASP C 237 39.68 22.10 -19.15
CA ASP C 237 40.17 22.17 -20.52
C ASP C 237 38.98 22.01 -21.48
N GLU C 238 39.30 21.80 -22.76
CA GLU C 238 38.27 21.56 -23.77
C GLU C 238 37.57 20.22 -23.57
N ARG C 239 38.17 19.31 -22.82
CA ARG C 239 37.51 18.05 -22.47
C ARG C 239 36.48 18.22 -21.36
N GLY C 240 36.43 19.39 -20.73
CA GLY C 240 35.45 19.65 -19.69
C GLY C 240 35.75 19.04 -18.34
N PHE C 241 36.94 18.46 -18.17
CA PHE C 241 37.26 17.80 -16.91
C PHE C 241 37.60 18.84 -15.86
N ASP C 242 36.87 18.80 -14.74
CA ASP C 242 37.20 19.64 -13.61
C ASP C 242 38.50 19.15 -12.97
N HIS C 243 39.17 20.06 -12.26
CA HIS C 243 40.39 19.71 -11.55
C HIS C 243 40.13 18.64 -10.51
N LEU C 244 39.05 18.78 -9.74
CA LEU C 244 38.64 17.72 -8.83
C LEU C 244 38.22 16.48 -9.61
N ASP C 245 37.51 16.68 -10.73
CA ASP C 245 37.15 15.56 -11.59
C ASP C 245 38.37 14.85 -12.15
N ARG C 246 39.33 15.62 -12.65
CA ARG C 246 40.54 15.01 -13.21
C ARG C 246 41.33 14.27 -12.15
N ARG C 247 41.45 14.85 -10.95
CA ARG C 247 42.18 14.20 -9.88
C ARG C 247 41.48 12.93 -9.43
N LEU C 248 40.14 12.95 -9.32
CA LEU C 248 39.44 11.75 -8.88
C LEU C 248 39.47 10.66 -9.93
N LEU C 249 39.39 11.02 -11.22
CA LEU C 249 39.46 9.99 -12.24
C LEU C 249 40.87 9.43 -12.34
N LEU C 250 41.89 10.26 -12.10
CA LEU C 250 43.26 9.76 -12.02
C LEU C 250 43.40 8.80 -10.85
N THR C 251 42.77 9.11 -9.72
CA THR C 251 42.78 8.20 -8.59
C THR C 251 42.10 6.89 -8.92
N MET C 252 40.98 6.94 -9.64
CA MET C 252 40.24 5.73 -9.98
C MET C 252 41.04 4.86 -10.95
N ILE C 253 41.65 5.47 -11.96
CA ILE C 253 42.45 4.68 -12.90
C ILE C 253 43.74 4.22 -12.26
N ASP C 254 44.22 4.91 -11.22
CA ASP C 254 45.45 4.51 -10.56
C ASP C 254 45.30 3.24 -9.75
N LYS C 255 44.09 2.90 -9.35
CA LYS C 255 43.87 1.72 -8.51
C LYS C 255 43.01 0.65 -9.15
N PHE C 256 41.83 1.00 -9.68
CA PHE C 256 40.95 -0.01 -10.25
C PHE C 256 41.02 -0.09 -11.77
N ASP C 257 41.36 1.03 -12.44
CA ASP C 257 41.60 1.07 -13.89
C ASP C 257 40.38 0.58 -14.68
N GLY C 258 39.26 1.26 -14.48
CA GLY C 258 38.04 0.86 -15.13
C GLY C 258 37.34 -0.31 -14.48
N GLY C 259 37.82 -0.77 -13.34
CA GLY C 259 37.18 -1.85 -12.62
C GLY C 259 35.83 -1.44 -12.12
N PRO C 260 34.80 -2.19 -12.48
CA PRO C 260 33.45 -1.88 -11.98
C PRO C 260 33.32 -2.24 -10.51
N VAL C 261 33.37 -1.20 -9.64
CA VAL C 261 33.29 -1.41 -8.19
C VAL C 261 32.41 -0.37 -7.47
N GLY C 262 32.02 -0.61 -6.22
CA GLY C 262 31.09 0.28 -5.49
C GLY C 262 31.48 1.68 -5.04
N ILE C 263 30.45 2.53 -4.87
CA ILE C 263 30.61 3.99 -4.74
C ILE C 263 31.17 4.34 -3.39
N ASP C 264 30.53 3.88 -2.33
CA ASP C 264 31.07 4.05 -0.99
C ASP C 264 32.58 3.84 -0.97
N ASN C 265 33.07 2.81 -1.66
CA ASN C 265 34.50 2.50 -1.62
C ASN C 265 35.31 3.60 -2.28
N LEU C 266 34.88 4.05 -3.46
CA LEU C 266 35.59 5.11 -4.15
C LEU C 266 35.45 6.43 -3.42
N ALA C 267 34.30 6.66 -2.77
CA ALA C 267 34.13 7.88 -1.99
C ALA C 267 35.06 7.90 -0.79
N ALA C 268 35.24 6.75 -0.13
CA ALA C 268 36.19 6.67 0.97
C ALA C 268 37.62 6.81 0.47
N ALA C 269 37.88 6.30 -0.73
CA ALA C 269 39.21 6.47 -1.33
C ALA C 269 39.50 7.93 -1.62
N LEU C 270 38.51 8.67 -2.12
CA LEU C 270 38.70 10.08 -2.44
C LEU C 270 38.48 10.99 -1.25
N SER C 271 37.97 10.46 -0.14
CA SER C 271 37.68 11.21 1.08
C SER C 271 36.77 12.42 0.81
N GLU C 272 35.75 12.20 -0.02
CA GLU C 272 34.82 13.24 -0.42
C GLU C 272 33.40 12.76 -0.21
N GLU C 273 32.49 13.71 0.05
CA GLU C 273 31.10 13.38 0.30
C GLU C 273 30.45 12.81 -0.96
N ARG C 274 29.93 11.59 -0.85
CA ARG C 274 29.48 10.87 -2.04
C ARG C 274 28.21 11.46 -2.63
N HIS C 275 27.34 12.04 -1.80
CA HIS C 275 26.12 12.64 -2.32
C HIS C 275 26.42 13.90 -3.13
N THR C 276 27.38 14.70 -2.68
CA THR C 276 27.82 15.85 -3.45
C THR C 276 28.42 15.42 -4.77
N ILE C 277 29.19 14.33 -4.76
CA ILE C 277 29.69 13.74 -6.00
C ILE C 277 28.52 13.36 -6.90
N GLU C 278 27.49 12.74 -6.32
CA GLU C 278 26.33 12.28 -7.07
C GLU C 278 25.61 13.44 -7.75
N ASP C 279 25.42 14.54 -7.03
CA ASP C 279 24.66 15.64 -7.61
C ASP C 279 25.51 16.63 -8.37
N VAL C 280 26.84 16.48 -8.39
CA VAL C 280 27.64 17.41 -9.17
C VAL C 280 28.40 16.72 -10.28
N LEU C 281 29.28 15.78 -9.92
CA LEU C 281 30.39 15.43 -10.79
C LEU C 281 29.96 14.52 -11.94
N GLU C 282 29.54 13.30 -11.61
CA GLU C 282 29.25 12.33 -12.66
C GLU C 282 28.04 12.58 -13.57
N PRO C 283 26.99 13.37 -13.21
CA PRO C 283 25.95 13.63 -14.22
C PRO C 283 26.46 14.31 -15.47
N TYR C 284 27.42 15.23 -15.32
CA TYR C 284 27.92 15.98 -16.47
C TYR C 284 28.57 15.07 -17.48
N LEU C 285 29.45 14.17 -17.02
CA LEU C 285 30.01 13.18 -17.91
C LEU C 285 29.03 12.06 -18.22
N ILE C 286 27.92 11.99 -17.47
CA ILE C 286 26.96 10.92 -17.70
C ILE C 286 26.03 11.26 -18.85
N GLN C 287 25.83 12.54 -19.14
CA GLN C 287 25.08 12.89 -20.35
C GLN C 287 25.82 12.45 -21.61
N GLN C 288 27.14 12.36 -21.55
CA GLN C 288 27.93 11.75 -22.60
C GLN C 288 28.24 10.30 -22.23
N GLY C 289 28.88 9.59 -23.15
CA GLY C 289 29.23 8.21 -22.91
C GLY C 289 30.55 8.07 -22.19
N TYR C 290 30.61 8.56 -20.95
CA TYR C 290 31.84 8.54 -20.15
C TYR C 290 31.73 7.64 -18.92
N ILE C 291 30.78 7.89 -18.04
CA ILE C 291 30.70 7.19 -16.76
C ILE C 291 29.47 6.31 -16.75
N MET C 292 29.66 5.03 -16.41
CA MET C 292 28.64 3.99 -16.48
C MET C 292 28.70 3.15 -15.21
N ARG C 293 28.42 3.77 -14.05
CA ARG C 293 28.31 3.01 -12.81
C ARG C 293 27.30 1.87 -12.97
N THR C 294 27.80 0.65 -12.92
CA THR C 294 27.04 -0.55 -13.24
C THR C 294 26.50 -1.16 -11.97
N PRO C 295 25.69 -2.22 -12.08
CA PRO C 295 25.47 -3.08 -10.91
C PRO C 295 26.76 -3.63 -10.33
N ARG C 296 27.78 -3.86 -11.17
CA ARG C 296 29.08 -4.18 -10.64
C ARG C 296 29.81 -2.94 -10.13
N GLY C 297 29.64 -1.80 -10.77
CA GLY C 297 30.21 -0.57 -10.27
C GLY C 297 30.63 0.35 -11.40
N ARG C 298 31.55 1.26 -11.09
CA ARG C 298 31.94 2.28 -12.06
C ARG C 298 32.60 1.82 -13.30
N VAL C 299 32.12 2.32 -14.41
CA VAL C 299 32.78 2.01 -15.66
C VAL C 299 33.02 3.31 -16.40
N VAL C 300 34.27 3.55 -16.78
CA VAL C 300 34.65 4.75 -17.51
C VAL C 300 35.22 4.33 -18.87
N THR C 301 34.68 4.92 -19.94
CA THR C 301 35.11 4.59 -21.27
C THR C 301 36.53 5.09 -21.53
N ARG C 302 37.17 4.47 -22.52
CA ARG C 302 38.50 4.90 -22.91
C ARG C 302 38.49 6.21 -23.69
N HIS C 303 37.30 6.71 -24.06
CA HIS C 303 37.18 8.05 -24.62
C HIS C 303 37.64 9.08 -23.61
N ALA C 304 37.28 8.90 -22.34
CA ALA C 304 37.83 9.73 -21.29
C ALA C 304 39.31 9.43 -21.06
N TYR C 305 39.76 8.21 -21.37
CA TYR C 305 41.17 7.90 -21.22
C TYR C 305 42.01 8.59 -22.29
N LEU C 306 41.37 8.99 -23.39
CA LEU C 306 42.07 9.65 -24.48
C LEU C 306 42.55 11.05 -24.11
N HIS C 307 42.11 11.58 -22.97
CA HIS C 307 42.71 12.80 -22.44
C HIS C 307 44.19 12.62 -22.18
N PHE C 308 44.58 11.45 -21.66
CA PHE C 308 45.97 11.10 -21.52
C PHE C 308 46.39 9.91 -22.37
N GLY C 309 45.45 9.22 -23.01
CA GLY C 309 45.78 8.23 -24.01
C GLY C 309 46.22 6.88 -23.52
N LEU C 310 45.97 6.56 -22.25
CA LEU C 310 46.36 5.27 -21.67
C LEU C 310 45.11 4.47 -21.34
N ASN C 311 45.04 3.24 -21.86
CA ASN C 311 43.87 2.40 -21.67
C ASN C 311 44.31 0.94 -21.71
N ILE C 312 43.45 0.08 -21.16
CA ILE C 312 43.70 -1.35 -21.13
C ILE C 312 42.51 -2.06 -21.78
N PRO C 313 42.69 -3.27 -22.33
CA PRO C 313 41.55 -4.04 -22.86
C PRO C 313 40.59 -4.49 -21.76
N VAL D 1 -18.10 50.40 7.65
CA VAL D 1 -18.19 50.47 6.20
C VAL D 1 -19.51 49.88 5.73
N SER D 2 -19.71 49.86 4.41
CA SER D 2 -20.90 49.25 3.85
C SER D 2 -20.77 47.73 3.85
N SER D 3 -21.85 47.06 3.44
CA SER D 3 -21.85 45.60 3.39
C SER D 3 -20.86 45.08 2.36
N ALA D 4 -20.72 45.77 1.23
CA ALA D 4 -19.77 45.36 0.21
C ALA D 4 -18.34 45.47 0.70
N GLU D 5 -18.00 46.58 1.34
CA GLU D 5 -16.64 46.75 1.87
C GLU D 5 -16.38 45.82 3.04
N ALA D 6 -17.42 45.55 3.85
CA ALA D 6 -17.27 44.60 4.95
C ALA D 6 -17.02 43.19 4.43
N ASP D 7 -17.76 42.78 3.39
CA ASP D 7 -17.52 41.47 2.77
C ASP D 7 -16.14 41.42 2.13
N ALA D 8 -15.70 42.53 1.56
CA ALA D 8 -14.36 42.62 1.00
C ALA D 8 -13.30 42.42 2.07
N VAL D 9 -13.44 43.11 3.20
CA VAL D 9 -12.49 42.99 4.30
C VAL D 9 -12.49 41.57 4.86
N SER D 10 -13.69 40.97 4.99
CA SER D 10 -13.79 39.61 5.46
C SER D 10 -13.07 38.65 4.52
N ALA D 11 -13.19 38.88 3.21
CA ALA D 11 -12.43 38.09 2.25
C ALA D 11 -10.93 38.33 2.37
N LEU D 12 -10.53 39.56 2.72
CA LEU D 12 -9.10 39.86 2.83
C LEU D 12 -8.46 39.14 4.00
N ILE D 13 -9.10 39.14 5.17
CA ILE D 13 -8.61 38.29 6.26
C ILE D 13 -8.78 36.82 5.91
N ALA D 14 -9.85 36.47 5.18
CA ALA D 14 -10.08 35.08 4.80
C ALA D 14 -9.03 34.55 3.83
N LEU D 15 -8.28 35.43 3.16
CA LEU D 15 -7.18 34.98 2.32
C LEU D 15 -5.82 35.22 2.96
N GLY D 16 -5.77 35.92 4.10
CA GLY D 16 -4.53 36.08 4.83
C GLY D 16 -4.22 37.48 5.36
N PHE D 17 -5.01 38.51 5.07
CA PHE D 17 -4.68 39.81 5.66
C PHE D 17 -5.18 39.91 7.10
N LYS D 18 -4.85 41.04 7.74
CA LYS D 18 -5.22 41.45 9.08
C LYS D 18 -6.13 42.68 9.01
N PRO D 19 -7.01 42.90 10.01
CA PRO D 19 -8.14 43.83 9.78
C PRO D 19 -7.77 45.29 9.55
N GLN D 20 -6.68 45.77 10.14
CA GLN D 20 -6.39 47.20 10.04
C GLN D 20 -5.85 47.56 8.65
N GLU D 21 -5.07 46.67 8.04
CA GLU D 21 -4.61 46.94 6.67
C GLU D 21 -5.73 46.80 5.66
N ALA D 22 -6.66 45.88 5.91
CA ALA D 22 -7.87 45.83 5.10
C ALA D 22 -8.67 47.11 5.24
N SER D 23 -8.72 47.66 6.46
CA SER D 23 -9.44 48.89 6.71
C SER D 23 -8.82 50.07 5.97
N ARG D 24 -7.49 50.20 6.01
CA ARG D 24 -6.92 51.37 5.35
C ARG D 24 -6.91 51.17 3.84
N ALA D 25 -6.92 49.92 3.36
CA ALA D 25 -7.10 49.68 1.93
C ALA D 25 -8.50 50.11 1.47
N VAL D 26 -9.52 49.82 2.28
CA VAL D 26 -10.87 50.27 1.95
C VAL D 26 -10.96 51.79 2.01
N ALA D 27 -10.36 52.39 3.05
CA ALA D 27 -10.47 53.83 3.25
C ALA D 27 -9.68 54.61 2.20
N ALA D 28 -8.61 54.01 1.68
CA ALA D 28 -7.80 54.69 0.67
C ALA D 28 -8.57 54.84 -0.63
N VAL D 29 -9.28 53.80 -1.05
CA VAL D 29 -10.09 53.84 -2.27
C VAL D 29 -11.52 53.40 -1.95
N PRO D 30 -12.32 54.26 -1.33
CA PRO D 30 -13.70 53.88 -0.99
C PRO D 30 -14.57 53.73 -2.22
N GLY D 31 -15.52 52.81 -2.12
CA GLY D 31 -16.47 52.56 -3.19
C GLY D 31 -17.83 53.13 -2.83
N GLU D 32 -18.55 53.59 -3.85
CA GLU D 32 -19.82 54.29 -3.66
C GLU D 32 -20.91 53.56 -4.44
N ASP D 33 -21.93 53.11 -3.70
CA ASP D 33 -23.27 52.66 -4.16
C ASP D 33 -23.28 51.89 -5.49
N LEU D 34 -22.28 51.02 -5.67
CA LEU D 34 -22.25 50.07 -6.77
C LEU D 34 -21.87 48.70 -6.25
N SER D 35 -21.83 47.73 -7.17
CA SER D 35 -21.51 46.35 -6.83
C SER D 35 -20.05 46.21 -6.41
N SER D 36 -19.78 45.20 -5.59
CA SER D 36 -18.51 45.13 -4.87
C SER D 36 -17.32 44.85 -5.78
N GLU D 37 -17.55 44.18 -6.92
CA GLU D 37 -16.47 43.58 -7.70
C GLU D 37 -15.52 44.64 -8.27
N GLU D 38 -16.08 45.73 -8.80
CA GLU D 38 -15.24 46.71 -9.45
C GLU D 38 -14.32 47.43 -8.46
N MET D 39 -14.85 47.95 -7.34
CA MET D 39 -13.92 48.68 -6.49
C MET D 39 -13.06 47.75 -5.63
N ILE D 40 -13.45 46.49 -5.42
CA ILE D 40 -12.45 45.58 -4.85
C ILE D 40 -11.35 45.32 -5.86
N ARG D 41 -11.67 45.38 -7.17
CA ARG D 41 -10.63 45.23 -8.18
C ARG D 41 -9.64 46.41 -8.16
N GLN D 42 -10.15 47.65 -8.07
CA GLN D 42 -9.18 48.75 -7.90
C GLN D 42 -8.53 48.74 -6.53
N ALA D 43 -9.13 48.13 -5.51
CA ALA D 43 -8.43 48.02 -4.23
C ALA D 43 -7.27 47.06 -4.33
N LEU D 44 -7.47 45.92 -5.01
CA LEU D 44 -6.39 44.97 -5.20
C LEU D 44 -5.31 45.46 -6.14
N LYS D 45 -5.62 46.36 -7.07
CA LYS D 45 -4.48 47.06 -7.64
C LYS D 45 -4.12 48.32 -6.86
N GLY D 46 -5.03 48.82 -6.02
CA GLY D 46 -4.68 49.92 -5.15
C GLY D 46 -3.76 49.52 -4.01
N MET D 47 -3.76 48.24 -3.63
CA MET D 47 -2.87 47.78 -2.58
C MET D 47 -1.44 47.58 -3.08
N VAL D 48 -1.21 47.64 -4.39
CA VAL D 48 0.12 47.46 -4.95
C VAL D 48 0.94 48.72 -4.73
N ARG E 1 -5.35 -29.77 35.41
CA ARG E 1 -4.49 -30.89 35.01
C ARG E 1 -3.82 -30.61 33.68
N ALA E 2 -2.51 -30.79 33.63
CA ALA E 2 -1.73 -30.62 32.41
C ALA E 2 -1.54 -31.99 31.77
N ILE E 3 -2.07 -32.15 30.56
CA ILE E 3 -1.91 -33.41 29.83
C ILE E 3 -0.55 -33.50 29.14
N ARG E 4 0.19 -32.40 29.09
CA ARG E 4 1.51 -32.41 28.49
C ARG E 4 2.49 -33.23 29.33
N PRO E 5 3.51 -33.82 28.71
CA PRO E 5 4.49 -34.59 29.49
C PRO E 5 5.35 -33.69 30.36
N LEU E 6 5.53 -34.09 31.62
CA LEU E 6 6.36 -33.35 32.57
C LEU E 6 7.75 -33.96 32.70
N LYS E 7 7.82 -35.24 33.05
CA LYS E 7 9.09 -35.91 33.27
C LYS E 7 9.59 -36.55 31.97
N LEU E 8 10.83 -37.03 32.02
CA LEU E 8 11.40 -37.72 30.86
C LEU E 8 10.71 -39.06 30.64
N ALA E 9 10.25 -39.70 31.71
CA ALA E 9 9.43 -40.89 31.57
C ALA E 9 8.09 -40.56 30.91
N ASP E 10 7.52 -39.40 31.25
CA ASP E 10 6.30 -38.94 30.60
C ASP E 10 6.53 -38.56 29.14
N TYR E 11 7.77 -38.24 28.76
CA TYR E 11 8.07 -37.82 27.41
C TYR E 11 7.87 -38.97 26.43
N ILE E 12 7.34 -38.65 25.25
CA ILE E 12 7.16 -39.61 24.17
C ILE E 12 7.92 -39.08 22.96
N GLY E 13 8.80 -39.90 22.42
CA GLY E 13 9.62 -39.46 21.31
C GLY E 13 10.52 -40.56 20.82
N GLN E 14 11.62 -40.17 20.18
CA GLN E 14 12.59 -41.14 19.69
C GLN E 14 13.30 -41.80 20.86
N PRO E 15 13.31 -43.14 20.94
CA PRO E 15 14.07 -43.79 22.02
C PRO E 15 15.57 -43.55 21.96
N SER E 16 16.13 -43.43 20.74
CA SER E 16 17.56 -43.17 20.61
C SER E 16 17.92 -41.78 21.13
N VAL E 17 17.12 -40.78 20.76
CA VAL E 17 17.33 -39.42 21.27
C VAL E 17 17.08 -39.37 22.77
N ARG E 18 16.14 -40.18 23.26
CA ARG E 18 15.85 -40.25 24.69
C ARG E 18 17.05 -40.79 25.48
N GLU E 19 17.65 -41.89 25.00
CA GLU E 19 18.84 -42.43 25.66
C GLU E 19 20.02 -41.49 25.52
N GLN E 20 20.12 -40.80 24.37
CA GLN E 20 21.22 -39.88 24.15
C GLN E 20 21.15 -38.69 25.11
N MET E 21 19.95 -38.13 25.31
CA MET E 21 19.82 -37.03 26.27
C MET E 21 19.90 -37.53 27.70
N GLU E 22 19.52 -38.80 27.95
CA GLU E 22 19.74 -39.39 29.27
C GLU E 22 21.22 -39.47 29.61
N LEU E 23 22.04 -39.91 28.66
CA LEU E 23 23.47 -39.99 28.94
C LEU E 23 24.11 -38.60 28.99
N PHE E 24 23.58 -37.64 28.23
CA PHE E 24 24.05 -36.26 28.37
C PHE E 24 23.75 -35.71 29.75
N ILE E 25 22.54 -35.96 30.26
CA ILE E 25 22.15 -35.48 31.59
C ILE E 25 22.98 -36.17 32.66
N HIS E 26 23.25 -37.47 32.48
CA HIS E 26 24.09 -38.20 33.43
C HIS E 26 25.52 -37.66 33.44
N ALA E 27 26.05 -37.33 32.26
CA ALA E 27 27.40 -36.76 32.19
C ALA E 27 27.44 -35.37 32.81
N ALA E 28 26.38 -34.59 32.64
CA ALA E 28 26.32 -33.26 33.25
C ALA E 28 26.22 -33.36 34.77
N ARG E 29 25.38 -34.27 35.27
CA ARG E 29 25.19 -34.40 36.71
C ARG E 29 26.41 -35.02 37.38
N GLY E 30 27.14 -35.89 36.65
CA GLY E 30 28.37 -36.44 37.16
C GLY E 30 29.48 -35.42 37.30
N ARG E 31 29.40 -34.32 36.54
CA ARG E 31 30.33 -33.21 36.67
C ARG E 31 29.87 -32.16 37.65
N GLN E 32 28.73 -32.39 38.32
CA GLN E 32 28.09 -31.43 39.23
C GLN E 32 27.84 -30.10 38.54
N GLU E 33 27.35 -30.17 37.30
CA GLU E 33 27.08 -28.99 36.50
C GLU E 33 25.76 -29.20 35.77
N ALA E 34 25.26 -28.11 35.21
CA ALA E 34 24.09 -28.20 34.34
C ALA E 34 24.50 -28.78 32.99
N LEU E 35 23.50 -29.11 32.18
CA LEU E 35 23.75 -29.60 30.84
C LEU E 35 24.34 -28.51 29.97
N ASP E 36 25.32 -28.86 29.16
CA ASP E 36 25.96 -27.88 28.29
C ASP E 36 25.04 -27.54 27.12
N HIS E 37 25.53 -26.65 26.25
CA HIS E 37 24.72 -26.14 25.14
C HIS E 37 24.52 -27.26 24.12
N THR E 38 23.34 -27.88 24.18
CA THR E 38 23.01 -28.99 23.29
C THR E 38 22.34 -28.46 22.04
N LEU E 39 22.86 -28.85 20.89
CA LEU E 39 22.29 -28.46 19.60
C LEU E 39 21.28 -29.52 19.17
N ILE E 40 20.04 -29.09 18.93
CA ILE E 40 18.98 -29.98 18.48
C ILE E 40 18.43 -29.35 17.20
N PHE E 41 18.84 -29.87 16.06
CA PHE E 41 18.32 -29.38 14.78
C PHE E 41 17.40 -30.44 14.19
N GLY E 42 16.20 -30.02 13.79
CA GLY E 42 15.19 -30.91 13.29
C GLY E 42 13.85 -30.22 13.18
N PRO E 43 12.77 -30.94 13.51
CA PRO E 43 11.43 -30.34 13.47
C PRO E 43 11.24 -29.35 14.60
N PRO E 44 10.98 -28.08 14.28
CA PRO E 44 10.83 -27.07 15.33
C PRO E 44 9.56 -27.28 16.14
N GLY E 45 9.68 -27.16 17.46
CA GLY E 45 8.56 -27.36 18.35
C GLY E 45 8.34 -28.81 18.71
N LEU E 46 8.31 -29.68 17.70
CA LEU E 46 8.12 -31.12 17.90
C LEU E 46 9.35 -31.68 18.61
N GLY E 47 9.19 -32.01 19.89
CA GLY E 47 10.28 -32.59 20.65
C GLY E 47 11.40 -31.64 20.99
N LYS E 48 11.20 -30.33 20.85
CA LYS E 48 12.20 -29.33 21.19
C LYS E 48 11.80 -28.49 22.39
N THR E 49 10.59 -27.92 22.36
CA THR E 49 10.05 -27.25 23.55
C THR E 49 9.87 -28.26 24.68
N THR E 50 9.37 -29.45 24.34
CA THR E 50 9.27 -30.52 25.33
C THR E 50 10.63 -30.94 25.84
N LEU E 51 11.64 -30.95 24.96
CA LEU E 51 13.00 -31.28 25.38
C LEU E 51 13.57 -30.24 26.35
N ALA E 52 13.31 -28.95 26.07
CA ALA E 52 13.75 -27.90 26.99
C ALA E 52 13.05 -28.01 28.33
N ASN E 53 11.76 -28.36 28.31
CA ASN E 53 11.03 -28.59 29.56
C ASN E 53 11.60 -29.80 30.32
N ILE E 54 12.04 -30.82 29.59
CA ILE E 54 12.70 -31.98 30.20
C ILE E 54 13.99 -31.54 30.88
N ILE E 55 14.77 -30.69 30.20
CA ILE E 55 16.02 -30.19 30.79
C ILE E 55 15.74 -29.38 32.05
N ALA E 56 14.69 -28.55 32.01
CA ALA E 56 14.30 -27.78 33.19
C ALA E 56 13.85 -28.68 34.33
N GLN E 57 13.13 -29.76 34.00
CA GLN E 57 12.66 -30.69 35.03
C GLN E 57 13.82 -31.47 35.64
N GLU E 58 14.76 -31.92 34.80
CA GLU E 58 15.90 -32.69 35.29
C GLU E 58 16.84 -31.82 36.12
N MET E 59 17.07 -30.58 35.68
CA MET E 59 17.90 -29.66 36.44
C MET E 59 17.16 -29.00 37.59
N GLY E 60 15.83 -29.07 37.60
CA GLY E 60 15.04 -28.51 38.68
C GLY E 60 15.17 -27.00 38.82
N VAL E 61 15.19 -26.30 37.69
CA VAL E 61 15.41 -24.86 37.67
C VAL E 61 14.34 -24.19 36.83
N SER E 62 14.21 -22.88 37.00
CA SER E 62 13.32 -22.09 36.19
C SER E 62 13.82 -22.02 34.75
N ILE E 63 12.88 -21.96 33.81
CA ILE E 63 13.19 -21.95 32.38
C ILE E 63 12.65 -20.67 31.76
N LYS E 64 13.45 -20.06 30.89
CA LYS E 64 13.04 -18.91 30.09
C LYS E 64 13.23 -19.26 28.63
N SER E 65 12.21 -18.97 27.82
CA SER E 65 12.21 -19.35 26.42
C SER E 65 11.99 -18.12 25.53
N THR E 66 12.54 -18.18 24.33
CA THR E 66 12.40 -17.13 23.34
C THR E 66 12.55 -17.74 21.96
N SER E 67 12.69 -16.89 20.95
CA SER E 67 12.82 -17.35 19.56
C SER E 67 13.96 -16.61 18.89
N GLY E 68 14.39 -17.16 17.77
CA GLY E 68 15.45 -16.59 16.96
C GLY E 68 15.17 -15.20 16.43
N PRO E 69 14.10 -15.06 15.62
CA PRO E 69 13.74 -13.71 15.12
C PRO E 69 13.33 -12.73 16.21
N VAL E 70 12.92 -13.21 17.39
CA VAL E 70 12.59 -12.32 18.50
C VAL E 70 13.81 -11.55 18.97
N LEU E 71 14.94 -12.24 19.12
CA LEU E 71 16.16 -11.61 19.62
C LEU E 71 16.88 -10.94 18.45
N GLU E 72 16.39 -9.75 18.10
CA GLU E 72 17.03 -8.98 17.04
C GLU E 72 18.32 -8.31 17.51
N ARG E 73 18.42 -8.01 18.80
CA ARG E 73 19.56 -7.27 19.31
C ARG E 73 20.39 -8.11 20.25
N PRO E 74 21.73 -8.09 20.11
CA PRO E 74 22.59 -8.80 21.08
C PRO E 74 22.46 -8.28 22.50
N GLY E 75 22.10 -7.00 22.67
CA GLY E 75 21.90 -6.47 24.00
C GLY E 75 20.75 -7.13 24.73
N ASP E 76 19.68 -7.47 24.01
CA ASP E 76 18.56 -8.20 24.60
C ASP E 76 19.00 -9.59 25.05
N LEU E 77 19.82 -10.25 24.22
CA LEU E 77 20.36 -11.56 24.59
C LEU E 77 21.25 -11.46 25.83
N ALA E 78 22.09 -10.42 25.90
CA ALA E 78 22.93 -10.22 27.08
C ALA E 78 22.08 -9.93 28.32
N ALA E 79 21.00 -9.17 28.14
CA ALA E 79 20.09 -8.88 29.24
C ALA E 79 19.44 -10.15 29.78
N LEU E 80 18.98 -11.02 28.88
CA LEU E 80 18.33 -12.24 29.34
C LEU E 80 19.34 -13.24 29.90
N LEU E 81 20.57 -13.25 29.39
CA LEU E 81 21.59 -14.12 29.97
C LEU E 81 22.02 -13.64 31.35
N THR E 82 22.08 -12.33 31.55
CA THR E 82 22.32 -11.78 32.89
C THR E 82 21.15 -12.11 33.82
N ASN E 83 19.93 -12.05 33.30
CA ASN E 83 18.76 -12.42 34.10
C ASN E 83 18.70 -13.92 34.37
N LEU E 84 19.29 -14.74 33.49
CA LEU E 84 19.34 -16.17 33.74
C LEU E 84 20.28 -16.47 34.89
N GLU E 85 19.81 -17.30 35.82
CA GLU E 85 20.59 -17.65 37.00
C GLU E 85 21.51 -18.83 36.68
N ALA E 86 22.14 -19.38 37.71
CA ALA E 86 23.08 -20.48 37.52
C ALA E 86 22.33 -21.77 37.24
N GLY E 87 22.64 -22.40 36.11
CA GLY E 87 22.03 -23.66 35.74
C GLY E 87 20.68 -23.56 35.09
N ASP E 88 20.16 -22.35 34.87
CA ASP E 88 18.84 -22.19 34.27
C ASP E 88 18.85 -22.59 32.80
N VAL E 89 17.67 -22.89 32.28
CA VAL E 89 17.51 -23.45 30.93
C VAL E 89 16.97 -22.37 30.01
N LEU E 90 17.61 -22.21 28.85
CA LEU E 90 17.18 -21.26 27.84
C LEU E 90 16.82 -22.01 26.57
N PHE E 91 15.63 -21.73 26.03
CA PHE E 91 15.13 -22.36 24.81
C PHE E 91 14.95 -21.28 23.75
N VAL E 92 15.77 -21.34 22.70
CA VAL E 92 15.66 -20.43 21.56
C VAL E 92 15.39 -21.29 20.33
N ASP E 93 14.21 -21.11 19.73
CA ASP E 93 13.88 -21.81 18.50
C ASP E 93 14.36 -20.99 17.30
N GLU E 94 14.70 -21.70 16.22
CA GLU E 94 15.25 -21.13 14.99
C GLU E 94 16.52 -20.34 15.29
N ILE E 95 17.52 -21.06 15.81
CA ILE E 95 18.79 -20.44 16.17
C ILE E 95 19.60 -20.05 14.95
N HIS E 96 19.25 -20.55 13.76
CA HIS E 96 19.94 -20.21 12.54
C HIS E 96 19.58 -18.82 12.03
N ARG E 97 18.54 -18.19 12.56
CA ARG E 97 18.06 -16.90 12.09
C ARG E 97 18.67 -15.72 12.84
N LEU E 98 19.64 -15.97 13.71
CA LEU E 98 20.28 -14.88 14.44
C LEU E 98 21.15 -14.03 13.52
N SER E 99 21.16 -12.72 13.78
CA SER E 99 22.11 -11.86 13.11
C SER E 99 23.53 -12.20 13.61
N PRO E 100 24.55 -12.03 12.76
CA PRO E 100 25.89 -12.52 13.14
C PRO E 100 26.49 -11.85 14.36
N ILE E 101 26.07 -10.63 14.69
CA ILE E 101 26.57 -9.98 15.89
C ILE E 101 26.01 -10.66 17.14
N VAL E 102 24.75 -11.12 17.07
CA VAL E 102 24.16 -11.91 18.15
C VAL E 102 24.96 -13.19 18.37
N GLU E 103 25.33 -13.87 17.28
CA GLU E 103 26.13 -15.08 17.39
C GLU E 103 27.53 -14.78 17.92
N GLU E 104 28.11 -13.64 17.53
CA GLU E 104 29.43 -13.26 18.02
C GLU E 104 29.40 -13.02 19.52
N VAL E 105 28.33 -12.40 20.03
CA VAL E 105 28.15 -12.27 21.47
C VAL E 105 27.90 -13.63 22.11
N LEU E 106 27.19 -14.51 21.41
CA LEU E 106 26.78 -15.81 21.95
C LEU E 106 27.91 -16.84 22.01
N TYR E 107 28.98 -16.65 21.23
CA TYR E 107 30.06 -17.65 21.19
C TYR E 107 30.73 -17.93 22.54
N PRO E 108 31.05 -16.95 23.40
CA PRO E 108 31.55 -17.32 24.73
C PRO E 108 30.55 -18.05 25.61
N ALA E 109 29.25 -17.99 25.31
CA ALA E 109 28.27 -18.68 26.15
C ALA E 109 28.42 -20.20 26.06
N MET E 110 28.64 -20.74 24.87
CA MET E 110 29.00 -22.14 24.77
C MET E 110 30.51 -22.37 24.71
N GLU E 111 31.32 -21.31 24.78
CA GLU E 111 32.74 -21.52 25.01
C GLU E 111 33.02 -21.83 26.48
N ASP E 112 32.72 -20.88 27.38
CA ASP E 112 33.01 -21.10 28.79
C ASP E 112 31.92 -20.56 29.71
N PHE E 113 30.70 -20.37 29.20
CA PHE E 113 29.53 -19.91 29.98
C PHE E 113 29.80 -18.57 30.67
N GLN E 114 30.45 -17.65 29.95
CA GLN E 114 30.73 -16.33 30.43
C GLN E 114 30.53 -15.34 29.28
N LEU E 115 30.47 -14.05 29.61
CA LEU E 115 30.31 -13.02 28.59
C LEU E 115 31.71 -12.44 28.33
N ASP E 116 32.46 -13.15 27.50
CA ASP E 116 33.79 -12.70 27.06
C ASP E 116 33.67 -12.05 25.68
N ILE E 117 33.02 -10.89 25.67
CA ILE E 117 32.76 -10.22 24.40
C ILE E 117 34.07 -9.68 23.82
N MET E 118 34.10 -9.58 22.49
CA MET E 118 35.31 -9.18 21.79
C MET E 118 35.37 -7.68 21.49
N ILE E 119 34.33 -6.93 21.83
CA ILE E 119 34.31 -5.49 21.58
C ILE E 119 35.00 -4.74 22.70
N ALA E 124 37.38 3.48 21.60
CA ALA E 124 36.00 3.65 21.20
C ALA E 124 35.19 2.39 21.49
N ALA E 125 35.88 1.25 21.54
CA ALA E 125 35.27 -0.03 21.82
C ALA E 125 35.77 -0.57 23.15
N ARG E 126 34.84 -0.87 24.06
CA ARG E 126 35.17 -1.40 25.38
C ARG E 126 34.58 -2.80 25.51
N SER E 127 35.40 -3.73 26.00
CA SER E 127 34.95 -5.10 26.22
C SER E 127 34.22 -5.18 27.55
N ILE E 128 32.89 -5.23 27.49
CA ILE E 128 32.10 -5.38 28.70
C ILE E 128 32.28 -6.79 29.24
N LYS E 129 32.45 -6.90 30.56
CA LYS E 129 32.67 -8.19 31.21
C LYS E 129 31.57 -8.37 32.25
N LEU E 130 30.42 -8.90 31.81
CA LEU E 130 29.30 -9.14 32.70
C LEU E 130 29.40 -10.53 33.32
N ASP E 131 29.04 -10.61 34.60
CA ASP E 131 29.00 -11.90 35.29
C ASP E 131 27.84 -12.70 34.73
N LEU E 132 28.16 -13.67 33.87
CA LEU E 132 27.12 -14.47 33.22
C LEU E 132 27.03 -15.80 33.97
N PRO E 133 25.94 -16.06 34.69
CA PRO E 133 25.81 -17.33 35.38
C PRO E 133 25.64 -18.47 34.39
N PRO E 134 26.08 -19.68 34.75
CA PRO E 134 25.98 -20.81 33.80
C PRO E 134 24.54 -21.15 33.47
N PHE E 135 24.32 -21.53 32.22
CA PHE E 135 22.98 -21.79 31.74
C PHE E 135 23.04 -22.81 30.62
N THR E 136 21.89 -23.43 30.35
CA THR E 136 21.76 -24.42 29.30
C THR E 136 21.01 -23.80 28.12
N LEU E 137 21.66 -23.75 26.97
CA LEU E 137 21.04 -23.22 25.75
C LEU E 137 20.53 -24.40 24.93
N VAL E 138 19.20 -24.50 24.81
CA VAL E 138 18.58 -25.55 24.00
C VAL E 138 18.57 -25.02 22.57
N GLY E 139 19.65 -25.31 21.84
CA GLY E 139 19.77 -24.87 20.46
C GLY E 139 18.78 -25.56 19.54
N ALA E 140 17.78 -24.81 19.08
CA ALA E 140 16.71 -25.34 18.26
C ALA E 140 16.69 -24.63 16.92
N THR E 141 16.70 -25.41 15.84
CA THR E 141 16.66 -24.88 14.49
C THR E 141 16.17 -25.98 13.55
N THR E 142 15.90 -25.59 12.30
CA THR E 142 15.39 -26.54 11.32
C THR E 142 16.44 -27.59 10.98
N ARG E 143 17.68 -27.17 10.75
CA ARG E 143 18.75 -28.09 10.39
C ARG E 143 20.08 -27.44 10.74
N ALA E 144 21.14 -28.23 10.66
CA ALA E 144 22.49 -27.72 10.80
C ALA E 144 23.11 -27.33 9.47
N GLY E 145 22.39 -27.51 8.36
CA GLY E 145 22.94 -27.20 7.05
C GLY E 145 23.20 -25.71 6.85
N MET E 146 22.24 -24.87 7.25
CA MET E 146 22.39 -23.43 7.11
C MET E 146 22.96 -22.77 8.36
N LEU E 147 23.33 -23.55 9.38
CA LEU E 147 23.94 -22.99 10.57
C LEU E 147 25.34 -22.46 10.26
N THR E 148 25.72 -21.38 10.93
CA THR E 148 27.07 -20.86 10.78
C THR E 148 28.05 -21.81 11.47
N ASN E 149 29.10 -22.18 10.76
CA ASN E 149 30.02 -23.19 11.29
C ASN E 149 30.92 -22.72 12.44
N PRO E 150 31.11 -21.41 12.76
CA PRO E 150 31.64 -21.14 14.10
C PRO E 150 30.66 -21.54 15.20
N LEU E 151 29.37 -21.28 15.00
CA LEU E 151 28.36 -21.64 16.00
C LEU E 151 28.22 -23.15 16.12
N ARG E 152 28.12 -23.85 14.99
CA ARG E 152 28.00 -25.31 15.03
C ARG E 152 29.30 -25.95 15.49
N ASP E 153 30.45 -25.31 15.22
CA ASP E 153 31.71 -25.82 15.72
C ASP E 153 31.83 -25.63 17.23
N ARG E 154 31.23 -24.58 17.78
CA ARG E 154 31.37 -24.27 19.19
C ARG E 154 30.40 -25.01 20.09
N PHE E 155 29.35 -25.64 19.55
CA PHE E 155 28.42 -26.38 20.39
C PHE E 155 29.08 -27.62 20.98
N GLY E 156 29.07 -27.70 22.31
CA GLY E 156 29.66 -28.85 22.97
C GLY E 156 28.89 -30.14 22.74
N ILE E 157 27.56 -30.05 22.73
CA ILE E 157 26.70 -31.20 22.56
C ILE E 157 25.85 -31.01 21.31
N VAL E 158 25.84 -32.03 20.45
CA VAL E 158 25.09 -31.99 19.19
C VAL E 158 24.22 -33.25 19.13
N GLN E 159 22.95 -33.08 18.78
CA GLN E 159 22.05 -34.22 18.58
C GLN E 159 20.96 -33.82 17.60
N ARG E 160 20.10 -34.78 17.26
CA ARG E 160 19.11 -34.62 16.20
C ARG E 160 17.73 -35.03 16.70
N LEU E 161 16.74 -34.83 15.82
CA LEU E 161 15.38 -35.32 16.03
C LEU E 161 14.81 -35.77 14.70
N GLU E 162 13.80 -36.62 14.77
CA GLU E 162 13.11 -37.13 13.59
C GLU E 162 11.62 -37.24 13.89
N PHE E 163 10.83 -37.25 12.82
CA PHE E 163 9.41 -37.57 12.96
C PHE E 163 9.25 -39.01 13.40
N TYR E 164 8.32 -39.24 14.32
CA TYR E 164 8.18 -40.53 14.97
C TYR E 164 7.21 -41.42 14.21
N ASN E 165 7.39 -42.72 14.36
CA ASN E 165 6.50 -43.71 13.77
C ASN E 165 5.29 -43.90 14.66
N VAL E 166 4.51 -44.97 14.43
CA VAL E 166 3.26 -45.19 15.14
C VAL E 166 3.44 -45.50 16.62
N GLU E 167 4.68 -45.75 17.07
CA GLU E 167 4.92 -46.04 18.48
C GLU E 167 4.61 -44.83 19.36
N ASP E 168 4.84 -43.61 18.85
CA ASP E 168 4.52 -42.44 19.66
C ASP E 168 3.01 -42.25 19.78
N LEU E 169 2.27 -42.56 18.71
CA LEU E 169 0.82 -42.53 18.78
C LEU E 169 0.29 -43.58 19.75
N ALA E 170 0.89 -44.78 19.73
CA ALA E 170 0.48 -45.82 20.66
C ALA E 170 0.77 -45.40 22.11
N THR E 171 1.92 -44.80 22.35
CA THR E 171 2.26 -44.36 23.71
C THR E 171 1.38 -43.18 24.13
N ILE E 172 0.99 -42.33 23.18
CA ILE E 172 0.06 -41.24 23.47
C ILE E 172 -1.29 -41.79 23.87
N VAL E 173 -1.77 -42.81 23.13
CA VAL E 173 -3.05 -43.45 23.47
C VAL E 173 -2.95 -44.12 24.85
N SER E 174 -1.79 -44.70 25.15
CA SER E 174 -1.60 -45.33 26.46
C SER E 174 -1.60 -44.29 27.58
N ARG E 175 -0.99 -43.14 27.36
CA ARG E 175 -0.75 -42.19 28.45
C ARG E 175 -1.84 -41.11 28.55
N SER E 176 -1.99 -40.30 27.50
CA SER E 176 -2.82 -39.09 27.62
C SER E 176 -4.30 -39.41 27.61
N ALA E 177 -4.70 -40.49 26.94
CA ALA E 177 -6.09 -40.92 27.00
C ALA E 177 -6.44 -41.43 28.40
N GLY E 178 -5.48 -42.06 29.06
CA GLY E 178 -5.65 -42.37 30.48
C GLY E 178 -5.71 -41.13 31.34
N ILE E 179 -4.90 -40.12 30.98
CA ILE E 179 -5.03 -38.81 31.62
C ILE E 179 -6.39 -38.20 31.30
N LEU E 180 -6.85 -38.37 30.06
CA LEU E 180 -8.22 -37.99 29.71
C LEU E 180 -9.23 -38.85 30.47
N GLY E 181 -8.99 -40.16 30.53
CA GLY E 181 -9.83 -41.06 31.29
C GLY E 181 -11.02 -41.61 30.54
N LEU E 182 -11.29 -41.15 29.33
CA LEU E 182 -12.41 -41.66 28.55
C LEU E 182 -11.99 -42.88 27.76
N GLU E 183 -12.97 -43.72 27.45
CA GLU E 183 -12.70 -44.98 26.78
C GLU E 183 -12.28 -44.74 25.33
N ILE E 184 -11.23 -45.43 24.92
CA ILE E 184 -10.77 -45.44 23.53
C ILE E 184 -10.48 -46.89 23.15
N GLU E 185 -11.02 -47.31 22.01
CA GLU E 185 -10.78 -48.67 21.55
C GLU E 185 -9.34 -48.80 21.05
N PRO E 186 -8.71 -49.97 21.25
CA PRO E 186 -7.35 -50.14 20.71
C PRO E 186 -7.30 -50.14 19.19
N GLN E 187 -8.16 -50.95 18.56
CA GLN E 187 -8.32 -50.84 17.11
C GLN E 187 -8.95 -49.52 16.72
N GLY E 188 -9.78 -48.94 17.61
CA GLY E 188 -10.24 -47.59 17.39
C GLY E 188 -9.11 -46.59 17.39
N ALA E 189 -8.12 -46.77 18.28
CA ALA E 189 -6.93 -45.94 18.26
C ALA E 189 -6.11 -46.17 17.00
N ALA E 190 -6.06 -47.42 16.52
CA ALA E 190 -5.33 -47.72 15.30
C ALA E 190 -5.97 -47.04 14.09
N GLU E 191 -7.30 -47.02 14.04
CA GLU E 191 -7.99 -46.33 12.95
C GLU E 191 -7.96 -44.82 13.11
N ILE E 192 -7.81 -44.34 14.35
CA ILE E 192 -7.54 -42.92 14.57
C ILE E 192 -6.16 -42.56 14.03
N ALA E 193 -5.20 -43.48 14.15
CA ALA E 193 -3.84 -43.25 13.65
C ALA E 193 -3.79 -43.17 12.13
N LYS E 194 -4.87 -43.54 11.43
CA LYS E 194 -4.97 -43.32 10.00
C LYS E 194 -4.91 -41.86 9.62
N ARG E 195 -5.24 -40.95 10.55
CA ARG E 195 -5.14 -39.53 10.33
C ARG E 195 -4.28 -38.81 11.36
N ALA E 196 -3.65 -39.53 12.29
CA ALA E 196 -2.88 -38.86 13.34
C ALA E 196 -1.55 -38.32 12.84
N ARG E 197 -1.06 -38.82 11.71
CA ARG E 197 0.13 -38.33 11.01
C ARG E 197 1.39 -38.43 11.88
N GLY E 198 1.38 -39.31 12.88
CA GLY E 198 2.52 -39.45 13.78
C GLY E 198 2.86 -38.21 14.55
N THR E 199 1.89 -37.32 14.75
CA THR E 199 2.16 -36.01 15.33
C THR E 199 1.54 -35.91 16.71
N PRO E 200 2.32 -35.55 17.74
CA PRO E 200 1.74 -35.36 19.07
C PRO E 200 0.71 -34.24 19.12
N ARG E 201 0.89 -33.19 18.31
CA ARG E 201 -0.09 -32.12 18.29
C ARG E 201 -1.40 -32.58 17.65
N ILE E 202 -1.30 -33.31 16.54
CA ILE E 202 -2.49 -33.89 15.91
C ILE E 202 -3.11 -34.94 16.83
N ALA E 203 -2.28 -35.67 17.57
CA ALA E 203 -2.81 -36.62 18.55
C ALA E 203 -3.57 -35.89 19.67
N ASN E 204 -3.06 -34.74 20.12
CA ASN E 204 -3.77 -33.95 21.12
C ASN E 204 -5.09 -33.44 20.57
N ARG E 205 -5.09 -32.99 19.32
CA ARG E 205 -6.32 -32.55 18.67
C ARG E 205 -7.32 -33.69 18.57
N LEU E 206 -6.85 -34.88 18.21
CA LEU E 206 -7.74 -36.04 18.11
C LEU E 206 -8.27 -36.44 19.48
N LEU E 207 -7.45 -36.31 20.52
CA LEU E 207 -7.93 -36.59 21.87
C LEU E 207 -9.00 -35.59 22.30
N ARG E 208 -8.82 -34.33 21.91
CA ARG E 208 -9.83 -33.33 22.24
C ARG E 208 -11.09 -33.51 21.39
N ARG E 209 -10.97 -34.15 20.23
CA ARG E 209 -12.04 -34.15 19.25
C ARG E 209 -12.78 -35.48 19.13
N VAL E 210 -12.25 -36.56 19.71
CA VAL E 210 -13.01 -37.80 19.82
C VAL E 210 -14.20 -37.60 20.75
N ARG E 211 -14.03 -36.75 21.78
CA ARG E 211 -15.11 -36.44 22.71
C ARG E 211 -16.29 -35.76 22.05
N ASP E 212 -16.12 -35.23 20.83
CA ASP E 212 -17.16 -34.45 20.18
C ASP E 212 -18.35 -35.34 19.86
N PHE E 213 -18.07 -36.53 19.30
CA PHE E 213 -19.13 -37.50 19.03
C PHE E 213 -19.75 -38.01 20.32
N ALA E 214 -18.93 -38.12 21.37
CA ALA E 214 -19.43 -38.60 22.65
C ALA E 214 -20.41 -37.62 23.27
N GLU E 215 -20.20 -36.32 23.07
CA GLU E 215 -21.10 -35.35 23.67
C GLU E 215 -22.26 -34.94 22.77
N VAL E 216 -22.16 -35.11 21.44
CA VAL E 216 -23.35 -34.88 20.62
C VAL E 216 -24.35 -36.02 20.82
N ARG E 217 -23.87 -37.25 20.98
CA ARG E 217 -24.73 -38.42 21.05
C ARG E 217 -24.39 -39.21 22.31
N GLY E 218 -25.41 -39.45 23.14
CA GLY E 218 -25.23 -40.17 24.39
C GLY E 218 -25.23 -41.67 24.27
N GLN E 219 -25.46 -42.21 23.08
CA GLN E 219 -25.45 -43.66 22.90
C GLN E 219 -24.03 -44.21 22.95
N GLY E 220 -23.05 -43.47 22.42
CA GLY E 220 -21.66 -43.86 22.49
C GLY E 220 -21.24 -45.07 21.69
N ASP E 221 -21.77 -45.22 20.49
CA ASP E 221 -21.30 -46.28 19.60
C ASP E 221 -19.96 -45.90 18.97
N ILE E 222 -19.14 -46.91 18.71
CA ILE E 222 -17.82 -46.73 18.12
C ILE E 222 -17.76 -47.57 16.85
N THR E 223 -17.79 -46.91 15.69
CA THR E 223 -17.52 -47.56 14.41
C THR E 223 -16.44 -46.78 13.67
N ARG E 224 -16.07 -47.27 12.49
CA ARG E 224 -15.03 -46.62 11.70
C ARG E 224 -15.49 -45.28 11.17
N VAL E 225 -16.73 -45.22 10.66
CA VAL E 225 -17.27 -43.95 10.21
C VAL E 225 -17.53 -43.02 11.38
N ILE E 226 -17.82 -43.58 12.57
CA ILE E 226 -17.95 -42.77 13.77
C ILE E 226 -16.62 -42.13 14.13
N ALA E 227 -15.53 -42.89 14.05
CA ALA E 227 -14.21 -42.32 14.29
C ALA E 227 -13.79 -41.37 13.19
N ASP E 228 -14.28 -41.56 11.97
CA ASP E 228 -13.88 -40.69 10.87
C ASP E 228 -14.71 -39.41 10.81
N LYS E 229 -15.92 -39.41 11.39
CA LYS E 229 -16.76 -38.23 11.26
C LYS E 229 -16.29 -37.05 12.10
N ALA E 230 -15.32 -37.27 12.99
CA ALA E 230 -14.63 -36.13 13.61
C ALA E 230 -13.91 -35.30 12.55
N LEU E 231 -13.27 -35.98 11.60
CA LEU E 231 -12.80 -35.39 10.35
C LEU E 231 -13.41 -36.27 9.28
N ASN E 232 -14.65 -35.95 8.89
CA ASN E 232 -15.50 -36.89 8.16
C ASN E 232 -14.91 -37.26 6.81
N LEU E 233 -14.38 -36.28 6.09
CA LEU E 233 -13.65 -36.58 4.87
C LEU E 233 -12.35 -37.27 5.21
N LEU E 234 -12.05 -38.34 4.47
CA LEU E 234 -10.86 -39.12 4.76
C LEU E 234 -9.58 -38.34 4.49
N ASP E 235 -9.59 -37.47 3.46
CA ASP E 235 -8.48 -36.59 3.10
C ASP E 235 -7.19 -37.34 2.79
N VAL E 236 -7.27 -38.65 2.53
CA VAL E 236 -6.09 -39.47 2.35
C VAL E 236 -6.52 -40.79 1.73
N ASP E 237 -5.61 -41.45 1.02
CA ASP E 237 -5.80 -42.87 0.74
C ASP E 237 -5.72 -43.68 2.02
N GLU E 238 -4.67 -43.47 2.81
CA GLU E 238 -4.46 -44.09 4.10
C GLU E 238 -3.26 -43.43 4.78
N ARG E 239 -3.23 -43.55 6.11
CA ARG E 239 -2.07 -43.27 6.95
C ARG E 239 -1.65 -41.79 6.92
N GLY E 240 -2.54 -40.92 7.40
CA GLY E 240 -2.09 -39.64 7.91
C GLY E 240 -2.37 -38.35 7.16
N PHE E 241 -2.28 -38.37 5.83
CA PHE E 241 -2.20 -37.12 5.07
C PHE E 241 -3.56 -36.44 5.00
N ASP E 242 -3.57 -35.19 4.54
CA ASP E 242 -4.77 -34.37 4.62
C ASP E 242 -5.20 -33.80 3.28
N HIS E 243 -6.19 -32.89 3.31
CA HIS E 243 -6.64 -32.21 2.11
C HIS E 243 -5.54 -31.38 1.47
N LEU E 244 -4.69 -30.75 2.28
CA LEU E 244 -3.56 -30.01 1.73
C LEU E 244 -2.60 -30.97 1.04
N ASP E 245 -2.36 -32.13 1.64
CA ASP E 245 -1.54 -33.14 0.98
C ASP E 245 -2.25 -33.72 -0.25
N ARG E 246 -3.59 -33.77 -0.20
CA ARG E 246 -4.34 -34.18 -1.39
C ARG E 246 -4.14 -33.20 -2.53
N ARG E 247 -4.17 -31.90 -2.22
CA ARG E 247 -3.89 -30.88 -3.22
C ARG E 247 -2.46 -31.00 -3.73
N LEU E 248 -1.53 -31.32 -2.84
CA LEU E 248 -0.13 -31.52 -3.25
C LEU E 248 0.01 -32.67 -4.23
N LEU E 249 -0.63 -33.80 -3.93
CA LEU E 249 -0.57 -34.93 -4.86
C LEU E 249 -1.29 -34.62 -6.18
N LEU E 250 -2.39 -33.87 -6.11
CA LEU E 250 -3.09 -33.50 -7.34
C LEU E 250 -2.23 -32.60 -8.22
N THR E 251 -1.50 -31.65 -7.62
CA THR E 251 -0.63 -30.80 -8.44
C THR E 251 0.69 -31.46 -8.81
N MET E 252 1.09 -32.54 -8.12
CA MET E 252 2.23 -33.31 -8.62
C MET E 252 1.82 -34.18 -9.80
N ILE E 253 0.65 -34.81 -9.72
CA ILE E 253 0.26 -35.83 -10.70
C ILE E 253 -0.42 -35.20 -11.91
N ASP E 254 -1.47 -34.42 -11.65
CA ASP E 254 -2.26 -33.87 -12.75
C ASP E 254 -1.52 -32.76 -13.47
N LYS E 255 -0.71 -32.00 -12.74
CA LYS E 255 -0.02 -30.84 -13.31
C LYS E 255 1.44 -31.13 -13.64
N PHE E 256 2.22 -31.57 -12.65
CA PHE E 256 3.65 -31.77 -12.82
C PHE E 256 4.01 -33.20 -13.24
N ASP E 257 3.00 -34.04 -13.46
CA ASP E 257 3.13 -35.44 -13.88
C ASP E 257 3.88 -36.31 -12.89
N GLY E 258 4.05 -35.86 -11.65
CA GLY E 258 4.78 -36.61 -10.65
C GLY E 258 6.28 -36.72 -10.89
N GLY E 259 6.82 -36.00 -11.86
CA GLY E 259 8.22 -36.10 -12.19
C GLY E 259 9.04 -34.95 -11.64
N PRO E 260 10.13 -34.62 -12.33
CA PRO E 260 10.97 -33.51 -11.88
C PRO E 260 10.25 -32.17 -12.06
N VAL E 261 10.44 -31.29 -11.08
CA VAL E 261 9.84 -29.97 -11.10
C VAL E 261 10.71 -29.05 -10.25
N GLY E 262 10.83 -27.80 -10.69
CA GLY E 262 11.55 -26.81 -9.90
C GLY E 262 10.89 -26.63 -8.55
N ILE E 263 11.74 -26.45 -7.52
CA ILE E 263 11.25 -26.33 -6.16
C ILE E 263 10.40 -25.08 -6.01
N ASP E 264 10.85 -23.98 -6.60
CA ASP E 264 10.07 -22.75 -6.61
C ASP E 264 8.84 -22.91 -7.51
N ASN E 265 8.93 -23.70 -8.57
CA ASN E 265 7.78 -23.96 -9.42
C ASN E 265 6.68 -24.68 -8.66
N LEU E 266 7.06 -25.72 -7.89
CA LEU E 266 6.08 -26.43 -7.08
C LEU E 266 5.56 -25.55 -5.95
N ALA E 267 6.43 -24.70 -5.38
CA ALA E 267 6.00 -23.81 -4.31
C ALA E 267 4.97 -22.79 -4.81
N ALA E 268 5.19 -22.23 -6.01
CA ALA E 268 4.23 -21.30 -6.57
C ALA E 268 2.98 -22.03 -7.04
N ALA E 269 3.12 -23.31 -7.43
CA ALA E 269 1.96 -24.12 -7.74
C ALA E 269 1.08 -24.32 -6.52
N LEU E 270 1.70 -24.56 -5.36
CA LEU E 270 0.95 -24.66 -4.12
C LEU E 270 0.43 -23.31 -3.63
N SER E 271 0.97 -22.22 -4.17
CA SER E 271 0.69 -20.86 -3.70
C SER E 271 0.96 -20.73 -2.20
N GLU E 272 2.05 -21.36 -1.77
CA GLU E 272 2.41 -21.42 -0.36
C GLU E 272 3.90 -21.23 -0.21
N GLU E 273 4.33 -21.01 1.04
CA GLU E 273 5.74 -20.85 1.32
C GLU E 273 6.47 -22.18 1.12
N ARG E 274 7.59 -22.11 0.38
CA ARG E 274 8.42 -23.29 0.17
C ARG E 274 8.96 -23.82 1.49
N HIS E 275 9.35 -22.91 2.39
CA HIS E 275 9.94 -23.30 3.66
C HIS E 275 8.92 -24.00 4.55
N THR E 276 7.67 -23.51 4.56
CA THR E 276 6.63 -24.12 5.38
C THR E 276 6.34 -25.55 4.92
N ILE E 277 6.21 -25.74 3.61
CA ILE E 277 5.96 -27.08 3.07
C ILE E 277 7.15 -27.99 3.36
N GLU E 278 8.36 -27.48 3.12
CA GLU E 278 9.57 -28.27 3.30
C GLU E 278 9.80 -28.62 4.76
N ASP E 279 9.30 -27.82 5.69
CA ASP E 279 9.43 -28.15 7.11
C ASP E 279 8.32 -29.05 7.61
N VAL E 280 7.12 -28.96 7.05
CA VAL E 280 6.00 -29.70 7.60
C VAL E 280 5.70 -30.94 6.77
N LEU E 281 5.33 -30.75 5.51
CA LEU E 281 4.78 -31.84 4.72
C LEU E 281 5.86 -32.68 4.06
N GLU E 282 6.95 -32.05 3.62
CA GLU E 282 8.00 -32.77 2.92
C GLU E 282 8.69 -33.87 3.73
N PRO E 283 9.16 -33.64 4.97
CA PRO E 283 9.94 -34.72 5.63
C PRO E 283 9.11 -35.93 6.00
N TYR E 284 7.85 -35.74 6.39
CA TYR E 284 7.01 -36.88 6.72
C TYR E 284 6.62 -37.65 5.47
N LEU E 285 6.31 -36.94 4.38
CA LEU E 285 5.97 -37.63 3.13
C LEU E 285 7.17 -38.36 2.55
N ILE E 286 8.37 -37.82 2.77
CA ILE E 286 9.59 -38.54 2.40
C ILE E 286 9.77 -39.76 3.30
N GLN E 287 9.41 -39.63 4.59
CA GLN E 287 9.58 -40.73 5.54
C GLN E 287 8.72 -41.93 5.17
N GLN E 288 7.48 -41.72 4.75
CA GLN E 288 6.64 -42.82 4.30
C GLN E 288 6.90 -43.22 2.85
N GLY E 289 7.97 -42.71 2.24
CA GLY E 289 8.37 -43.13 0.92
C GLY E 289 7.42 -42.69 -0.17
N TYR E 290 7.02 -41.42 -0.15
CA TYR E 290 6.17 -40.88 -1.19
C TYR E 290 6.89 -39.90 -2.11
N ILE E 291 8.00 -39.32 -1.67
CA ILE E 291 8.82 -38.42 -2.47
C ILE E 291 10.28 -38.77 -2.19
N MET E 292 11.11 -38.86 -3.24
CA MET E 292 12.55 -38.79 -3.03
C MET E 292 13.03 -37.40 -3.43
N ARG E 293 14.09 -36.94 -2.78
CA ARG E 293 14.64 -35.61 -3.02
C ARG E 293 15.72 -35.70 -4.08
N THR E 294 15.55 -34.94 -5.16
CA THR E 294 16.59 -34.79 -6.17
C THR E 294 16.76 -33.33 -6.49
N PRO E 295 18.00 -32.87 -6.70
CA PRO E 295 18.21 -31.44 -7.00
C PRO E 295 17.60 -31.01 -8.33
N ARG E 296 17.52 -31.90 -9.31
CA ARG E 296 16.95 -31.53 -10.61
C ARG E 296 15.43 -31.39 -10.55
N GLY E 297 14.78 -31.99 -9.56
CA GLY E 297 13.35 -31.90 -9.46
C GLY E 297 12.83 -32.73 -8.31
N ARG E 298 11.64 -32.38 -7.85
CA ARG E 298 11.00 -33.09 -6.75
C ARG E 298 10.10 -34.17 -7.36
N VAL E 299 10.61 -35.38 -7.44
CA VAL E 299 9.90 -36.51 -8.03
C VAL E 299 9.28 -37.32 -6.91
N VAL E 300 8.10 -37.89 -7.16
CA VAL E 300 7.41 -38.69 -6.15
C VAL E 300 7.74 -40.17 -6.37
N THR E 301 7.62 -40.97 -5.31
CA THR E 301 7.95 -42.39 -5.38
C THR E 301 6.78 -43.21 -5.92
N ARG E 302 6.92 -44.54 -5.78
CA ARG E 302 5.91 -45.48 -6.23
C ARG E 302 4.63 -45.38 -5.40
N HIS E 303 4.74 -44.97 -4.13
CA HIS E 303 3.56 -44.88 -3.27
C HIS E 303 2.58 -43.84 -3.77
N ALA E 304 3.09 -42.71 -4.28
CA ALA E 304 2.22 -41.66 -4.78
C ALA E 304 1.43 -42.12 -6.00
N TYR E 305 2.07 -42.87 -6.91
CA TYR E 305 1.37 -43.35 -8.08
C TYR E 305 0.40 -44.47 -7.73
N LEU E 306 0.81 -45.38 -6.85
CA LEU E 306 -0.01 -46.55 -6.56
C LEU E 306 -1.21 -46.19 -5.69
N HIS E 307 -1.04 -45.25 -4.76
CA HIS E 307 -2.17 -44.81 -3.94
C HIS E 307 -3.19 -44.05 -4.77
N PHE E 308 -2.73 -43.28 -5.76
CA PHE E 308 -3.65 -42.57 -6.66
C PHE E 308 -4.37 -43.50 -7.62
N GLY E 309 -3.95 -44.75 -7.72
CA GLY E 309 -4.60 -45.71 -8.60
C GLY E 309 -4.15 -45.66 -10.04
N LEU E 310 -3.07 -44.95 -10.34
CA LEU E 310 -2.59 -44.81 -11.71
C LEU E 310 -1.23 -45.49 -11.87
N ASN E 311 -0.85 -45.69 -13.13
CA ASN E 311 0.40 -46.38 -13.43
C ASN E 311 1.60 -45.49 -13.13
N ILE E 312 2.73 -46.16 -12.88
CA ILE E 312 3.99 -45.47 -12.58
C ILE E 312 4.64 -45.05 -13.89
N PRO E 313 4.94 -43.76 -14.07
CA PRO E 313 5.61 -43.25 -15.28
C PRO E 313 7.05 -43.76 -15.42
N VAL F 1 25.12 11.14 33.87
CA VAL F 1 25.48 12.23 34.75
C VAL F 1 26.59 11.81 35.70
N SER F 2 27.04 10.56 35.55
CA SER F 2 28.10 10.02 36.39
C SER F 2 29.09 9.28 35.52
N SER F 3 30.30 9.11 36.06
CA SER F 3 31.34 8.37 35.35
C SER F 3 30.96 6.91 35.16
N ALA F 4 30.41 6.30 36.22
CA ALA F 4 29.90 4.94 36.09
C ALA F 4 28.68 4.89 35.18
N GLU F 5 27.85 5.93 35.23
CA GLU F 5 26.70 6.04 34.32
C GLU F 5 27.17 6.16 32.88
N ALA F 6 28.20 6.97 32.62
CA ALA F 6 28.73 7.12 31.27
C ALA F 6 29.37 5.82 30.78
N ASP F 7 30.08 5.12 31.67
CA ASP F 7 30.66 3.83 31.31
C ASP F 7 29.58 2.80 30.98
N ALA F 8 28.49 2.79 31.76
CA ALA F 8 27.39 1.89 31.48
C ALA F 8 26.70 2.23 30.16
N VAL F 9 26.54 3.52 29.87
CA VAL F 9 25.93 3.94 28.61
C VAL F 9 26.80 3.53 27.43
N SER F 10 28.11 3.73 27.53
CA SER F 10 29.01 3.32 26.46
C SER F 10 29.04 1.80 26.29
N ALA F 11 28.96 1.07 27.40
CA ALA F 11 28.93 -0.39 27.34
C ALA F 11 27.65 -0.89 26.68
N LEU F 12 26.51 -0.26 26.98
CA LEU F 12 25.26 -0.66 26.34
C LEU F 12 25.24 -0.25 24.87
N ILE F 13 25.91 0.86 24.53
CA ILE F 13 26.05 1.26 23.14
C ILE F 13 26.88 0.23 22.38
N ALA F 14 27.99 -0.22 22.97
CA ALA F 14 28.81 -1.24 22.34
C ALA F 14 28.11 -2.59 22.30
N LEU F 15 27.19 -2.83 23.23
CA LEU F 15 26.44 -4.09 23.26
C LEU F 15 25.30 -4.14 22.25
N GLY F 16 24.99 -3.03 21.58
CA GLY F 16 23.93 -2.98 20.59
C GLY F 16 22.75 -2.12 20.96
N PHE F 17 22.60 -1.72 22.23
CA PHE F 17 21.49 -0.86 22.61
C PHE F 17 21.69 0.56 22.09
N LYS F 18 20.58 1.26 21.95
CA LYS F 18 20.63 2.67 21.54
C LYS F 18 21.16 3.53 22.68
N PRO F 19 21.80 4.66 22.37
CA PRO F 19 22.18 5.60 23.43
C PRO F 19 21.01 6.15 24.23
N GLN F 20 19.87 6.39 23.58
CA GLN F 20 18.68 6.82 24.29
C GLN F 20 18.16 5.73 25.22
N GLU F 21 18.14 4.48 24.74
CA GLU F 21 17.73 3.37 25.59
C GLU F 21 18.72 3.15 26.72
N ALA F 22 20.02 3.34 26.44
CA ALA F 22 21.03 3.20 27.48
C ALA F 22 20.85 4.25 28.57
N SER F 23 20.55 5.49 28.17
CA SER F 23 20.28 6.54 29.14
C SER F 23 19.02 6.24 29.95
N ARG F 24 17.97 5.75 29.28
CA ARG F 24 16.74 5.40 29.98
C ARG F 24 16.95 4.25 30.95
N ALA F 25 17.78 3.28 30.58
CA ALA F 25 18.03 2.13 31.45
C ALA F 25 18.91 2.51 32.64
N VAL F 26 19.90 3.37 32.42
CA VAL F 26 20.76 3.76 33.53
C VAL F 26 20.06 4.75 34.44
N ALA F 27 19.07 5.49 33.93
CA ALA F 27 18.24 6.33 34.76
C ALA F 27 17.07 5.58 35.39
N ALA F 28 16.77 4.38 34.90
CA ALA F 28 15.68 3.59 35.47
C ALA F 28 16.07 2.95 36.79
N VAL F 29 17.36 2.71 37.00
CA VAL F 29 17.86 2.05 38.21
C VAL F 29 18.64 3.06 39.03
N PRO F 30 18.47 3.08 40.36
CA PRO F 30 19.30 3.94 41.23
C PRO F 30 20.53 3.19 41.73
N GLY F 31 21.46 2.92 40.81
CA GLY F 31 22.67 2.20 41.15
C GLY F 31 23.60 2.99 42.04
N GLU F 32 23.72 2.57 43.30
CA GLU F 32 24.56 3.25 44.27
C GLU F 32 25.37 2.22 45.05
N ASP F 33 26.60 2.61 45.41
CA ASP F 33 27.54 1.77 46.16
C ASP F 33 27.80 0.43 45.46
N LEU F 34 27.95 0.48 44.13
CA LEU F 34 28.14 -0.71 43.34
C LEU F 34 29.14 -0.42 42.22
N SER F 35 29.84 -1.47 41.79
CA SER F 35 30.73 -1.34 40.64
C SER F 35 29.91 -1.24 39.36
N SER F 36 30.56 -0.78 38.29
CA SER F 36 29.86 -0.54 37.03
C SER F 36 29.33 -1.84 36.43
N GLU F 37 30.13 -2.90 36.48
CA GLU F 37 29.70 -4.20 35.94
C GLU F 37 28.50 -4.75 36.69
N GLU F 38 28.54 -4.70 38.01
CA GLU F 38 27.43 -5.21 38.80
C GLU F 38 26.21 -4.31 38.74
N MET F 39 26.42 -2.99 38.57
CA MET F 39 25.28 -2.09 38.40
C MET F 39 24.60 -2.35 37.07
N ILE F 40 25.39 -2.63 36.03
CA ILE F 40 24.82 -3.04 34.74
C ILE F 40 24.06 -4.35 34.88
N ARG F 41 24.64 -5.29 35.64
CA ARG F 41 23.99 -6.60 35.83
C ARG F 41 22.66 -6.47 36.56
N GLN F 42 22.60 -5.64 37.61
CA GLN F 42 21.34 -5.47 38.32
C GLN F 42 20.35 -4.60 37.54
N ALA F 43 20.86 -3.72 36.67
CA ALA F 43 19.97 -2.97 35.77
C ALA F 43 19.32 -3.90 34.76
N LEU F 44 20.09 -4.87 34.25
CA LEU F 44 19.51 -5.87 33.36
C LEU F 44 18.55 -6.78 34.14
N LYS F 45 18.87 -7.04 35.41
CA LYS F 45 17.98 -7.79 36.29
C LYS F 45 16.82 -6.96 36.82
N GLY F 46 16.90 -5.63 36.68
CA GLY F 46 15.90 -4.76 37.26
C GLY F 46 14.53 -4.82 36.61
N MET F 47 14.44 -4.40 35.35
CA MET F 47 13.15 -4.37 34.68
C MET F 47 12.64 -5.77 34.37
N VAL F 48 13.51 -6.66 33.91
CA VAL F 48 13.12 -8.01 33.56
C VAL F 48 13.06 -8.89 34.80
N ARG G 1 -33.06 -3.03 8.46
CA ARG G 1 -33.75 -3.74 7.39
C ARG G 1 -32.73 -4.36 6.43
N ALA G 2 -32.28 -5.57 6.76
CA ALA G 2 -31.27 -6.27 5.97
C ALA G 2 -31.77 -7.67 5.63
N ILE G 3 -31.22 -8.21 4.55
CA ILE G 3 -31.56 -9.55 4.09
C ILE G 3 -30.46 -10.55 4.51
N ARG G 4 -29.71 -10.23 5.55
CA ARG G 4 -28.63 -11.08 5.99
C ARG G 4 -29.18 -12.33 6.65
N PRO G 5 -28.82 -13.52 6.17
CA PRO G 5 -29.30 -14.77 6.81
C PRO G 5 -28.72 -14.93 8.21
N LEU G 6 -29.52 -15.51 9.09
CA LEU G 6 -29.10 -15.70 10.48
C LEU G 6 -29.45 -17.10 10.96
N LYS G 7 -29.32 -18.08 10.07
CA LYS G 7 -29.68 -19.46 10.40
C LYS G 7 -28.52 -20.38 10.03
N LEU G 8 -28.44 -21.50 10.77
CA LEU G 8 -27.40 -22.49 10.52
C LEU G 8 -27.58 -23.15 9.16
N ALA G 9 -28.82 -23.50 8.82
CA ALA G 9 -29.10 -24.14 7.54
C ALA G 9 -29.15 -23.14 6.39
N ASP G 10 -29.09 -21.84 6.67
CA ASP G 10 -29.09 -20.84 5.61
C ASP G 10 -27.84 -20.96 4.75
N TYR G 11 -26.69 -21.19 5.37
CA TYR G 11 -25.45 -21.44 4.63
C TYR G 11 -25.24 -22.95 4.47
N ILE G 12 -26.17 -23.58 3.75
CA ILE G 12 -26.13 -25.03 3.56
C ILE G 12 -24.99 -25.47 2.66
N GLY G 13 -24.34 -24.54 1.98
CA GLY G 13 -23.21 -24.90 1.14
C GLY G 13 -22.03 -25.38 1.94
N GLN G 14 -21.13 -26.08 1.25
CA GLN G 14 -20.03 -26.84 1.81
C GLN G 14 -20.58 -27.78 2.87
N PRO G 15 -21.34 -28.80 2.49
CA PRO G 15 -22.09 -29.59 3.48
C PRO G 15 -21.21 -30.40 4.41
N SER G 16 -20.05 -30.87 3.96
CA SER G 16 -19.12 -31.52 4.88
C SER G 16 -18.55 -30.52 5.87
N VAL G 17 -18.20 -29.33 5.39
CA VAL G 17 -17.76 -28.25 6.26
C VAL G 17 -18.85 -27.89 7.26
N ARG G 18 -20.08 -27.75 6.78
CA ARG G 18 -21.18 -27.38 7.66
C ARG G 18 -21.47 -28.47 8.67
N GLU G 19 -21.36 -29.73 8.27
CA GLU G 19 -21.56 -30.84 9.19
C GLU G 19 -20.48 -30.89 10.25
N GLN G 20 -19.22 -30.67 9.86
CA GLN G 20 -18.14 -30.66 10.85
C GLN G 20 -18.29 -29.52 11.82
N MET G 21 -18.70 -28.35 11.31
CA MET G 21 -18.91 -27.21 12.21
C MET G 21 -20.13 -27.43 13.09
N GLU G 22 -21.15 -28.13 12.59
CA GLU G 22 -22.27 -28.52 13.43
C GLU G 22 -21.84 -29.48 14.52
N LEU G 23 -20.93 -30.40 14.19
CA LEU G 23 -20.36 -31.29 15.20
C LEU G 23 -19.61 -30.50 16.25
N PHE G 24 -18.87 -29.48 15.84
CA PHE G 24 -18.17 -28.63 16.81
C PHE G 24 -19.15 -27.82 17.65
N ILE G 25 -20.26 -27.40 17.05
CA ILE G 25 -21.30 -26.66 17.78
C ILE G 25 -21.91 -27.54 18.87
N HIS G 26 -22.29 -28.77 18.50
CA HIS G 26 -22.85 -29.69 19.48
C HIS G 26 -21.81 -30.11 20.51
N ALA G 27 -20.54 -30.08 20.10
CA ALA G 27 -19.45 -30.32 21.04
C ALA G 27 -19.36 -29.23 22.09
N ALA G 28 -19.42 -27.97 21.66
CA ALA G 28 -19.39 -26.85 22.60
C ALA G 28 -20.61 -26.86 23.49
N ARG G 29 -21.77 -27.24 22.94
CA ARG G 29 -22.98 -27.37 23.75
C ARG G 29 -22.82 -28.48 24.79
N GLY G 30 -22.22 -29.61 24.40
CA GLY G 30 -22.00 -30.69 25.34
C GLY G 30 -20.86 -30.43 26.29
N ARG G 31 -19.87 -29.65 25.87
CA ARG G 31 -18.76 -29.30 26.76
C ARG G 31 -19.23 -28.43 27.91
N GLN G 32 -20.08 -27.44 27.61
CA GLN G 32 -20.52 -26.41 28.56
C GLN G 32 -19.33 -25.70 29.20
N GLU G 33 -18.26 -25.52 28.42
CA GLU G 33 -17.01 -24.95 28.90
C GLU G 33 -16.41 -24.11 27.79
N ALA G 34 -15.14 -23.76 27.95
CA ALA G 34 -14.44 -22.96 26.97
C ALA G 34 -14.25 -23.75 25.68
N LEU G 35 -14.49 -23.08 24.55
CA LEU G 35 -14.28 -23.68 23.25
C LEU G 35 -12.80 -23.66 22.89
N ASP G 36 -12.43 -24.53 21.96
CA ASP G 36 -11.11 -24.42 21.36
C ASP G 36 -11.06 -23.18 20.48
N HIS G 37 -9.93 -22.50 20.48
CA HIS G 37 -9.83 -21.27 19.71
C HIS G 37 -9.72 -21.58 18.23
N THR G 38 -10.34 -20.73 17.42
CA THR G 38 -10.72 -21.07 16.06
C THR G 38 -10.04 -20.15 15.05
N LEU G 39 -9.53 -20.76 13.97
CA LEU G 39 -8.94 -20.02 12.85
C LEU G 39 -9.50 -20.57 11.54
N ILE G 40 -10.60 -19.99 11.07
CA ILE G 40 -11.18 -20.39 9.80
C ILE G 40 -10.49 -19.59 8.70
N PHE G 41 -10.05 -20.28 7.66
CA PHE G 41 -9.38 -19.65 6.53
C PHE G 41 -10.28 -19.75 5.32
N GLY G 42 -10.58 -18.60 4.71
CA GLY G 42 -11.51 -18.56 3.61
C GLY G 42 -11.60 -17.20 2.94
N PRO G 43 -11.54 -17.21 1.61
CA PRO G 43 -11.63 -15.94 0.85
C PRO G 43 -12.99 -15.31 1.00
N PRO G 44 -13.10 -13.98 0.83
CA PRO G 44 -14.38 -13.30 1.06
C PRO G 44 -15.42 -13.57 -0.01
N GLY G 45 -16.54 -12.87 0.09
CA GLY G 45 -17.68 -13.14 -0.75
C GLY G 45 -18.60 -14.22 -0.24
N LEU G 46 -18.22 -14.89 0.84
CA LEU G 46 -18.92 -16.08 1.33
C LEU G 46 -19.74 -15.82 2.59
N GLY G 47 -19.76 -14.59 3.09
CA GLY G 47 -20.43 -14.32 4.34
C GLY G 47 -19.79 -14.99 5.53
N LYS G 48 -18.46 -14.94 5.64
CA LYS G 48 -17.79 -15.60 6.75
C LYS G 48 -18.04 -14.87 8.07
N THR G 49 -18.23 -13.55 8.00
CA THR G 49 -18.66 -12.82 9.18
C THR G 49 -20.07 -13.23 9.56
N THR G 50 -20.92 -13.41 8.55
CA THR G 50 -22.27 -13.93 8.78
C THR G 50 -22.22 -15.33 9.36
N LEU G 51 -21.28 -16.15 8.90
CA LEU G 51 -21.11 -17.50 9.47
C LEU G 51 -20.70 -17.42 10.93
N ALA G 52 -19.78 -16.52 11.27
CA ALA G 52 -19.36 -16.34 12.64
C ALA G 52 -20.52 -15.88 13.51
N ASN G 53 -21.35 -14.97 12.98
CA ASN G 53 -22.54 -14.54 13.70
C ASN G 53 -23.51 -15.69 13.91
N ILE G 54 -23.72 -16.50 12.87
CA ILE G 54 -24.69 -17.59 12.94
C ILE G 54 -24.26 -18.62 13.97
N ILE G 55 -22.98 -18.98 13.97
CA ILE G 55 -22.50 -19.94 14.96
C ILE G 55 -22.46 -19.30 16.36
N ALA G 56 -22.31 -17.98 16.43
CA ALA G 56 -22.39 -17.30 17.73
C ALA G 56 -23.81 -17.37 18.30
N GLN G 57 -24.82 -17.17 17.46
CA GLN G 57 -26.20 -17.37 17.91
C GLN G 57 -26.46 -18.83 18.26
N GLU G 58 -25.85 -19.77 17.53
CA GLU G 58 -26.03 -21.17 17.89
C GLU G 58 -25.34 -21.51 19.20
N MET G 59 -24.29 -20.76 19.55
CA MET G 59 -23.76 -20.79 20.90
C MET G 59 -24.69 -20.08 21.89
N GLY G 60 -25.60 -19.25 21.39
CA GLY G 60 -26.39 -18.41 22.26
C GLY G 60 -25.55 -17.37 22.97
N VAL G 61 -24.53 -16.85 22.29
CA VAL G 61 -23.61 -15.90 22.89
C VAL G 61 -23.62 -14.62 22.06
N SER G 62 -23.23 -13.52 22.70
CA SER G 62 -23.08 -12.27 21.99
C SER G 62 -21.78 -12.29 21.20
N ILE G 63 -21.81 -11.68 20.00
CA ILE G 63 -20.65 -11.62 19.13
C ILE G 63 -20.25 -10.16 18.94
N LYS G 64 -18.96 -9.90 19.04
CA LYS G 64 -18.37 -8.62 18.69
C LYS G 64 -17.52 -8.82 17.44
N SER G 65 -17.64 -7.90 16.49
CA SER G 65 -17.01 -8.06 15.18
C SER G 65 -15.95 -6.99 14.97
N THR G 66 -14.74 -7.44 14.66
CA THR G 66 -13.63 -6.56 14.32
C THR G 66 -12.63 -7.37 13.51
N SER G 67 -11.41 -6.85 13.35
CA SER G 67 -10.41 -7.54 12.57
C SER G 67 -9.02 -7.22 13.09
N GLY G 68 -8.07 -8.06 12.70
CA GLY G 68 -6.67 -7.84 12.96
C GLY G 68 -6.06 -6.53 12.47
N PRO G 69 -6.35 -6.09 11.23
CA PRO G 69 -5.89 -4.76 10.81
C PRO G 69 -6.42 -3.62 11.65
N VAL G 70 -7.63 -3.75 12.20
CA VAL G 70 -8.17 -2.71 13.07
C VAL G 70 -7.33 -2.56 14.32
N LEU G 71 -6.94 -3.68 14.91
CA LEU G 71 -6.12 -3.63 16.11
C LEU G 71 -4.67 -3.31 15.74
N GLU G 72 -3.99 -2.57 16.62
CA GLU G 72 -2.61 -2.19 16.40
C GLU G 72 -1.75 -2.31 17.65
N ARG G 73 -2.33 -2.58 18.82
CA ARG G 73 -1.63 -2.56 20.07
C ARG G 73 -2.34 -3.49 21.03
N PRO G 74 -1.61 -4.29 21.81
CA PRO G 74 -2.28 -5.26 22.70
C PRO G 74 -3.13 -4.62 23.79
N GLY G 75 -2.95 -3.33 24.08
CA GLY G 75 -3.86 -2.67 25.00
C GLY G 75 -5.27 -2.57 24.46
N ASP G 76 -5.40 -2.37 23.14
CA ASP G 76 -6.70 -2.42 22.50
C ASP G 76 -7.31 -3.80 22.62
N LEU G 77 -6.47 -4.84 22.47
CA LEU G 77 -6.92 -6.20 22.67
C LEU G 77 -7.42 -6.42 24.10
N ALA G 78 -6.69 -5.90 25.08
CA ALA G 78 -7.10 -6.03 26.47
C ALA G 78 -8.42 -5.32 26.73
N ALA G 79 -8.60 -4.14 26.12
CA ALA G 79 -9.87 -3.43 26.23
C ALA G 79 -11.02 -4.26 25.67
N LEU G 80 -10.80 -4.86 24.50
CA LEU G 80 -11.83 -5.70 23.89
C LEU G 80 -12.12 -6.92 24.75
N LEU G 81 -11.09 -7.51 25.34
CA LEU G 81 -11.27 -8.67 26.22
C LEU G 81 -12.06 -8.30 27.46
N THR G 82 -11.80 -7.12 28.02
CA THR G 82 -12.55 -6.68 29.19
C THR G 82 -14.01 -6.40 28.84
N ASN G 83 -14.25 -5.89 27.62
CA ASN G 83 -15.63 -5.69 27.19
C ASN G 83 -16.36 -7.02 27.06
N LEU G 84 -15.69 -8.04 26.55
CA LEU G 84 -16.27 -9.37 26.53
C LEU G 84 -16.34 -9.95 27.93
N GLU G 85 -17.30 -10.84 28.15
CA GLU G 85 -17.49 -11.47 29.45
C GLU G 85 -17.72 -12.96 29.23
N ALA G 86 -18.11 -13.65 30.30
CA ALA G 86 -18.40 -15.07 30.20
C ALA G 86 -19.58 -15.31 29.25
N GLY G 87 -19.44 -16.31 28.40
CA GLY G 87 -20.41 -16.55 27.35
C GLY G 87 -20.47 -15.47 26.29
N ASP G 88 -19.31 -15.03 25.81
CA ASP G 88 -19.20 -14.07 24.71
C ASP G 88 -18.30 -14.66 23.63
N VAL G 89 -18.17 -13.96 22.52
CA VAL G 89 -17.27 -14.35 21.45
C VAL G 89 -16.89 -13.09 20.67
N LEU G 90 -15.69 -13.11 20.09
CA LEU G 90 -15.14 -11.97 19.36
C LEU G 90 -14.73 -12.40 17.97
N PHE G 91 -15.36 -11.81 16.95
CA PHE G 91 -15.02 -12.08 15.56
C PHE G 91 -13.76 -11.31 15.20
N VAL G 92 -12.71 -12.02 14.80
CA VAL G 92 -11.44 -11.42 14.41
C VAL G 92 -11.09 -11.91 13.01
N ASP G 93 -10.61 -10.99 12.18
CA ASP G 93 -10.27 -11.31 10.79
C ASP G 93 -8.90 -10.76 10.45
N GLU G 94 -8.18 -11.49 9.59
CA GLU G 94 -6.88 -11.10 9.06
C GLU G 94 -5.87 -10.83 10.18
N ILE G 95 -5.62 -11.88 10.96
CA ILE G 95 -4.79 -11.78 12.15
C ILE G 95 -3.31 -11.76 11.79
N HIS G 96 -2.97 -12.10 10.54
CA HIS G 96 -1.58 -12.13 10.10
C HIS G 96 -0.94 -10.75 10.18
N ARG G 97 -1.67 -9.71 9.79
CA ARG G 97 -1.16 -8.35 9.96
C ARG G 97 -1.57 -7.86 11.35
N LEU G 98 -0.65 -8.08 12.29
CA LEU G 98 -0.86 -7.75 13.69
C LEU G 98 0.49 -7.64 14.36
N SER G 99 0.55 -6.83 15.41
CA SER G 99 1.79 -6.69 16.16
C SER G 99 2.08 -7.99 16.90
N PRO G 100 3.35 -8.43 16.96
CA PRO G 100 3.65 -9.68 17.67
C PRO G 100 3.34 -9.64 19.15
N ILE G 101 3.54 -8.48 19.79
CA ILE G 101 3.33 -8.36 21.24
C ILE G 101 1.89 -8.67 21.59
N VAL G 102 0.96 -8.41 20.67
CA VAL G 102 -0.42 -8.89 20.80
C VAL G 102 -0.43 -10.41 20.89
N GLU G 103 0.42 -11.08 20.09
CA GLU G 103 0.41 -12.53 20.07
C GLU G 103 0.98 -13.11 21.37
N GLU G 104 2.09 -12.54 21.88
CA GLU G 104 2.56 -13.06 23.17
C GLU G 104 1.64 -12.66 24.31
N VAL G 105 0.86 -11.59 24.15
CA VAL G 105 -0.16 -11.30 25.14
C VAL G 105 -1.26 -12.36 25.08
N LEU G 106 -1.65 -12.76 23.86
CA LEU G 106 -2.80 -13.65 23.73
C LEU G 106 -2.46 -15.12 23.91
N TYR G 107 -1.18 -15.50 23.95
CA TYR G 107 -0.83 -16.89 24.24
C TYR G 107 -1.38 -17.40 25.57
N PRO G 108 -1.18 -16.73 26.72
CA PRO G 108 -1.89 -17.23 27.92
C PRO G 108 -3.36 -16.91 27.91
N ALA G 109 -3.78 -15.89 27.13
CA ALA G 109 -5.19 -15.54 27.04
C ALA G 109 -5.99 -16.57 26.28
N MET G 110 -5.33 -17.39 25.47
CA MET G 110 -5.97 -18.56 24.90
C MET G 110 -5.51 -19.86 25.55
N GLU G 111 -4.50 -19.81 26.41
CA GLU G 111 -4.17 -20.97 27.23
C GLU G 111 -5.24 -21.15 28.30
N ASP G 112 -5.34 -20.20 29.23
CA ASP G 112 -6.39 -20.24 30.24
C ASP G 112 -6.89 -18.84 30.56
N PHE G 113 -7.12 -18.03 29.52
CA PHE G 113 -7.58 -16.64 29.62
C PHE G 113 -6.62 -15.77 30.42
N GLN G 114 -5.36 -16.16 30.51
CA GLN G 114 -4.44 -15.54 31.44
C GLN G 114 -3.69 -14.40 30.78
N LEU G 115 -3.20 -13.47 31.61
CA LEU G 115 -2.31 -12.41 31.13
C LEU G 115 -1.35 -12.09 32.26
N ASP G 116 -0.07 -12.38 32.06
CA ASP G 116 0.95 -12.15 33.06
C ASP G 116 2.09 -11.33 32.49
N ILE G 117 1.76 -10.25 31.79
CA ILE G 117 2.79 -9.40 31.22
C ILE G 117 3.41 -8.55 32.32
N MET G 118 4.63 -8.08 32.06
CA MET G 118 5.36 -7.30 33.04
C MET G 118 4.78 -5.90 33.16
N ILE G 119 4.90 -5.32 34.35
CA ILE G 119 4.43 -3.97 34.62
C ILE G 119 5.17 -2.92 33.78
N ALA G 124 10.98 -6.20 38.51
CA ALA G 124 10.76 -4.89 39.09
C ALA G 124 9.53 -4.89 40.01
N ALA G 125 8.46 -4.24 39.56
CA ALA G 125 7.26 -4.11 40.37
C ALA G 125 6.30 -5.26 40.09
N ARG G 126 5.07 -5.15 40.59
CA ARG G 126 4.11 -6.24 40.49
C ARG G 126 3.59 -6.38 39.07
N SER G 127 3.61 -7.61 38.56
CA SER G 127 3.06 -7.91 37.24
C SER G 127 1.59 -8.31 37.36
N ILE G 128 0.88 -8.19 36.24
CA ILE G 128 -0.54 -8.49 36.21
C ILE G 128 -0.75 -10.00 36.25
N LYS G 129 -1.89 -10.42 36.79
CA LYS G 129 -2.35 -11.81 36.77
C LYS G 129 -3.75 -11.88 36.19
N LEU G 130 -3.94 -11.22 35.05
CA LEU G 130 -5.27 -11.05 34.46
C LEU G 130 -5.76 -12.36 33.88
N ASP G 131 -6.61 -13.07 34.62
CA ASP G 131 -7.30 -14.25 34.10
C ASP G 131 -8.67 -13.80 33.62
N LEU G 132 -8.84 -13.79 32.29
CA LEU G 132 -10.04 -13.24 31.69
C LEU G 132 -11.24 -14.15 31.95
N PRO G 133 -12.46 -13.63 31.79
CA PRO G 133 -13.66 -14.49 31.86
C PRO G 133 -13.65 -15.57 30.80
N PRO G 134 -14.45 -16.63 30.96
CA PRO G 134 -14.48 -17.68 29.93
C PRO G 134 -15.18 -17.24 28.67
N PHE G 135 -14.38 -16.95 27.63
CA PHE G 135 -14.89 -16.71 26.29
C PHE G 135 -13.77 -17.03 25.30
N THR G 136 -14.15 -17.63 24.18
CA THR G 136 -13.18 -18.20 23.24
C THR G 136 -13.00 -17.27 22.05
N LEU G 137 -11.75 -16.96 21.74
CA LEU G 137 -11.42 -16.12 20.61
C LEU G 137 -11.40 -16.95 19.34
N VAL G 138 -11.96 -16.38 18.26
CA VAL G 138 -12.05 -17.06 16.98
C VAL G 138 -11.42 -16.17 15.92
N GLY G 139 -10.94 -16.79 14.84
CA GLY G 139 -10.35 -16.07 13.72
C GLY G 139 -11.00 -16.53 12.42
N ALA G 140 -11.19 -15.58 11.51
CA ALA G 140 -11.88 -15.84 10.24
C ALA G 140 -11.10 -15.23 9.09
N THR G 141 -9.80 -15.52 9.04
CA THR G 141 -8.92 -14.97 8.02
C THR G 141 -9.20 -15.63 6.67
N THR G 142 -8.42 -15.21 5.65
CA THR G 142 -8.55 -15.76 4.31
C THR G 142 -7.56 -16.91 4.07
N ARG G 143 -6.27 -16.63 4.17
CA ARG G 143 -5.23 -17.62 3.91
C ARG G 143 -4.35 -17.78 5.13
N ALA G 144 -4.13 -19.03 5.56
CA ALA G 144 -3.35 -19.32 6.74
C ALA G 144 -1.86 -19.50 6.47
N GLY G 145 -1.44 -19.54 5.21
CA GLY G 145 -0.02 -19.61 4.92
C GLY G 145 0.70 -18.35 5.32
N MET G 146 0.10 -17.20 5.04
CA MET G 146 0.61 -15.93 5.53
C MET G 146 0.39 -15.74 7.02
N LEU G 147 -0.50 -16.51 7.63
CA LEU G 147 -0.55 -16.56 9.08
C LEU G 147 0.67 -17.27 9.63
N THR G 148 1.05 -16.90 10.84
CA THR G 148 2.21 -17.52 11.49
C THR G 148 1.92 -18.96 11.85
N ASN G 149 2.93 -19.81 11.67
CA ASN G 149 2.81 -21.22 12.03
C ASN G 149 2.49 -21.48 13.51
N PRO G 150 3.09 -20.79 14.51
CA PRO G 150 2.65 -21.04 15.89
C PRO G 150 1.18 -20.71 16.14
N LEU G 151 0.67 -19.64 15.55
CA LEU G 151 -0.73 -19.32 15.75
C LEU G 151 -1.63 -20.30 15.00
N ARG G 152 -1.17 -20.76 13.83
CA ARG G 152 -1.92 -21.76 13.08
C ARG G 152 -1.98 -23.09 13.84
N ASP G 153 -0.87 -23.46 14.48
CA ASP G 153 -0.84 -24.71 15.22
C ASP G 153 -1.60 -24.61 16.53
N ARG G 154 -1.54 -23.45 17.19
CA ARG G 154 -2.12 -23.34 18.52
C ARG G 154 -3.64 -23.26 18.49
N PHE G 155 -4.22 -22.72 17.42
CA PHE G 155 -5.66 -22.59 17.32
C PHE G 155 -6.29 -23.92 16.94
N GLY G 156 -7.40 -24.26 17.62
CA GLY G 156 -8.03 -25.55 17.45
C GLY G 156 -8.81 -25.75 16.17
N ILE G 157 -9.92 -25.05 16.02
CA ILE G 157 -10.77 -25.26 14.84
C ILE G 157 -10.19 -24.50 13.66
N VAL G 158 -9.84 -25.24 12.61
CA VAL G 158 -9.41 -24.67 11.35
C VAL G 158 -10.27 -25.28 10.24
N GLN G 159 -10.63 -24.46 9.25
CA GLN G 159 -11.52 -24.90 8.20
C GLN G 159 -11.37 -23.99 6.99
N ARG G 160 -11.53 -24.60 5.82
CA ARG G 160 -11.55 -23.86 4.57
C ARG G 160 -12.97 -23.41 4.27
N LEU G 161 -13.12 -22.14 3.91
CA LEU G 161 -14.37 -21.61 3.39
C LEU G 161 -14.22 -21.51 1.88
N GLU G 162 -15.17 -22.09 1.15
CA GLU G 162 -15.05 -22.26 -0.30
C GLU G 162 -16.24 -21.64 -1.00
N PHE G 163 -16.05 -21.35 -2.28
CA PHE G 163 -17.13 -20.83 -3.10
C PHE G 163 -18.19 -21.91 -3.30
N TYR G 164 -19.44 -21.49 -3.36
CA TYR G 164 -20.55 -22.42 -3.35
C TYR G 164 -20.87 -22.88 -4.77
N ASN G 165 -21.36 -24.12 -4.88
CA ASN G 165 -21.69 -24.69 -6.17
C ASN G 165 -23.00 -24.09 -6.71
N VAL G 166 -23.37 -24.51 -7.92
CA VAL G 166 -24.47 -23.88 -8.63
C VAL G 166 -25.81 -24.17 -7.96
N GLU G 167 -25.98 -25.38 -7.42
CA GLU G 167 -27.25 -25.72 -6.78
C GLU G 167 -27.47 -24.92 -5.50
N ASP G 168 -26.44 -24.81 -4.66
CA ASP G 168 -26.61 -24.06 -3.42
C ASP G 168 -26.73 -22.57 -3.67
N LEU G 169 -25.95 -22.04 -4.62
CA LEU G 169 -26.04 -20.63 -4.94
C LEU G 169 -27.39 -20.28 -5.55
N ALA G 170 -27.92 -21.17 -6.39
CA ALA G 170 -29.25 -20.96 -6.95
C ALA G 170 -30.32 -21.04 -5.87
N THR G 171 -30.16 -21.96 -4.92
CA THR G 171 -31.10 -22.06 -3.80
C THR G 171 -31.04 -20.81 -2.93
N ILE G 172 -29.83 -20.28 -2.72
CA ILE G 172 -29.66 -19.07 -1.94
C ILE G 172 -30.30 -17.89 -2.66
N VAL G 173 -30.13 -17.82 -3.98
CA VAL G 173 -30.78 -16.78 -4.78
C VAL G 173 -32.29 -16.89 -4.69
N SER G 174 -32.81 -18.12 -4.76
CA SER G 174 -34.24 -18.34 -4.69
C SER G 174 -34.80 -17.95 -3.33
N ARG G 175 -34.11 -18.30 -2.24
CA ARG G 175 -34.63 -17.98 -0.92
C ARG G 175 -34.49 -16.50 -0.62
N SER G 176 -33.46 -15.84 -1.16
CA SER G 176 -33.32 -14.40 -0.96
C SER G 176 -34.37 -13.65 -1.74
N ALA G 177 -34.71 -14.12 -2.95
CA ALA G 177 -35.83 -13.55 -3.68
C ALA G 177 -37.15 -13.82 -2.95
N GLY G 178 -37.22 -14.94 -2.24
CA GLY G 178 -38.37 -15.20 -1.39
C GLY G 178 -38.48 -14.20 -0.25
N ILE G 179 -37.34 -13.86 0.37
CA ILE G 179 -37.34 -12.79 1.37
C ILE G 179 -37.67 -11.46 0.70
N LEU G 180 -37.18 -11.27 -0.52
CA LEU G 180 -37.49 -10.08 -1.29
C LEU G 180 -38.85 -10.14 -1.95
N GLY G 181 -39.55 -11.27 -1.85
CA GLY G 181 -40.84 -11.42 -2.50
C GLY G 181 -40.77 -11.65 -3.99
N LEU G 182 -39.59 -11.89 -4.53
CA LEU G 182 -39.41 -12.02 -5.96
C LEU G 182 -39.45 -13.48 -6.40
N GLU G 183 -39.71 -13.69 -7.67
CA GLU G 183 -39.82 -15.01 -8.27
C GLU G 183 -38.75 -15.17 -9.33
N ILE G 184 -38.03 -16.29 -9.28
CA ILE G 184 -36.90 -16.56 -10.16
C ILE G 184 -37.16 -17.85 -10.93
N GLU G 185 -36.91 -17.82 -12.23
CA GLU G 185 -36.93 -19.04 -13.00
C GLU G 185 -35.76 -19.93 -12.58
N PRO G 186 -35.98 -21.24 -12.43
CA PRO G 186 -34.88 -22.12 -12.02
C PRO G 186 -33.71 -22.13 -12.99
N GLN G 187 -33.95 -21.97 -14.29
CA GLN G 187 -32.85 -21.89 -15.24
C GLN G 187 -32.10 -20.56 -15.10
N GLY G 188 -32.83 -19.47 -14.87
CA GLY G 188 -32.17 -18.20 -14.58
C GLY G 188 -31.40 -18.25 -13.28
N ALA G 189 -31.95 -18.93 -12.28
CA ALA G 189 -31.23 -19.13 -11.02
C ALA G 189 -29.96 -19.94 -11.26
N ALA G 190 -30.04 -20.98 -12.11
CA ALA G 190 -28.88 -21.79 -12.41
C ALA G 190 -27.79 -20.98 -13.13
N GLU G 191 -28.20 -20.12 -14.08
CA GLU G 191 -27.19 -19.37 -14.82
C GLU G 191 -26.55 -18.28 -13.95
N ILE G 192 -27.33 -17.64 -13.06
CA ILE G 192 -26.71 -16.64 -12.21
C ILE G 192 -25.89 -17.30 -11.12
N ALA G 193 -26.23 -18.55 -10.76
CA ALA G 193 -25.46 -19.27 -9.76
C ALA G 193 -24.14 -19.76 -10.33
N LYS G 194 -24.14 -20.25 -11.57
CA LYS G 194 -22.90 -20.65 -12.20
C LYS G 194 -22.06 -19.44 -12.61
N ARG G 195 -22.68 -18.26 -12.74
CA ARG G 195 -21.90 -17.04 -12.86
C ARG G 195 -21.52 -16.54 -11.45
N ALA G 196 -20.82 -15.41 -11.42
CA ALA G 196 -20.45 -14.68 -10.20
C ALA G 196 -19.62 -15.52 -9.23
N ARG G 197 -18.88 -16.49 -9.75
CA ARG G 197 -17.93 -17.34 -9.02
C ARG G 197 -18.58 -18.15 -7.90
N GLY G 198 -19.90 -18.25 -7.87
CA GLY G 198 -20.61 -19.02 -6.86
C GLY G 198 -20.42 -18.51 -5.44
N THR G 199 -20.50 -17.20 -5.25
CA THR G 199 -20.29 -16.59 -3.95
C THR G 199 -21.53 -15.83 -3.51
N PRO G 200 -22.08 -16.13 -2.32
CA PRO G 200 -23.40 -15.61 -1.94
C PRO G 200 -23.49 -14.11 -1.82
N ARG G 201 -22.43 -13.42 -1.40
CA ARG G 201 -22.46 -11.97 -1.35
C ARG G 201 -22.58 -11.39 -2.75
N ILE G 202 -21.73 -11.87 -3.66
CA ILE G 202 -21.79 -11.44 -5.05
C ILE G 202 -23.06 -11.96 -5.71
N ALA G 203 -23.54 -13.14 -5.29
CA ALA G 203 -24.81 -13.64 -5.82
C ALA G 203 -25.96 -12.73 -5.42
N ASN G 204 -25.97 -12.24 -4.19
CA ASN G 204 -27.00 -11.31 -3.76
C ASN G 204 -26.89 -9.98 -4.48
N ARG G 205 -25.66 -9.51 -4.69
CA ARG G 205 -25.47 -8.27 -5.43
C ARG G 205 -25.97 -8.40 -6.86
N LEU G 206 -25.68 -9.54 -7.49
CA LEU G 206 -26.19 -9.82 -8.83
C LEU G 206 -27.70 -9.93 -8.82
N LEU G 207 -28.27 -10.51 -7.77
CA LEU G 207 -29.71 -10.59 -7.64
C LEU G 207 -30.33 -9.20 -7.57
N ARG G 208 -29.67 -8.29 -6.84
CA ARG G 208 -30.14 -6.91 -6.78
C ARG G 208 -30.05 -6.24 -8.14
N ARG G 209 -28.96 -6.47 -8.88
CA ARG G 209 -28.83 -5.85 -10.20
C ARG G 209 -29.87 -6.41 -11.17
N VAL G 210 -30.12 -7.71 -11.12
CA VAL G 210 -31.07 -8.33 -12.03
C VAL G 210 -32.50 -7.92 -11.67
N ARG G 211 -32.81 -7.80 -10.39
CA ARG G 211 -34.15 -7.32 -10.02
C ARG G 211 -34.32 -5.85 -10.36
N ASP G 212 -33.24 -5.06 -10.35
CA ASP G 212 -33.34 -3.69 -10.84
C ASP G 212 -33.56 -3.67 -12.35
N PHE G 213 -32.93 -4.60 -13.06
CA PHE G 213 -33.18 -4.76 -14.50
C PHE G 213 -34.64 -5.09 -14.77
N ALA G 214 -35.19 -6.01 -13.98
CA ALA G 214 -36.60 -6.38 -14.13
C ALA G 214 -37.54 -5.28 -13.64
N GLU G 215 -37.05 -4.37 -12.79
CA GLU G 215 -37.84 -3.21 -12.43
C GLU G 215 -37.82 -2.15 -13.53
N VAL G 216 -36.73 -2.06 -14.29
CA VAL G 216 -36.59 -1.05 -15.32
C VAL G 216 -37.01 -1.61 -16.67
N ARG G 217 -36.30 -2.64 -17.14
CA ARG G 217 -36.53 -3.15 -18.48
C ARG G 217 -37.62 -4.21 -18.48
N GLY G 218 -37.64 -5.06 -17.46
CA GLY G 218 -38.72 -6.01 -17.32
C GLY G 218 -39.98 -5.38 -16.78
N GLN G 219 -41.07 -6.14 -16.81
CA GLN G 219 -42.35 -5.72 -16.28
C GLN G 219 -42.92 -6.78 -15.36
N GLY G 220 -42.07 -7.39 -14.54
CA GLY G 220 -42.53 -8.45 -13.66
C GLY G 220 -41.37 -9.18 -13.02
N ASP G 221 -41.60 -10.44 -12.69
CA ASP G 221 -40.58 -11.26 -12.06
C ASP G 221 -39.50 -11.64 -13.05
N ILE G 222 -38.41 -12.19 -12.53
CA ILE G 222 -37.25 -12.51 -13.35
C ILE G 222 -37.38 -13.93 -13.89
N THR G 223 -37.26 -14.06 -15.20
CA THR G 223 -37.17 -15.34 -15.87
C THR G 223 -35.74 -15.57 -16.34
N ARG G 224 -35.54 -16.67 -17.07
CA ARG G 224 -34.24 -16.91 -17.68
C ARG G 224 -33.94 -15.88 -18.75
N VAL G 225 -34.95 -15.50 -19.53
CA VAL G 225 -34.75 -14.50 -20.59
C VAL G 225 -34.43 -13.14 -19.98
N ILE G 226 -35.17 -12.75 -18.94
CA ILE G 226 -34.93 -11.46 -18.28
C ILE G 226 -33.55 -11.43 -17.64
N ALA G 227 -33.17 -12.52 -16.97
CA ALA G 227 -31.85 -12.60 -16.35
C ALA G 227 -30.75 -12.57 -17.40
N ASP G 228 -30.94 -13.28 -18.52
CA ASP G 228 -29.94 -13.29 -19.58
C ASP G 228 -29.78 -11.91 -20.20
N LYS G 229 -30.89 -11.21 -20.43
CA LYS G 229 -30.81 -9.86 -20.96
C LYS G 229 -30.16 -8.90 -19.95
N ALA G 230 -30.37 -9.16 -18.66
CA ALA G 230 -29.67 -8.39 -17.63
C ALA G 230 -28.17 -8.62 -17.70
N LEU G 231 -27.75 -9.87 -17.85
CA LEU G 231 -26.32 -10.17 -17.89
C LEU G 231 -25.69 -9.63 -19.17
N ASN G 232 -26.42 -9.68 -20.29
CA ASN G 232 -25.91 -9.11 -21.53
C ASN G 232 -25.83 -7.60 -21.45
N LEU G 233 -26.82 -6.96 -20.81
CA LEU G 233 -26.76 -5.52 -20.62
C LEU G 233 -25.65 -5.13 -19.66
N LEU G 234 -25.41 -5.97 -18.65
CA LEU G 234 -24.27 -5.78 -17.75
C LEU G 234 -22.98 -6.35 -18.32
N ASP G 235 -23.04 -6.93 -19.53
CA ASP G 235 -21.91 -7.59 -20.19
C ASP G 235 -21.33 -8.69 -19.30
N VAL G 236 -22.18 -9.64 -18.96
CA VAL G 236 -21.80 -10.78 -18.14
C VAL G 236 -22.05 -12.02 -18.98
N ASP G 237 -20.98 -12.73 -19.32
CA ASP G 237 -21.10 -13.93 -20.14
C ASP G 237 -21.40 -15.12 -19.23
N GLU G 238 -21.31 -16.33 -19.81
CA GLU G 238 -21.46 -17.54 -19.02
C GLU G 238 -20.33 -17.71 -18.02
N ARG G 239 -19.18 -17.08 -18.26
CA ARG G 239 -18.06 -17.12 -17.34
C ARG G 239 -18.14 -16.04 -16.27
N GLY G 240 -19.16 -15.20 -16.30
CA GLY G 240 -19.27 -14.13 -15.32
C GLY G 240 -18.18 -13.10 -15.43
N PHE G 241 -17.80 -12.73 -16.65
CA PHE G 241 -16.67 -11.84 -16.85
C PHE G 241 -17.02 -10.40 -16.53
N ASP G 242 -16.04 -9.69 -16.00
CA ASP G 242 -16.11 -8.24 -15.83
C ASP G 242 -15.19 -7.56 -16.83
N HIS G 243 -15.48 -6.29 -17.09
CA HIS G 243 -14.77 -5.54 -18.12
C HIS G 243 -13.29 -5.38 -17.76
N LEU G 244 -13.02 -5.08 -16.48
CA LEU G 244 -11.64 -5.06 -16.01
C LEU G 244 -11.02 -6.45 -16.08
N ASP G 245 -11.79 -7.49 -15.76
CA ASP G 245 -11.28 -8.85 -15.86
C ASP G 245 -10.95 -9.22 -17.30
N ARG G 246 -11.83 -8.85 -18.24
CA ARG G 246 -11.57 -9.09 -19.64
C ARG G 246 -10.35 -8.31 -20.11
N ARG G 247 -10.18 -7.10 -19.59
CA ARG G 247 -9.00 -6.30 -19.92
C ARG G 247 -7.72 -6.97 -19.44
N LEU G 248 -7.74 -7.49 -18.21
CA LEU G 248 -6.57 -8.22 -17.70
C LEU G 248 -6.31 -9.47 -18.52
N LEU G 249 -7.36 -10.17 -18.92
CA LEU G 249 -7.19 -11.35 -19.76
C LEU G 249 -6.56 -10.98 -21.08
N LEU G 250 -7.00 -9.89 -21.70
CA LEU G 250 -6.44 -9.45 -22.96
C LEU G 250 -4.97 -9.07 -22.81
N THR G 251 -4.63 -8.38 -21.72
CA THR G 251 -3.24 -8.00 -21.50
C THR G 251 -2.35 -9.21 -21.30
N MET G 252 -2.83 -10.19 -20.52
CA MET G 252 -1.97 -11.32 -20.22
C MET G 252 -1.82 -12.25 -21.43
N ILE G 253 -2.86 -12.38 -22.25
CA ILE G 253 -2.73 -13.27 -23.40
C ILE G 253 -2.15 -12.58 -24.62
N ASP G 254 -2.15 -11.25 -24.65
CA ASP G 254 -1.69 -10.53 -25.83
C ASP G 254 -0.40 -9.77 -25.59
N LYS G 255 -0.37 -8.94 -24.54
CA LYS G 255 0.82 -8.15 -24.29
C LYS G 255 1.96 -9.01 -23.76
N PHE G 256 1.64 -10.08 -23.04
CA PHE G 256 2.66 -10.85 -22.35
C PHE G 256 2.70 -12.31 -22.72
N ASP G 257 1.83 -12.78 -23.62
CA ASP G 257 1.81 -14.15 -24.13
C ASP G 257 1.63 -15.16 -22.99
N GLY G 258 0.47 -15.08 -22.34
CA GLY G 258 0.18 -15.90 -21.18
C GLY G 258 0.53 -15.23 -19.86
N GLY G 259 1.36 -14.20 -19.89
CA GLY G 259 1.74 -13.48 -18.70
C GLY G 259 2.57 -14.24 -17.69
N PRO G 260 3.82 -14.63 -18.05
CA PRO G 260 4.71 -15.26 -17.08
C PRO G 260 5.50 -14.21 -16.28
N VAL G 261 4.79 -13.21 -15.75
CA VAL G 261 5.40 -12.07 -15.09
C VAL G 261 4.73 -11.90 -13.73
N GLY G 262 5.46 -11.28 -12.81
CA GLY G 262 5.02 -11.22 -11.43
C GLY G 262 3.78 -10.35 -11.27
N ILE G 263 3.10 -10.54 -10.14
CA ILE G 263 1.85 -9.85 -9.85
C ILE G 263 2.09 -8.36 -9.70
N ASP G 264 3.29 -7.96 -9.29
CA ASP G 264 3.62 -6.55 -9.16
C ASP G 264 3.52 -5.82 -10.49
N ASN G 265 4.03 -6.44 -11.55
CA ASN G 265 4.06 -5.80 -12.86
C ASN G 265 2.66 -5.62 -13.41
N LEU G 266 1.85 -6.67 -13.34
CA LEU G 266 0.49 -6.60 -13.86
C LEU G 266 -0.39 -5.68 -13.00
N ALA G 267 -0.16 -5.69 -11.68
CA ALA G 267 -0.93 -4.82 -10.79
C ALA G 267 -0.60 -3.36 -11.05
N ALA G 268 0.67 -3.06 -11.31
CA ALA G 268 1.04 -1.69 -11.67
C ALA G 268 0.50 -1.33 -13.04
N ALA G 269 0.46 -2.29 -13.96
CA ALA G 269 -0.11 -2.04 -15.28
C ALA G 269 -1.59 -1.70 -15.19
N LEU G 270 -2.30 -2.39 -14.30
CA LEU G 270 -3.66 -1.99 -14.00
C LEU G 270 -3.70 -0.74 -13.12
N SER G 271 -2.59 -0.41 -12.46
CA SER G 271 -2.53 0.58 -11.38
C SER G 271 -3.56 0.23 -10.30
N GLU G 272 -3.36 -0.94 -9.71
CA GLU G 272 -4.22 -1.46 -8.68
C GLU G 272 -3.38 -2.31 -7.72
N GLU G 273 -3.98 -2.66 -6.59
CA GLU G 273 -3.27 -3.32 -5.52
C GLU G 273 -3.01 -4.79 -5.85
N ARG G 274 -1.97 -5.33 -5.22
CA ARG G 274 -1.67 -6.76 -5.35
C ARG G 274 -2.79 -7.58 -4.75
N HIS G 275 -3.26 -7.20 -3.56
CA HIS G 275 -4.32 -7.95 -2.89
C HIS G 275 -5.62 -7.87 -3.67
N THR G 276 -5.91 -6.70 -4.24
CA THR G 276 -7.09 -6.57 -5.09
C THR G 276 -6.97 -7.45 -6.32
N ILE G 277 -5.77 -7.48 -6.91
CA ILE G 277 -5.54 -8.30 -8.09
C ILE G 277 -5.79 -9.78 -7.78
N GLU G 278 -5.22 -10.26 -6.68
CA GLU G 278 -5.33 -11.68 -6.38
C GLU G 278 -6.76 -12.03 -5.94
N ASP G 279 -7.36 -11.22 -5.07
CA ASP G 279 -8.68 -11.62 -4.58
C ASP G 279 -9.75 -11.45 -5.66
N VAL G 280 -9.45 -10.72 -6.74
CA VAL G 280 -10.27 -10.87 -7.93
C VAL G 280 -9.93 -12.16 -8.65
N LEU G 281 -8.64 -12.48 -8.82
CA LEU G 281 -8.31 -13.48 -9.83
C LEU G 281 -8.50 -14.91 -9.33
N GLU G 282 -7.87 -15.28 -8.20
CA GLU G 282 -7.84 -16.69 -7.80
C GLU G 282 -9.19 -17.37 -7.62
N PRO G 283 -10.22 -16.78 -6.98
CA PRO G 283 -11.47 -17.54 -6.77
C PRO G 283 -12.18 -17.94 -8.05
N TYR G 284 -11.85 -17.33 -9.18
CA TYR G 284 -12.40 -17.83 -10.43
C TYR G 284 -11.33 -18.40 -11.35
N LEU G 285 -10.10 -17.88 -11.30
CA LEU G 285 -9.03 -18.41 -12.14
C LEU G 285 -8.62 -19.81 -11.74
N ILE G 286 -8.53 -20.08 -10.43
CA ILE G 286 -8.13 -21.39 -9.96
C ILE G 286 -9.22 -22.41 -10.23
N GLN G 287 -10.47 -22.05 -9.93
CA GLN G 287 -11.58 -22.99 -10.09
C GLN G 287 -11.90 -23.25 -11.55
N GLN G 288 -11.49 -22.36 -12.46
CA GLN G 288 -11.69 -22.61 -13.88
C GLN G 288 -10.45 -23.14 -14.56
N GLY G 289 -9.30 -23.15 -13.88
CA GLY G 289 -8.07 -23.65 -14.48
C GLY G 289 -7.59 -22.84 -15.66
N TYR G 290 -7.60 -21.52 -15.54
CA TYR G 290 -7.19 -20.67 -16.64
C TYR G 290 -5.82 -20.02 -16.42
N ILE G 291 -5.28 -20.09 -15.21
CA ILE G 291 -3.92 -19.63 -14.95
C ILE G 291 -3.38 -20.40 -13.75
N MET G 292 -2.08 -20.72 -13.81
CA MET G 292 -1.35 -21.12 -12.62
C MET G 292 -0.27 -20.09 -12.33
N ARG G 293 0.34 -20.20 -11.15
CA ARG G 293 1.37 -19.28 -10.71
C ARG G 293 2.73 -19.96 -10.80
N THR G 294 3.69 -19.26 -11.40
CA THR G 294 5.07 -19.68 -11.47
C THR G 294 5.90 -18.61 -10.80
N PRO G 295 7.12 -18.94 -10.32
CA PRO G 295 8.01 -17.88 -9.83
C PRO G 295 8.35 -16.85 -10.88
N ARG G 296 8.36 -17.24 -12.15
CA ARG G 296 8.40 -16.25 -13.23
C ARG G 296 7.14 -15.41 -13.23
N GLY G 297 5.97 -16.04 -13.12
CA GLY G 297 4.75 -15.27 -13.04
C GLY G 297 3.51 -16.14 -13.14
N ARG G 298 2.38 -15.50 -12.85
CA ARG G 298 1.07 -16.14 -12.96
C ARG G 298 0.73 -16.31 -14.44
N VAL G 299 1.32 -17.36 -15.03
CA VAL G 299 1.14 -17.58 -16.46
C VAL G 299 -0.18 -18.30 -16.69
N VAL G 300 -0.87 -17.91 -17.77
CA VAL G 300 -2.18 -18.47 -18.05
C VAL G 300 -2.03 -19.86 -18.66
N THR G 301 -3.08 -20.67 -18.52
CA THR G 301 -3.09 -21.99 -19.12
C THR G 301 -3.35 -21.88 -20.63
N ARG G 302 -3.20 -23.02 -21.31
CA ARG G 302 -3.65 -23.12 -22.69
C ARG G 302 -5.16 -23.04 -22.79
N HIS G 303 -5.86 -23.42 -21.71
CA HIS G 303 -7.31 -23.36 -21.69
C HIS G 303 -7.81 -21.91 -21.78
N ALA G 304 -7.13 -20.99 -21.10
CA ALA G 304 -7.50 -19.59 -21.19
C ALA G 304 -7.27 -19.04 -22.59
N TYR G 305 -6.16 -19.43 -23.22
CA TYR G 305 -5.86 -18.96 -24.56
C TYR G 305 -6.85 -19.50 -25.57
N LEU G 306 -7.19 -20.78 -25.45
CA LEU G 306 -8.14 -21.40 -26.35
C LEU G 306 -9.59 -21.06 -26.00
N HIS G 307 -9.83 -20.41 -24.86
CA HIS G 307 -11.16 -19.90 -24.57
C HIS G 307 -11.57 -18.84 -25.58
N PHE G 308 -10.65 -17.96 -25.95
CA PHE G 308 -10.92 -16.93 -26.93
C PHE G 308 -10.57 -17.37 -28.34
N GLY G 309 -10.54 -18.68 -28.58
CA GLY G 309 -10.27 -19.21 -29.91
C GLY G 309 -8.87 -18.93 -30.41
N LEU G 310 -7.87 -18.98 -29.53
CA LEU G 310 -6.49 -18.69 -29.90
C LEU G 310 -5.67 -19.93 -29.71
N ASN G 311 -4.99 -20.36 -30.78
CA ASN G 311 -4.23 -21.60 -30.75
C ASN G 311 -2.84 -21.37 -30.16
N ILE G 312 -2.40 -22.32 -29.35
CA ILE G 312 -1.11 -22.18 -28.65
C ILE G 312 0.02 -22.27 -29.67
N PRO G 313 0.90 -21.26 -29.74
CA PRO G 313 2.05 -21.27 -30.66
C PRO G 313 3.21 -22.12 -30.13
N VAL H 1 -6.58 5.53 46.88
CA VAL H 1 -5.34 5.29 46.18
C VAL H 1 -4.48 4.31 47.00
N SER H 2 -3.79 3.40 46.31
CA SER H 2 -2.95 2.42 46.96
C SER H 2 -1.85 1.99 45.99
N SER H 3 -1.08 0.98 46.40
CA SER H 3 -0.01 0.47 45.54
C SER H 3 -0.57 -0.27 44.34
N ALA H 4 -1.77 -0.87 44.47
CA ALA H 4 -2.39 -1.53 43.34
C ALA H 4 -2.76 -0.54 42.24
N GLU H 5 -3.21 0.66 42.64
CA GLU H 5 -3.56 1.68 41.66
C GLU H 5 -2.34 2.21 40.93
N ALA H 6 -1.25 2.45 41.66
CA ALA H 6 -0.01 2.90 41.03
C ALA H 6 0.58 1.81 40.14
N ASP H 7 0.47 0.56 40.56
CA ASP H 7 0.91 -0.57 39.73
C ASP H 7 0.06 -0.67 38.46
N ALA H 8 -1.24 -0.43 38.58
CA ALA H 8 -2.11 -0.41 37.42
C ALA H 8 -1.73 0.71 36.45
N VAL H 9 -1.42 1.90 36.99
CA VAL H 9 -1.02 3.03 36.15
C VAL H 9 0.28 2.72 35.43
N SER H 10 1.25 2.15 36.16
CA SER H 10 2.55 1.81 35.57
C SER H 10 2.42 0.70 34.52
N ALA H 11 1.57 -0.30 34.79
CA ALA H 11 1.36 -1.37 33.82
C ALA H 11 0.67 -0.86 32.57
N LEU H 12 -0.29 0.05 32.73
CA LEU H 12 -0.95 0.63 31.56
C LEU H 12 0.00 1.51 30.77
N ILE H 13 0.91 2.21 31.46
CA ILE H 13 1.90 3.02 30.78
C ILE H 13 2.87 2.15 29.99
N ALA H 14 3.36 1.07 30.62
CA ALA H 14 4.27 0.16 29.93
C ALA H 14 3.58 -0.59 28.80
N LEU H 15 2.26 -0.80 28.92
CA LEU H 15 1.49 -1.38 27.84
C LEU H 15 1.39 -0.44 26.64
N GLY H 16 1.48 0.87 26.87
CA GLY H 16 1.41 1.85 25.81
C GLY H 16 0.31 2.88 25.97
N PHE H 17 -0.47 2.82 27.05
CA PHE H 17 -1.52 3.82 27.25
C PHE H 17 -0.92 5.13 27.70
N LYS H 18 -1.61 6.22 27.37
CA LYS H 18 -1.16 7.54 27.77
C LYS H 18 -1.32 7.68 29.28
N PRO H 19 -0.32 8.23 29.98
CA PRO H 19 -0.34 8.21 31.46
C PRO H 19 -1.49 8.97 32.09
N GLN H 20 -1.95 10.07 31.48
CA GLN H 20 -3.00 10.86 32.10
C GLN H 20 -4.35 10.14 32.00
N GLU H 21 -4.65 9.55 30.84
CA GLU H 21 -5.91 8.84 30.70
C GLU H 21 -5.86 7.47 31.38
N ALA H 22 -4.68 6.84 31.44
CA ALA H 22 -4.54 5.63 32.23
C ALA H 22 -4.76 5.91 33.71
N SER H 23 -4.21 7.03 34.20
CA SER H 23 -4.42 7.42 35.59
C SER H 23 -5.88 7.78 35.85
N ARG H 24 -6.53 8.43 34.88
CA ARG H 24 -7.94 8.75 35.03
C ARG H 24 -8.80 7.49 35.06
N ALA H 25 -8.49 6.51 34.22
CA ALA H 25 -9.23 5.25 34.22
C ALA H 25 -9.00 4.48 35.51
N VAL H 26 -7.78 4.51 36.04
CA VAL H 26 -7.49 3.87 37.32
C VAL H 26 -8.23 4.58 38.46
N ALA H 27 -8.22 5.91 38.47
CA ALA H 27 -8.85 6.66 39.56
C ALA H 27 -10.37 6.65 39.47
N ALA H 28 -10.92 6.41 38.27
CA ALA H 28 -12.36 6.34 38.13
C ALA H 28 -12.93 5.12 38.84
N VAL H 29 -12.26 3.98 38.71
CA VAL H 29 -12.67 2.74 39.38
C VAL H 29 -11.49 2.11 40.10
N PRO H 30 -11.13 2.62 41.28
CA PRO H 30 -9.99 2.07 42.01
C PRO H 30 -10.31 0.73 42.64
N GLY H 31 -9.27 -0.07 42.85
CA GLY H 31 -9.39 -1.31 43.57
C GLY H 31 -9.10 -1.14 45.04
N GLU H 32 -9.85 -0.26 45.70
CA GLU H 32 -9.68 -0.07 47.14
C GLU H 32 -10.12 -1.31 47.90
N ASP H 33 -11.20 -1.96 47.45
CA ASP H 33 -11.71 -3.16 48.08
C ASP H 33 -11.67 -4.37 47.15
N LEU H 34 -10.86 -4.30 46.10
CA LEU H 34 -10.83 -5.37 45.11
C LEU H 34 -9.47 -5.39 44.43
N SER H 35 -9.20 -6.48 43.71
CA SER H 35 -7.87 -6.76 43.20
C SER H 35 -7.50 -5.81 42.07
N SER H 36 -6.19 -5.76 41.77
CA SER H 36 -5.69 -4.88 40.73
C SER H 36 -6.12 -5.34 39.34
N GLU H 37 -6.20 -6.65 39.13
CA GLU H 37 -6.65 -7.15 37.83
C GLU H 37 -8.11 -6.80 37.57
N GLU H 38 -8.93 -6.79 38.63
CA GLU H 38 -10.35 -6.46 38.47
C GLU H 38 -10.55 -4.98 38.19
N MET H 39 -9.79 -4.10 38.87
CA MET H 39 -9.98 -2.68 38.59
C MET H 39 -9.35 -2.28 37.28
N ILE H 40 -8.29 -2.99 36.85
CA ILE H 40 -7.79 -2.82 35.49
C ILE H 40 -8.83 -3.26 34.47
N ARG H 41 -9.55 -4.36 34.76
CA ARG H 41 -10.65 -4.77 33.88
C ARG H 41 -11.73 -3.70 33.80
N GLN H 42 -12.14 -3.16 34.95
CA GLN H 42 -13.21 -2.17 34.96
C GLN H 42 -12.77 -0.86 34.31
N ALA H 43 -11.49 -0.50 34.46
CA ALA H 43 -10.96 0.69 33.79
C ALA H 43 -10.90 0.48 32.28
N LEU H 44 -10.46 -0.71 31.84
CA LEU H 44 -10.39 -0.99 30.42
C LEU H 44 -11.76 -1.13 29.80
N LYS H 45 -12.77 -1.44 30.61
CA LYS H 45 -14.16 -1.36 30.15
C LYS H 45 -14.62 0.09 30.04
N GLY H 46 -13.92 1.03 30.67
CA GLY H 46 -14.36 2.41 30.67
C GLY H 46 -14.27 3.05 29.30
N MET H 47 -13.12 2.92 28.64
CA MET H 47 -12.97 3.43 27.28
C MET H 47 -13.28 2.39 26.22
N VAL H 48 -13.69 1.19 26.62
CA VAL H 48 -14.11 0.10 25.74
C VAL H 48 -13.02 -0.32 24.77
N ARG I 1 -16.89 27.49 -18.97
CA ARG I 1 -17.03 27.02 -20.34
C ARG I 1 -16.30 25.70 -20.55
N ALA I 2 -16.15 24.94 -19.47
CA ALA I 2 -15.50 23.64 -19.53
C ALA I 2 -16.43 22.61 -20.15
N ILE I 3 -15.87 21.43 -20.45
CA ILE I 3 -16.63 20.37 -21.09
C ILE I 3 -17.60 19.75 -20.10
N ARG I 4 -18.83 19.47 -20.57
CA ARG I 4 -19.87 18.90 -19.72
C ARG I 4 -20.92 18.21 -20.58
N PRO I 5 -21.16 16.91 -20.39
CA PRO I 5 -22.36 16.29 -20.97
C PRO I 5 -23.57 16.60 -20.10
N LEU I 6 -24.59 17.22 -20.69
CA LEU I 6 -25.69 17.78 -19.92
C LEU I 6 -26.46 16.71 -19.17
N LYS I 7 -26.70 15.57 -19.79
CA LYS I 7 -27.37 14.45 -19.15
C LYS I 7 -26.53 13.20 -19.28
N LEU I 8 -26.82 12.24 -18.40
CA LEU I 8 -26.19 10.93 -18.50
C LEU I 8 -26.64 10.22 -19.78
N ALA I 9 -27.89 10.42 -20.19
CA ALA I 9 -28.32 9.99 -21.51
C ALA I 9 -27.58 10.76 -22.59
N ASP I 10 -27.36 12.05 -22.39
CA ASP I 10 -26.59 12.85 -23.33
C ASP I 10 -25.09 12.54 -23.26
N TYR I 11 -24.65 11.84 -22.23
CA TYR I 11 -23.25 11.50 -22.11
C TYR I 11 -22.84 10.48 -23.17
N ILE I 12 -21.68 10.71 -23.77
CA ILE I 12 -21.13 9.80 -24.77
C ILE I 12 -19.67 9.53 -24.44
N GLY I 13 -19.18 8.40 -24.93
CA GLY I 13 -17.82 7.99 -24.66
C GLY I 13 -17.74 6.65 -23.98
N GLN I 14 -18.68 6.38 -23.07
CA GLN I 14 -18.84 5.06 -22.47
C GLN I 14 -20.31 4.69 -22.64
N PRO I 15 -20.70 4.29 -23.87
CA PRO I 15 -22.13 4.02 -24.12
C PRO I 15 -22.70 2.88 -23.32
N SER I 16 -21.90 1.84 -23.06
CA SER I 16 -22.35 0.76 -22.20
C SER I 16 -22.57 1.26 -20.79
N VAL I 17 -21.59 1.99 -20.24
CA VAL I 17 -21.71 2.56 -18.90
C VAL I 17 -22.84 3.58 -18.87
N ARG I 18 -23.04 4.29 -19.98
CA ARG I 18 -24.21 5.16 -20.11
C ARG I 18 -25.50 4.35 -20.02
N GLU I 19 -25.51 3.15 -20.58
CA GLU I 19 -26.70 2.31 -20.50
C GLU I 19 -26.96 1.84 -19.08
N GLN I 20 -25.92 1.41 -18.36
CA GLN I 20 -26.16 0.98 -16.98
C GLN I 20 -26.52 2.16 -16.08
N MET I 21 -25.96 3.35 -16.33
CA MET I 21 -26.37 4.46 -15.47
C MET I 21 -27.78 4.93 -15.80
N GLU I 22 -28.21 4.81 -17.06
CA GLU I 22 -29.61 5.04 -17.39
C GLU I 22 -30.52 4.01 -16.70
N LEU I 23 -30.06 2.76 -16.66
CA LEU I 23 -30.75 1.72 -15.91
C LEU I 23 -30.89 2.12 -14.43
N PHE I 24 -29.83 2.67 -13.85
CA PHE I 24 -29.87 3.05 -12.43
C PHE I 24 -30.80 4.23 -12.22
N ILE I 25 -30.79 5.19 -13.16
CA ILE I 25 -31.65 6.37 -13.05
C ILE I 25 -33.10 5.95 -13.08
N HIS I 26 -33.44 5.05 -14.01
CA HIS I 26 -34.81 4.54 -14.08
C HIS I 26 -35.13 3.64 -12.90
N ALA I 27 -34.13 3.00 -12.30
CA ALA I 27 -34.38 2.20 -11.11
C ALA I 27 -34.74 3.08 -9.93
N ALA I 28 -34.04 4.21 -9.77
CA ALA I 28 -34.37 5.13 -8.69
C ALA I 28 -35.71 5.80 -8.94
N ARG I 29 -35.98 6.23 -10.17
CA ARG I 29 -37.19 6.99 -10.44
C ARG I 29 -38.42 6.10 -10.47
N GLY I 30 -38.32 4.92 -11.08
CA GLY I 30 -39.47 4.03 -11.15
C GLY I 30 -39.85 3.46 -9.80
N ARG I 31 -38.86 3.14 -8.96
CA ARG I 31 -39.16 2.70 -7.61
C ARG I 31 -39.49 3.85 -6.68
N GLN I 32 -39.18 5.09 -7.08
CA GLN I 32 -39.40 6.30 -6.28
C GLN I 32 -38.71 6.20 -4.92
N GLU I 33 -37.53 5.60 -4.92
CA GLU I 33 -36.76 5.41 -3.70
C GLU I 33 -35.37 5.98 -3.89
N ALA I 34 -34.65 6.10 -2.77
CA ALA I 34 -33.25 6.48 -2.83
C ALA I 34 -32.44 5.39 -3.53
N LEU I 35 -31.60 5.81 -4.47
CA LEU I 35 -30.83 4.86 -5.24
C LEU I 35 -29.75 4.25 -4.35
N ASP I 36 -29.26 3.08 -4.75
CA ASP I 36 -28.27 2.36 -3.96
C ASP I 36 -26.95 3.12 -3.88
N HIS I 37 -26.07 2.67 -3.00
CA HIS I 37 -24.73 3.23 -2.97
C HIS I 37 -23.99 2.79 -4.22
N THR I 38 -23.57 3.75 -5.03
CA THR I 38 -22.87 3.46 -6.27
C THR I 38 -21.41 3.86 -6.12
N LEU I 39 -20.52 2.89 -6.33
CA LEU I 39 -19.10 3.12 -6.14
C LEU I 39 -18.45 3.56 -7.44
N ILE I 40 -17.80 4.71 -7.41
CA ILE I 40 -17.24 5.34 -8.60
C ILE I 40 -15.73 5.37 -8.46
N PHE I 41 -15.04 4.98 -9.53
CA PHE I 41 -13.59 4.98 -9.55
C PHE I 41 -13.11 4.89 -10.98
N GLY I 42 -11.95 5.48 -11.24
CA GLY I 42 -11.36 5.47 -12.56
C GLY I 42 -10.15 6.36 -12.67
N PRO I 43 -10.12 7.20 -13.70
CA PRO I 43 -9.06 8.20 -13.79
C PRO I 43 -9.11 9.16 -12.63
N PRO I 44 -7.95 9.69 -12.20
CA PRO I 44 -7.96 10.59 -11.03
C PRO I 44 -8.65 11.92 -11.31
N GLY I 45 -8.26 12.61 -12.37
CA GLY I 45 -8.86 13.89 -12.69
C GLY I 45 -9.80 13.82 -13.87
N LEU I 46 -11.11 13.86 -13.60
CA LEU I 46 -12.08 13.80 -14.68
C LEU I 46 -13.30 14.68 -14.44
N GLY I 47 -13.31 15.51 -13.40
CA GLY I 47 -14.49 16.27 -13.09
C GLY I 47 -15.61 15.38 -12.57
N LYS I 48 -15.28 14.57 -11.57
CA LYS I 48 -16.27 13.68 -10.98
C LYS I 48 -17.39 14.45 -10.29
N THR I 49 -17.05 15.61 -9.72
CA THR I 49 -18.07 16.48 -9.14
C THR I 49 -19.07 16.95 -10.19
N THR I 50 -18.57 17.23 -11.40
CA THR I 50 -19.47 17.57 -12.50
C THR I 50 -20.39 16.40 -12.84
N LEU I 51 -19.85 15.19 -12.84
CA LEU I 51 -20.66 14.00 -13.08
C LEU I 51 -21.72 13.83 -12.02
N ALA I 52 -21.36 14.09 -10.76
CA ALA I 52 -22.31 14.04 -9.65
C ALA I 52 -23.38 15.10 -9.82
N ASN I 53 -23.02 16.28 -10.33
CA ASN I 53 -24.01 17.30 -10.61
C ASN I 53 -24.97 16.87 -11.71
N ILE I 54 -24.45 16.16 -12.73
CA ILE I 54 -25.32 15.63 -13.78
C ILE I 54 -26.28 14.60 -13.19
N ILE I 55 -25.79 13.75 -12.29
CA ILE I 55 -26.64 12.76 -11.64
C ILE I 55 -27.67 13.44 -10.76
N ALA I 56 -27.27 14.53 -10.09
CA ALA I 56 -28.19 15.34 -9.31
C ALA I 56 -29.29 15.92 -10.18
N GLN I 57 -28.93 16.37 -11.38
CA GLN I 57 -29.90 16.84 -12.35
C GLN I 57 -30.84 15.72 -12.76
N GLU I 58 -30.31 14.51 -12.93
CA GLU I 58 -31.12 13.37 -13.32
C GLU I 58 -32.14 13.00 -12.26
N MET I 59 -31.71 12.97 -11.00
CA MET I 59 -32.67 12.82 -9.90
C MET I 59 -33.50 14.07 -9.67
N GLY I 60 -32.94 15.24 -9.90
CA GLY I 60 -33.60 16.47 -9.54
C GLY I 60 -33.39 16.91 -8.11
N VAL I 61 -32.62 16.17 -7.32
CA VAL I 61 -32.34 16.53 -5.95
C VAL I 61 -30.87 16.91 -5.83
N SER I 62 -30.57 17.70 -4.81
CA SER I 62 -29.23 18.24 -4.64
C SER I 62 -28.27 17.17 -4.13
N ILE I 63 -26.98 17.37 -4.43
CA ILE I 63 -25.91 16.53 -3.92
C ILE I 63 -24.87 17.44 -3.30
N LYS I 64 -24.55 17.19 -2.03
CA LYS I 64 -23.51 17.95 -1.35
C LYS I 64 -22.16 17.38 -1.77
N SER I 65 -21.43 18.13 -2.57
CA SER I 65 -20.12 17.71 -3.06
C SER I 65 -19.11 17.85 -1.94
N THR I 66 -18.72 16.73 -1.35
CA THR I 66 -17.78 16.71 -0.24
C THR I 66 -16.61 15.79 -0.56
N SER I 67 -15.53 15.96 0.19
CA SER I 67 -14.31 15.20 -0.02
C SER I 67 -13.71 14.83 1.33
N GLY I 68 -12.52 14.22 1.28
CA GLY I 68 -11.81 13.79 2.46
C GLY I 68 -11.40 14.90 3.41
N PRO I 69 -10.64 15.88 2.92
CA PRO I 69 -10.37 17.06 3.75
C PRO I 69 -11.61 17.84 4.13
N VAL I 70 -12.65 17.78 3.29
CA VAL I 70 -13.93 18.40 3.64
C VAL I 70 -14.56 17.67 4.83
N LEU I 71 -14.39 16.35 4.90
CA LEU I 71 -14.99 15.53 5.95
C LEU I 71 -13.91 14.83 6.76
N GLU I 72 -12.86 15.56 7.14
CA GLU I 72 -11.79 14.99 7.93
C GLU I 72 -12.24 14.64 9.35
N ARG I 73 -13.29 15.29 9.84
CA ARG I 73 -13.86 15.02 11.15
C ARG I 73 -15.22 14.36 10.99
N PRO I 74 -15.63 13.50 11.92
CA PRO I 74 -17.01 12.99 11.87
C PRO I 74 -18.06 14.05 12.13
N GLY I 75 -17.69 15.17 12.77
CA GLY I 75 -18.67 16.14 13.22
C GLY I 75 -19.36 16.87 12.08
N ASP I 76 -18.58 17.37 11.12
CA ASP I 76 -19.18 18.17 10.06
C ASP I 76 -19.95 17.31 9.07
N LEU I 77 -19.49 16.08 8.83
CA LEU I 77 -20.27 15.18 7.98
C LEU I 77 -21.55 14.73 8.67
N ALA I 78 -21.51 14.54 9.99
CA ALA I 78 -22.73 14.27 10.73
C ALA I 78 -23.67 15.47 10.68
N ALA I 79 -23.11 16.68 10.72
CA ALA I 79 -23.90 17.90 10.57
C ALA I 79 -24.58 17.96 9.20
N LEU I 80 -23.84 17.61 8.16
CA LEU I 80 -24.41 17.58 6.81
C LEU I 80 -25.48 16.49 6.70
N LEU I 81 -25.25 15.35 7.35
CA LEU I 81 -26.24 14.28 7.38
C LEU I 81 -27.52 14.72 8.07
N THR I 82 -27.39 15.48 9.16
CA THR I 82 -28.57 16.06 9.78
C THR I 82 -29.25 17.06 8.86
N ASN I 83 -28.45 17.81 8.10
CA ASN I 83 -29.02 18.71 7.10
C ASN I 83 -29.53 17.97 5.88
N LEU I 84 -29.15 16.71 5.70
CA LEU I 84 -29.69 15.92 4.61
C LEU I 84 -31.17 15.60 4.87
N GLU I 85 -31.89 15.32 3.78
CA GLU I 85 -33.30 15.02 3.87
C GLU I 85 -33.61 13.69 3.19
N ALA I 86 -34.90 13.38 3.04
CA ALA I 86 -35.31 12.13 2.41
C ALA I 86 -35.05 12.17 0.91
N GLY I 87 -34.45 11.10 0.39
CA GLY I 87 -34.18 11.03 -1.03
C GLY I 87 -33.07 11.92 -1.53
N ASP I 88 -32.19 12.38 -0.65
CA ASP I 88 -31.10 13.25 -1.02
C ASP I 88 -29.92 12.41 -1.52
N VAL I 89 -28.74 13.03 -1.61
CA VAL I 89 -27.50 12.32 -1.90
C VAL I 89 -26.35 13.15 -1.37
N LEU I 90 -25.19 12.52 -1.21
CA LEU I 90 -24.02 13.18 -0.67
C LEU I 90 -22.78 12.63 -1.37
N PHE I 91 -22.14 13.46 -2.18
CA PHE I 91 -20.90 13.06 -2.84
C PHE I 91 -19.77 13.09 -1.84
N VAL I 92 -19.03 11.99 -1.75
CA VAL I 92 -17.88 11.88 -0.85
C VAL I 92 -16.66 11.52 -1.69
N ASP I 93 -15.53 12.15 -1.38
CA ASP I 93 -14.26 11.87 -2.05
C ASP I 93 -13.18 11.65 -1.00
N GLU I 94 -12.10 10.99 -1.43
CA GLU I 94 -10.94 10.69 -0.58
C GLU I 94 -11.35 9.91 0.66
N ILE I 95 -12.22 8.92 0.46
CA ILE I 95 -12.67 8.08 1.55
C ILE I 95 -11.50 7.26 2.11
N HIS I 96 -10.60 6.85 1.22
CA HIS I 96 -9.36 6.20 1.66
C HIS I 96 -8.53 7.15 2.51
N ARG I 97 -8.52 8.43 2.15
CA ARG I 97 -7.82 9.42 2.96
C ARG I 97 -8.53 9.70 4.27
N LEU I 98 -9.83 9.40 4.35
CA LEU I 98 -10.60 9.71 5.54
C LEU I 98 -10.23 8.79 6.69
N SER I 99 -10.46 9.27 7.91
CA SER I 99 -10.13 8.51 9.11
C SER I 99 -11.08 7.33 9.29
N PRO I 100 -10.62 6.26 9.92
CA PRO I 100 -11.54 5.14 10.23
C PRO I 100 -12.68 5.51 11.18
N ILE I 101 -12.51 6.56 11.99
CA ILE I 101 -13.61 7.02 12.84
C ILE I 101 -14.76 7.53 11.97
N VAL I 102 -14.42 8.16 10.84
CA VAL I 102 -15.43 8.57 9.87
C VAL I 102 -16.13 7.34 9.29
N GLU I 103 -15.36 6.27 9.04
CA GLU I 103 -15.91 5.04 8.48
C GLU I 103 -16.89 4.38 9.43
N GLU I 104 -16.54 4.32 10.72
CA GLU I 104 -17.47 3.72 11.68
C GLU I 104 -18.67 4.63 11.92
N VAL I 105 -18.50 5.95 11.78
CA VAL I 105 -19.63 6.85 11.89
C VAL I 105 -20.58 6.66 10.72
N LEU I 106 -20.05 6.41 9.53
CA LEU I 106 -20.92 6.22 8.38
C LEU I 106 -21.43 4.80 8.26
N TYR I 107 -20.92 3.86 9.05
CA TYR I 107 -21.51 2.51 9.05
C TYR I 107 -23.01 2.47 9.32
N PRO I 108 -23.56 3.07 10.38
CA PRO I 108 -25.02 3.07 10.50
C PRO I 108 -25.69 4.05 9.56
N ALA I 109 -24.93 5.04 9.05
CA ALA I 109 -25.51 6.04 8.16
C ALA I 109 -25.97 5.43 6.85
N MET I 110 -25.20 4.48 6.32
CA MET I 110 -25.67 3.74 5.16
C MET I 110 -26.29 2.40 5.54
N GLU I 111 -26.08 1.94 6.76
CA GLU I 111 -26.77 0.75 7.26
C GLU I 111 -28.18 1.16 7.63
N ASP I 112 -29.04 1.19 6.61
CA ASP I 112 -30.48 1.48 6.72
C ASP I 112 -30.75 2.86 7.33
N PHE I 113 -29.80 3.79 7.14
CA PHE I 113 -29.94 5.20 7.52
C PHE I 113 -30.21 5.37 9.02
N GLN I 114 -29.22 4.98 9.82
CA GLN I 114 -29.31 5.19 11.26
C GLN I 114 -28.05 5.87 11.77
N LEU I 115 -27.91 5.97 13.10
CA LEU I 115 -26.70 6.54 13.69
C LEU I 115 -26.61 6.08 15.14
N ASP I 116 -25.46 5.56 15.52
CA ASP I 116 -25.19 5.12 16.88
C ASP I 116 -24.01 5.90 17.45
N ILE I 117 -24.15 6.35 18.69
CA ILE I 117 -23.11 7.13 19.34
C ILE I 117 -23.19 6.86 20.84
N MET I 118 -22.04 6.89 21.50
CA MET I 118 -21.97 6.62 22.93
C MET I 118 -21.97 7.94 23.70
N ILE I 119 -21.97 7.83 25.02
CA ILE I 119 -21.88 9.02 25.88
C ILE I 119 -20.43 9.42 26.03
N ALA I 124 -20.60 3.52 33.53
CA ALA I 124 -20.72 4.92 33.16
C ALA I 124 -20.99 5.07 31.66
N ALA I 125 -20.78 3.99 30.93
CA ALA I 125 -21.01 4.00 29.49
C ALA I 125 -22.50 4.02 29.19
N ARG I 126 -22.88 4.81 28.19
CA ARG I 126 -24.28 4.92 27.76
C ARG I 126 -24.33 4.90 26.24
N SER I 127 -25.49 4.48 25.73
CA SER I 127 -25.71 4.35 24.30
C SER I 127 -26.77 5.32 23.85
N ILE I 128 -26.50 6.03 22.75
CA ILE I 128 -27.46 6.96 22.14
C ILE I 128 -27.65 6.54 20.69
N LYS I 129 -28.89 6.24 20.32
CA LYS I 129 -29.22 5.82 18.97
C LYS I 129 -29.94 6.96 18.25
N LEU I 130 -29.51 7.21 17.02
CA LEU I 130 -30.10 8.25 16.19
C LEU I 130 -30.51 7.65 14.84
N ASP I 131 -31.48 8.28 14.21
CA ASP I 131 -31.92 7.88 12.88
C ASP I 131 -31.41 8.88 11.85
N LEU I 132 -31.39 8.43 10.60
CA LEU I 132 -30.95 9.27 9.49
C LEU I 132 -31.99 9.25 8.39
N PRO I 133 -32.14 10.34 7.64
CA PRO I 133 -33.06 10.33 6.51
C PRO I 133 -32.52 9.44 5.39
N PRO I 134 -33.41 8.82 4.60
CA PRO I 134 -32.94 7.98 3.49
C PRO I 134 -32.39 8.83 2.36
N PHE I 135 -31.26 8.39 1.81
CA PHE I 135 -30.64 9.10 0.70
C PHE I 135 -29.79 8.11 -0.08
N THR I 136 -29.13 8.61 -1.12
CA THR I 136 -28.22 7.82 -1.94
C THR I 136 -26.80 8.21 -1.57
N LEU I 137 -26.13 7.36 -0.81
CA LEU I 137 -24.75 7.65 -0.44
C LEU I 137 -23.84 7.46 -1.64
N VAL I 138 -23.00 8.45 -1.91
CA VAL I 138 -22.15 8.47 -3.08
C VAL I 138 -20.71 8.33 -2.63
N GLY I 139 -20.04 7.28 -3.10
CA GLY I 139 -18.64 7.09 -2.81
C GLY I 139 -17.81 7.07 -4.08
N ALA I 140 -16.97 8.09 -4.26
CA ALA I 140 -16.13 8.19 -5.44
C ALA I 140 -14.69 8.47 -5.00
N THR I 141 -13.78 7.63 -5.47
CA THR I 141 -12.35 7.81 -5.25
C THR I 141 -11.62 7.65 -6.57
N THR I 142 -10.36 8.11 -6.60
CA THR I 142 -9.52 7.86 -7.76
C THR I 142 -9.25 6.36 -7.93
N ARG I 143 -8.96 5.68 -6.82
CA ARG I 143 -8.80 4.24 -6.81
C ARG I 143 -9.65 3.67 -5.69
N ALA I 144 -10.57 2.79 -6.04
CA ALA I 144 -11.46 2.20 -5.03
C ALA I 144 -10.82 1.06 -4.27
N GLY I 145 -9.61 0.65 -4.65
CA GLY I 145 -8.99 -0.51 -4.03
C GLY I 145 -8.52 -0.28 -2.61
N MET I 146 -8.32 0.97 -2.20
CA MET I 146 -7.90 1.22 -0.83
C MET I 146 -9.04 1.06 0.17
N LEU I 147 -10.29 1.01 -0.30
CA LEU I 147 -11.43 0.89 0.59
C LEU I 147 -11.41 -0.47 1.30
N THR I 148 -11.84 -0.46 2.56
CA THR I 148 -11.91 -1.70 3.32
C THR I 148 -12.94 -2.63 2.71
N ASN I 149 -12.62 -3.92 2.72
CA ASN I 149 -13.50 -4.95 2.17
C ASN I 149 -14.89 -4.98 2.80
N PRO I 150 -15.07 -4.91 4.14
CA PRO I 150 -16.44 -4.91 4.66
C PRO I 150 -17.27 -3.72 4.23
N LEU I 151 -16.67 -2.55 4.07
CA LEU I 151 -17.45 -1.38 3.69
C LEU I 151 -17.87 -1.45 2.23
N ARG I 152 -16.97 -1.85 1.34
CA ARG I 152 -17.34 -1.98 -0.06
C ARG I 152 -18.29 -3.15 -0.27
N ASP I 153 -18.18 -4.19 0.54
CA ASP I 153 -19.12 -5.30 0.48
C ASP I 153 -20.49 -4.85 0.95
N ARG I 154 -20.53 -4.02 2.00
CA ARG I 154 -21.78 -3.44 2.45
C ARG I 154 -22.31 -2.42 1.44
N PHE I 155 -21.44 -1.85 0.63
CA PHE I 155 -21.86 -0.98 -0.46
C PHE I 155 -22.52 -1.79 -1.57
N GLY I 156 -23.27 -1.07 -2.41
CA GLY I 156 -24.04 -1.71 -3.46
C GLY I 156 -23.41 -1.62 -4.83
N ILE I 157 -23.89 -0.68 -5.64
CA ILE I 157 -23.44 -0.58 -7.03
C ILE I 157 -21.99 -0.14 -7.08
N VAL I 158 -21.26 -0.65 -8.07
CA VAL I 158 -19.90 -0.23 -8.35
C VAL I 158 -19.84 0.17 -9.82
N GLN I 159 -19.26 1.34 -10.09
CA GLN I 159 -19.12 1.81 -11.47
C GLN I 159 -17.66 2.14 -11.73
N ARG I 160 -17.08 1.48 -12.73
CA ARG I 160 -15.72 1.75 -13.17
C ARG I 160 -15.74 2.90 -14.17
N LEU I 161 -14.73 3.75 -14.08
CA LEU I 161 -14.55 4.84 -15.03
C LEU I 161 -13.25 4.60 -15.80
N GLU I 162 -13.23 5.02 -17.06
CA GLU I 162 -12.06 4.82 -17.90
C GLU I 162 -12.15 5.82 -19.05
N PHE I 163 -11.02 6.01 -19.72
CA PHE I 163 -11.04 6.75 -20.96
C PHE I 163 -11.81 5.97 -22.02
N TYR I 164 -12.28 6.70 -23.03
CA TYR I 164 -13.28 6.16 -23.93
C TYR I 164 -12.68 5.14 -24.89
N ASN I 165 -13.55 4.43 -25.59
CA ASN I 165 -13.13 3.60 -26.69
C ASN I 165 -12.61 4.47 -27.82
N VAL I 166 -11.78 3.88 -28.69
CA VAL I 166 -11.13 4.65 -29.75
C VAL I 166 -12.17 5.23 -30.70
N GLU I 167 -13.19 4.45 -31.04
CA GLU I 167 -14.34 4.99 -31.75
C GLU I 167 -15.07 6.04 -30.91
N ASP I 168 -15.26 5.75 -29.63
CA ASP I 168 -15.88 6.72 -28.73
C ASP I 168 -15.01 7.96 -28.56
N LEU I 169 -13.69 7.77 -28.50
CA LEU I 169 -12.79 8.90 -28.42
C LEU I 169 -12.89 9.77 -29.66
N ALA I 170 -12.94 9.15 -30.84
CA ALA I 170 -13.08 9.91 -32.08
C ALA I 170 -14.42 10.64 -32.14
N THR I 171 -15.48 9.98 -31.64
CA THR I 171 -16.79 10.62 -31.59
C THR I 171 -16.78 11.83 -30.67
N ILE I 172 -16.12 11.72 -29.52
CA ILE I 172 -16.05 12.83 -28.57
C ILE I 172 -15.18 13.96 -29.14
N VAL I 173 -14.11 13.60 -29.86
CA VAL I 173 -13.30 14.60 -30.55
C VAL I 173 -14.13 15.33 -31.60
N SER I 174 -14.93 14.59 -32.35
CA SER I 174 -15.80 15.22 -33.35
C SER I 174 -16.83 16.13 -32.70
N ARG I 175 -17.39 15.70 -31.57
CA ARG I 175 -18.36 16.53 -30.85
C ARG I 175 -17.71 17.80 -30.32
N SER I 176 -16.49 17.69 -29.79
CA SER I 176 -15.80 18.86 -29.26
C SER I 176 -15.37 19.80 -30.37
N ALA I 177 -14.97 19.25 -31.52
CA ALA I 177 -14.61 20.08 -32.66
C ALA I 177 -15.83 20.81 -33.20
N GLY I 178 -16.99 20.15 -33.18
CA GLY I 178 -18.23 20.85 -33.49
C GLY I 178 -18.55 21.91 -32.46
N ILE I 179 -18.25 21.64 -31.20
CA ILE I 179 -18.33 22.65 -30.16
C ILE I 179 -17.31 23.75 -30.42
N LEU I 180 -16.09 23.37 -30.74
CA LEU I 180 -15.05 24.34 -31.04
C LEU I 180 -15.19 24.97 -32.42
N GLY I 181 -16.09 24.47 -33.25
CA GLY I 181 -16.28 25.03 -34.58
C GLY I 181 -15.21 24.66 -35.57
N LEU I 182 -14.50 23.55 -35.35
CA LEU I 182 -13.44 23.12 -36.26
C LEU I 182 -14.03 22.28 -37.38
N GLU I 183 -13.49 22.47 -38.59
CA GLU I 183 -13.92 21.72 -39.76
C GLU I 183 -13.12 20.42 -39.85
N ILE I 184 -13.38 19.55 -38.87
CA ILE I 184 -12.58 18.35 -38.70
C ILE I 184 -12.96 17.32 -39.76
N GLU I 185 -12.04 16.38 -39.99
CA GLU I 185 -12.14 15.16 -40.79
C GLU I 185 -12.26 13.96 -39.87
N PRO I 186 -13.14 13.01 -40.22
CA PRO I 186 -13.21 11.76 -39.43
C PRO I 186 -11.90 10.99 -39.39
N GLN I 187 -11.12 11.06 -40.46
CA GLN I 187 -9.77 10.49 -40.42
C GLN I 187 -8.90 11.23 -39.42
N GLY I 188 -9.00 12.56 -39.38
CA GLY I 188 -8.28 13.32 -38.37
C GLY I 188 -8.78 13.04 -36.96
N ALA I 189 -10.10 12.85 -36.83
CA ALA I 189 -10.66 12.51 -35.52
C ALA I 189 -10.16 11.15 -35.05
N ALA I 190 -10.07 10.19 -35.96
CA ALA I 190 -9.50 8.89 -35.62
C ALA I 190 -8.03 9.00 -35.30
N GLU I 191 -7.32 9.90 -35.98
CA GLU I 191 -5.92 10.18 -35.66
C GLU I 191 -5.78 10.68 -34.22
N ILE I 192 -6.63 11.62 -33.84
CA ILE I 192 -6.60 12.17 -32.49
C ILE I 192 -6.99 11.11 -31.48
N ALA I 193 -7.97 10.26 -31.84
CA ALA I 193 -8.37 9.17 -30.95
C ALA I 193 -7.26 8.14 -30.78
N LYS I 194 -6.42 7.98 -31.81
CA LYS I 194 -5.23 7.15 -31.66
C LYS I 194 -4.22 7.82 -30.74
N ARG I 195 -4.08 9.15 -30.84
CA ARG I 195 -3.20 9.89 -29.96
C ARG I 195 -3.89 10.38 -28.70
N ALA I 196 -4.96 9.71 -28.26
CA ALA I 196 -5.82 10.29 -27.24
C ALA I 196 -5.21 10.26 -25.84
N ARG I 197 -4.12 9.51 -25.65
CA ARG I 197 -3.31 9.46 -24.43
C ARG I 197 -4.08 8.86 -23.24
N GLY I 198 -5.33 8.46 -23.42
CA GLY I 198 -6.16 8.09 -22.30
C GLY I 198 -6.68 9.26 -21.50
N THR I 199 -6.48 10.48 -21.97
CA THR I 199 -6.79 11.70 -21.21
C THR I 199 -7.63 12.64 -22.05
N PRO I 200 -8.94 12.73 -21.79
CA PRO I 200 -9.78 13.65 -22.58
C PRO I 200 -9.40 15.11 -22.43
N ARG I 201 -8.88 15.52 -21.27
CA ARG I 201 -8.46 16.91 -21.10
C ARG I 201 -7.26 17.22 -21.98
N ILE I 202 -6.24 16.37 -21.93
CA ILE I 202 -5.08 16.57 -22.77
C ILE I 202 -5.44 16.33 -24.23
N ALA I 203 -6.41 15.46 -24.50
CA ALA I 203 -6.91 15.29 -25.86
C ALA I 203 -7.51 16.60 -26.37
N ASN I 204 -8.33 17.25 -25.55
CA ASN I 204 -8.93 18.53 -25.95
C ASN I 204 -7.86 19.60 -26.10
N ARG I 205 -6.79 19.53 -25.30
CA ARG I 205 -5.64 20.39 -25.51
C ARG I 205 -5.03 20.15 -26.89
N LEU I 206 -4.94 18.89 -27.29
CA LEU I 206 -4.43 18.56 -28.61
C LEU I 206 -5.35 19.11 -29.70
N LEU I 207 -6.67 19.01 -29.51
CA LEU I 207 -7.61 19.64 -30.44
C LEU I 207 -7.38 21.14 -30.53
N ARG I 208 -7.13 21.79 -29.39
CA ARG I 208 -6.84 23.22 -29.42
C ARG I 208 -5.58 23.52 -30.21
N ARG I 209 -4.52 22.74 -29.98
CA ARG I 209 -3.25 23.01 -30.64
C ARG I 209 -3.33 22.73 -32.13
N VAL I 210 -4.06 21.69 -32.53
CA VAL I 210 -4.19 21.43 -33.96
C VAL I 210 -5.18 22.40 -34.58
N ARG I 211 -6.10 22.97 -33.80
CA ARG I 211 -6.92 24.06 -34.29
C ARG I 211 -6.06 25.28 -34.58
N ASP I 212 -5.08 25.54 -33.70
CA ASP I 212 -4.11 26.59 -33.95
C ASP I 212 -3.30 26.29 -35.20
N PHE I 213 -2.90 25.04 -35.38
CA PHE I 213 -2.15 24.63 -36.56
C PHE I 213 -2.96 24.85 -37.84
N ALA I 214 -4.21 24.39 -37.85
CA ALA I 214 -5.07 24.54 -39.02
C ALA I 214 -5.41 25.99 -39.27
N GLU I 215 -5.36 26.83 -38.22
CA GLU I 215 -5.50 28.26 -38.45
C GLU I 215 -4.25 28.82 -39.11
N VAL I 216 -3.06 28.39 -38.67
CA VAL I 216 -1.83 29.06 -39.09
C VAL I 216 -1.15 28.31 -40.24
N ARG I 217 -1.36 27.00 -40.35
CA ARG I 217 -0.72 26.25 -41.41
C ARG I 217 -1.72 25.82 -42.49
N GLY I 218 -2.84 25.25 -42.07
CA GLY I 218 -3.95 25.08 -42.98
C GLY I 218 -4.65 26.39 -43.24
N GLN I 219 -5.62 26.34 -44.15
CA GLN I 219 -6.45 27.51 -44.42
C GLN I 219 -7.73 27.46 -43.60
N GLY I 220 -7.59 27.28 -42.29
CA GLY I 220 -8.73 27.02 -41.43
C GLY I 220 -9.41 25.71 -41.73
N ASP I 221 -8.64 24.70 -42.15
CA ASP I 221 -9.20 23.43 -42.59
C ASP I 221 -8.48 22.28 -41.91
N ILE I 222 -9.23 21.23 -41.59
CA ILE I 222 -8.71 20.06 -40.89
C ILE I 222 -8.99 18.83 -41.74
N THR I 223 -7.93 18.15 -42.17
CA THR I 223 -8.01 16.91 -42.92
C THR I 223 -7.13 15.88 -42.24
N ARG I 224 -7.00 14.72 -42.87
CA ARG I 224 -6.05 13.74 -42.35
C ARG I 224 -4.62 14.19 -42.57
N VAL I 225 -4.33 14.79 -43.72
CA VAL I 225 -2.97 15.23 -44.00
C VAL I 225 -2.60 16.44 -43.14
N ILE I 226 -3.57 17.30 -42.85
CA ILE I 226 -3.33 18.41 -41.92
C ILE I 226 -3.05 17.86 -40.52
N ALA I 227 -3.81 16.84 -40.11
CA ALA I 227 -3.57 16.19 -38.83
C ALA I 227 -2.20 15.53 -38.79
N ASP I 228 -1.78 14.95 -39.91
CA ASP I 228 -0.47 14.31 -39.98
C ASP I 228 0.64 15.35 -39.94
N LYS I 229 0.41 16.51 -40.56
CA LYS I 229 1.39 17.60 -40.46
C LYS I 229 1.53 18.08 -39.03
N ALA I 230 0.40 18.27 -38.35
CA ALA I 230 0.44 18.70 -36.96
C ALA I 230 1.12 17.65 -36.09
N LEU I 231 0.69 16.40 -36.19
CA LEU I 231 1.35 15.31 -35.50
C LEU I 231 2.39 14.65 -36.40
N ASN I 232 3.23 15.46 -37.02
CA ASN I 232 4.58 15.04 -37.35
C ASN I 232 5.51 16.16 -36.89
N LEU I 233 4.96 17.38 -36.87
CA LEU I 233 5.72 18.49 -36.31
C LEU I 233 5.81 18.42 -34.78
N LEU I 234 5.03 17.56 -34.15
CA LEU I 234 5.03 17.38 -32.72
C LEU I 234 5.50 15.97 -32.37
N ASP I 235 5.58 15.70 -31.07
CA ASP I 235 5.93 14.38 -30.57
C ASP I 235 4.77 13.44 -30.86
N VAL I 236 4.97 12.50 -31.77
CA VAL I 236 3.87 11.70 -32.29
C VAL I 236 4.28 10.23 -32.34
N ASP I 237 3.35 9.38 -31.88
CA ASP I 237 3.29 7.98 -32.27
C ASP I 237 1.88 7.51 -31.95
N GLU I 238 1.35 6.61 -32.78
CA GLU I 238 -0.04 6.20 -32.65
C GLU I 238 -0.30 5.49 -31.32
N ARG I 239 0.74 4.90 -30.73
CA ARG I 239 0.62 4.44 -29.36
C ARG I 239 0.57 5.62 -28.39
N GLY I 240 1.35 6.67 -28.68
CA GLY I 240 1.43 7.80 -27.78
C GLY I 240 2.86 8.15 -27.39
N PHE I 241 3.84 7.70 -28.17
CA PHE I 241 5.23 7.97 -27.81
C PHE I 241 5.56 9.42 -28.10
N ASP I 242 6.56 9.92 -27.38
CA ASP I 242 7.13 11.24 -27.59
C ASP I 242 8.59 11.09 -27.95
N HIS I 243 9.20 12.21 -28.37
CA HIS I 243 10.65 12.23 -28.46
C HIS I 243 11.29 12.18 -27.09
N LEU I 244 10.56 12.62 -26.05
CA LEU I 244 10.88 12.23 -24.70
C LEU I 244 10.90 10.71 -24.59
N ASP I 245 9.82 10.09 -25.03
CA ASP I 245 9.69 8.64 -24.90
C ASP I 245 10.65 7.93 -25.84
N ARG I 246 10.84 8.47 -27.03
CA ARG I 246 11.80 7.89 -27.97
C ARG I 246 13.22 7.99 -27.42
N ARG I 247 13.55 9.10 -26.78
CA ARG I 247 14.86 9.25 -26.14
C ARG I 247 15.02 8.27 -25.00
N LEU I 248 13.97 8.08 -24.20
CA LEU I 248 14.00 7.10 -23.12
C LEU I 248 14.22 5.70 -23.66
N LEU I 249 13.52 5.37 -24.75
CA LEU I 249 13.66 4.08 -25.38
C LEU I 249 15.07 3.88 -25.92
N LEU I 250 15.62 4.90 -26.57
CA LEU I 250 16.96 4.81 -27.15
C LEU I 250 18.00 4.62 -26.07
N THR I 251 17.87 5.35 -24.97
CA THR I 251 18.82 5.20 -23.87
C THR I 251 18.68 3.84 -23.21
N MET I 252 17.44 3.39 -23.01
CA MET I 252 17.18 2.14 -22.32
C MET I 252 17.72 0.95 -23.11
N ILE I 253 17.52 0.98 -24.43
CA ILE I 253 18.09 -0.05 -25.28
C ILE I 253 19.54 0.23 -25.63
N ASP I 254 20.08 1.36 -25.21
CA ASP I 254 21.42 1.78 -25.58
C ASP I 254 22.40 1.73 -24.41
N LYS I 255 22.00 2.24 -23.25
CA LYS I 255 22.94 2.28 -22.12
C LYS I 255 23.18 0.89 -21.56
N PHE I 256 22.13 0.25 -21.06
CA PHE I 256 22.26 -1.10 -20.51
C PHE I 256 21.72 -2.16 -21.45
N ASP I 257 21.22 -1.76 -22.62
CA ASP I 257 20.90 -2.67 -23.72
C ASP I 257 19.83 -3.69 -23.32
N GLY I 258 18.68 -3.18 -22.91
CA GLY I 258 17.56 -4.05 -22.55
C GLY I 258 17.76 -4.86 -21.29
N GLY I 259 18.33 -4.26 -20.24
CA GLY I 259 18.45 -4.93 -18.96
C GLY I 259 17.96 -4.05 -17.83
N PRO I 260 17.93 -4.60 -16.61
CA PRO I 260 17.52 -3.81 -15.44
C PRO I 260 18.48 -2.66 -15.18
N VAL I 261 17.92 -1.52 -14.78
CA VAL I 261 18.64 -0.26 -14.78
C VAL I 261 18.60 0.38 -13.40
N GLY I 262 19.62 1.19 -13.12
CA GLY I 262 19.70 1.94 -11.89
C GLY I 262 19.12 3.32 -12.09
N ILE I 263 18.14 3.67 -11.25
CA ILE I 263 17.35 4.88 -11.46
C ILE I 263 18.21 6.12 -11.29
N ASP I 264 19.17 6.08 -10.37
CA ASP I 264 20.11 7.18 -10.22
C ASP I 264 20.96 7.35 -11.46
N ASN I 265 21.41 6.24 -12.05
CA ASN I 265 22.17 6.30 -13.29
C ASN I 265 21.30 6.82 -14.43
N LEU I 266 20.01 6.46 -14.42
CA LEU I 266 19.08 6.95 -15.41
C LEU I 266 18.93 8.47 -15.32
N ALA I 267 18.78 8.99 -14.10
CA ALA I 267 18.62 10.43 -13.93
C ALA I 267 19.91 11.17 -14.30
N ALA I 268 21.06 10.59 -13.96
CA ALA I 268 22.32 11.24 -14.26
C ALA I 268 22.61 11.26 -15.76
N ALA I 269 22.36 10.15 -16.44
CA ALA I 269 22.65 10.08 -17.87
C ALA I 269 21.61 10.83 -18.69
N LEU I 270 20.33 10.71 -18.32
CA LEU I 270 19.26 11.25 -19.13
C LEU I 270 19.14 12.77 -18.99
N SER I 271 19.62 13.32 -17.87
CA SER I 271 19.49 14.73 -17.49
C SER I 271 18.03 15.18 -17.38
N GLU I 272 17.15 14.33 -16.88
CA GLU I 272 15.87 14.77 -16.34
C GLU I 272 15.67 14.12 -14.98
N GLU I 273 14.83 14.76 -14.17
CA GLU I 273 14.47 14.18 -12.89
C GLU I 273 13.72 12.87 -13.10
N ARG I 274 14.14 11.84 -12.37
CA ARG I 274 13.50 10.54 -12.50
C ARG I 274 12.06 10.60 -12.01
N HIS I 275 11.78 11.46 -11.02
CA HIS I 275 10.42 11.62 -10.53
C HIS I 275 9.50 12.14 -11.61
N THR I 276 9.99 13.10 -12.41
CA THR I 276 9.21 13.61 -13.52
C THR I 276 8.89 12.53 -14.53
N ILE I 277 9.87 11.66 -14.82
CA ILE I 277 9.66 10.59 -15.78
C ILE I 277 8.63 9.60 -15.26
N GLU I 278 8.80 9.13 -14.01
CA GLU I 278 7.88 8.14 -13.46
C GLU I 278 6.52 8.74 -13.12
N ASP I 279 6.38 10.06 -13.11
CA ASP I 279 5.09 10.66 -12.90
C ASP I 279 4.37 11.02 -14.18
N VAL I 280 5.10 11.25 -15.26
CA VAL I 280 4.53 11.71 -16.52
C VAL I 280 4.63 10.64 -17.59
N LEU I 281 5.84 10.28 -17.99
CA LEU I 281 6.02 9.49 -19.20
C LEU I 281 5.94 8.00 -18.93
N GLU I 282 6.56 7.56 -17.84
CA GLU I 282 6.45 6.15 -17.46
C GLU I 282 5.04 5.66 -17.20
N PRO I 283 4.17 6.34 -16.41
CA PRO I 283 2.89 5.69 -16.06
C PRO I 283 1.97 5.41 -17.24
N TYR I 284 2.01 6.21 -18.29
CA TYR I 284 1.17 5.95 -19.46
C TYR I 284 1.61 4.69 -20.20
N LEU I 285 2.92 4.53 -20.38
CA LEU I 285 3.43 3.34 -21.04
C LEU I 285 3.41 2.12 -20.14
N ILE I 286 3.41 2.32 -18.82
CA ILE I 286 3.10 1.24 -17.90
C ILE I 286 1.64 0.83 -18.07
N GLN I 287 0.75 1.80 -18.24
CA GLN I 287 -0.62 1.50 -18.62
C GLN I 287 -0.66 0.85 -19.99
N GLN I 288 0.21 1.29 -20.90
CA GLN I 288 0.40 0.56 -22.14
C GLN I 288 1.15 -0.75 -21.91
N GLY I 289 1.84 -0.88 -20.79
CA GLY I 289 2.50 -2.12 -20.46
C GLY I 289 3.77 -2.40 -21.22
N TYR I 290 4.33 -1.40 -21.90
CA TYR I 290 5.47 -1.66 -22.78
C TYR I 290 6.77 -1.84 -22.00
N ILE I 291 6.74 -1.63 -20.69
CA ILE I 291 7.87 -1.83 -19.80
C ILE I 291 7.44 -2.86 -18.78
N MET I 292 8.40 -3.54 -18.14
CA MET I 292 8.11 -4.17 -16.86
C MET I 292 9.04 -3.60 -15.80
N ARG I 293 8.47 -3.35 -14.63
CA ARG I 293 9.12 -2.66 -13.54
C ARG I 293 9.59 -3.68 -12.51
N THR I 294 10.90 -3.76 -12.32
CA THR I 294 11.43 -4.74 -11.38
C THR I 294 12.05 -4.04 -10.19
N PRO I 295 12.12 -4.71 -9.04
CA PRO I 295 12.85 -4.14 -7.90
C PRO I 295 14.36 -4.09 -8.09
N ARG I 296 14.88 -4.53 -9.23
CA ARG I 296 16.29 -4.42 -9.56
C ARG I 296 16.50 -3.60 -10.83
N GLY I 297 15.41 -3.14 -11.46
CA GLY I 297 15.54 -2.26 -12.60
C GLY I 297 14.49 -2.47 -13.68
N ARG I 298 13.90 -1.38 -14.15
CA ARG I 298 12.82 -1.47 -15.12
C ARG I 298 13.36 -1.85 -16.49
N VAL I 299 12.69 -2.80 -17.14
CA VAL I 299 13.07 -3.25 -18.47
C VAL I 299 11.86 -3.09 -19.38
N VAL I 300 12.08 -2.62 -20.61
CA VAL I 300 10.99 -2.56 -21.57
C VAL I 300 10.59 -3.96 -22.01
N THR I 301 9.36 -4.08 -22.49
CA THR I 301 8.85 -5.36 -22.96
C THR I 301 9.15 -5.53 -24.44
N ARG I 302 8.54 -6.57 -25.04
CA ARG I 302 8.81 -6.94 -26.42
C ARG I 302 8.31 -5.91 -27.42
N HIS I 303 7.44 -4.97 -27.00
CA HIS I 303 6.98 -3.94 -27.91
C HIS I 303 8.11 -3.04 -28.37
N ALA I 304 9.04 -2.72 -27.46
CA ALA I 304 10.20 -1.93 -27.84
C ALA I 304 11.14 -2.73 -28.74
N TYR I 305 11.24 -4.04 -28.50
CA TYR I 305 12.13 -4.88 -29.29
C TYR I 305 11.61 -5.00 -30.73
N LEU I 306 10.30 -5.23 -30.88
CA LEU I 306 9.71 -5.25 -32.21
C LEU I 306 9.65 -3.86 -32.81
N HIS I 307 9.63 -2.83 -31.97
CA HIS I 307 9.61 -1.46 -32.44
C HIS I 307 10.90 -1.09 -33.16
N PHE I 308 11.99 -1.80 -32.88
CA PHE I 308 13.26 -1.50 -33.52
C PHE I 308 14.01 -2.76 -33.94
N GLY I 309 13.30 -3.89 -34.08
CA GLY I 309 13.89 -5.11 -34.58
C GLY I 309 14.95 -5.72 -33.70
N LEU I 310 14.66 -5.85 -32.41
CA LEU I 310 15.66 -6.25 -31.43
C LEU I 310 15.36 -7.65 -30.89
N ASN I 311 16.42 -8.32 -30.46
CA ASN I 311 16.34 -9.72 -30.05
C ASN I 311 15.89 -9.85 -28.59
N ILE I 312 15.67 -11.08 -28.16
CA ILE I 312 15.18 -11.36 -26.81
C ILE I 312 16.14 -12.33 -26.13
N PRO I 313 16.68 -11.99 -24.94
CA PRO I 313 17.56 -12.89 -24.19
C PRO I 313 16.78 -14.05 -23.57
N VAL J 1 -26.79 20.59 33.09
CA VAL J 1 -27.28 20.15 31.79
C VAL J 1 -28.25 18.99 31.96
N SER J 2 -29.21 18.88 31.04
CA SER J 2 -30.14 17.76 31.08
C SER J 2 -29.48 16.51 30.51
N SER J 3 -30.19 15.38 30.66
CA SER J 3 -29.67 14.11 30.18
C SER J 3 -29.53 14.10 28.66
N ALA J 4 -30.53 14.63 27.95
CA ALA J 4 -30.44 14.75 26.50
C ALA J 4 -29.35 15.72 26.10
N GLU J 5 -29.23 16.84 26.83
CA GLU J 5 -28.18 17.82 26.55
C GLU J 5 -26.79 17.25 26.80
N ALA J 6 -26.61 16.51 27.90
CA ALA J 6 -25.32 15.92 28.20
C ALA J 6 -24.96 14.82 27.19
N ASP J 7 -25.94 14.00 26.82
CA ASP J 7 -25.70 12.97 25.81
C ASP J 7 -25.36 13.58 24.47
N ALA J 8 -26.03 14.67 24.10
CA ALA J 8 -25.75 15.35 22.85
C ALA J 8 -24.36 16.00 22.86
N VAL J 9 -23.97 16.59 23.99
CA VAL J 9 -22.66 17.20 24.12
C VAL J 9 -21.57 16.15 24.01
N SER J 10 -21.77 15.00 24.68
CA SER J 10 -20.80 13.90 24.58
C SER J 10 -20.76 13.32 23.18
N ALA J 11 -21.91 13.25 22.51
CA ALA J 11 -21.97 12.74 21.14
C ALA J 11 -21.21 13.66 20.19
N LEU J 12 -21.38 14.97 20.32
CA LEU J 12 -20.68 15.89 19.44
C LEU J 12 -19.19 15.98 19.79
N ILE J 13 -18.84 15.74 21.06
CA ILE J 13 -17.43 15.63 21.43
C ILE J 13 -16.80 14.42 20.75
N ALA J 14 -17.50 13.28 20.77
CA ALA J 14 -17.03 12.10 20.07
C ALA J 14 -17.02 12.29 18.55
N LEU J 15 -17.88 13.17 18.04
CA LEU J 15 -17.89 13.48 16.62
C LEU J 15 -16.73 14.37 16.19
N GLY J 16 -16.00 14.96 17.13
CA GLY J 16 -14.90 15.83 16.82
C GLY J 16 -15.15 17.29 17.08
N PHE J 17 -16.36 17.68 17.44
CA PHE J 17 -16.66 19.07 17.74
C PHE J 17 -16.07 19.47 19.09
N LYS J 18 -15.72 20.75 19.21
CA LYS J 18 -15.26 21.28 20.48
C LYS J 18 -16.40 21.28 21.49
N PRO J 19 -16.10 20.99 22.77
CA PRO J 19 -17.18 20.92 23.78
C PRO J 19 -17.94 22.23 23.97
N GLN J 20 -17.25 23.37 23.83
CA GLN J 20 -17.91 24.65 24.00
C GLN J 20 -18.92 24.92 22.88
N GLU J 21 -18.50 24.72 21.63
CA GLU J 21 -19.41 24.92 20.51
C GLU J 21 -20.50 23.86 20.49
N ALA J 22 -20.18 22.64 20.95
CA ALA J 22 -21.20 21.60 21.06
C ALA J 22 -22.26 21.97 22.08
N SER J 23 -21.83 22.46 23.24
CA SER J 23 -22.78 22.88 24.27
C SER J 23 -23.61 24.07 23.81
N ARG J 24 -22.98 25.01 23.10
CA ARG J 24 -23.71 26.17 22.60
C ARG J 24 -24.76 25.77 21.57
N ALA J 25 -24.40 24.89 20.64
CA ALA J 25 -25.34 24.44 19.62
C ALA J 25 -26.46 23.61 20.24
N VAL J 26 -26.14 22.82 21.26
CA VAL J 26 -27.14 21.97 21.91
C VAL J 26 -28.11 22.82 22.73
N ALA J 27 -27.62 23.82 23.43
CA ALA J 27 -28.48 24.65 24.27
C ALA J 27 -29.11 25.82 23.52
N ALA J 28 -28.74 26.06 22.27
CA ALA J 28 -29.23 27.23 21.56
C ALA J 28 -30.63 27.02 20.98
N VAL J 29 -30.76 26.09 20.04
CA VAL J 29 -31.99 25.95 19.26
C VAL J 29 -33.14 25.26 20.01
N PRO J 30 -33.03 24.01 20.49
CA PRO J 30 -34.24 23.29 20.89
C PRO J 30 -34.74 23.70 22.26
N GLY J 31 -35.76 22.99 22.72
CA GLY J 31 -36.40 23.24 24.00
C GLY J 31 -35.75 22.48 25.14
N GLU J 32 -36.53 22.22 26.18
CA GLU J 32 -36.05 21.62 27.42
C GLU J 32 -36.56 20.18 27.52
N ASP J 33 -35.64 19.24 27.69
CA ASP J 33 -35.92 17.82 27.90
C ASP J 33 -36.75 17.24 26.75
N LEU J 34 -36.35 17.54 25.52
CA LEU J 34 -36.99 17.01 24.35
C LEU J 34 -36.29 15.72 23.91
N SER J 35 -36.76 15.15 22.80
CA SER J 35 -36.17 13.90 22.31
C SER J 35 -34.77 14.13 21.79
N SER J 36 -33.86 13.23 22.17
CA SER J 36 -32.42 13.46 21.95
C SER J 36 -32.06 13.48 20.47
N GLU J 37 -32.71 12.63 19.66
CA GLU J 37 -32.38 12.55 18.25
C GLU J 37 -32.69 13.86 17.52
N GLU J 38 -33.86 14.44 17.78
CA GLU J 38 -34.24 15.64 17.03
C GLU J 38 -33.47 16.87 17.51
N MET J 39 -33.11 16.93 18.79
CA MET J 39 -32.35 18.10 19.22
C MET J 39 -30.89 17.97 18.86
N ILE J 40 -30.38 16.73 18.73
CA ILE J 40 -29.09 16.52 18.10
C ILE J 40 -29.13 16.95 16.63
N ARG J 41 -30.23 16.62 15.94
CA ARG J 41 -30.43 17.05 14.56
C ARG J 41 -30.39 18.57 14.44
N GLN J 42 -31.11 19.26 15.33
CA GLN J 42 -31.17 20.71 15.30
C GLN J 42 -29.82 21.34 15.69
N ALA J 43 -29.11 20.72 16.64
CA ALA J 43 -27.80 21.23 17.03
C ALA J 43 -26.78 21.06 15.91
N LEU J 44 -26.90 19.99 15.14
CA LEU J 44 -26.01 19.79 14.00
C LEU J 44 -26.54 20.41 12.72
N LYS J 45 -27.68 21.10 12.78
CA LYS J 45 -28.14 21.86 11.62
C LYS J 45 -27.26 23.07 11.32
N GLY J 46 -26.43 23.51 12.28
CA GLY J 46 -25.65 24.71 12.08
C GLY J 46 -24.50 24.51 11.10
N MET J 47 -24.21 25.55 10.34
CA MET J 47 -23.13 25.55 9.36
C MET J 47 -22.40 26.89 9.39
N VAL J 48 -21.19 26.89 8.83
CA VAL J 48 -20.37 28.10 8.76
C VAL J 48 -20.18 28.53 7.31
#